data_2CSZ
#
_entry.id   2CSZ
#
loop_
_entity.id
_entity.type
_entity.pdbx_description
1 polymer 'Synaptotagmin-like protein 4'
2 non-polymer 'ZINC ION'
#
_entity_poly.entity_id   1
_entity_poly.type   'polypeptide(L)'
_entity_poly.pdbx_seq_one_letter_code
;GSSGSSGLLEIKRKGAKRGSQHYSDRTCARCQESLGRLSPKTNTCRGCNHLVCRDCRIQESNGTWRCKVCSGPSSG
;
_entity_poly.pdbx_strand_id   A
#
# COMPACT_ATOMS: atom_id res chain seq x y z
N GLY A 1 38.46 16.13 -41.53
CA GLY A 1 38.26 15.18 -40.44
C GLY A 1 37.29 15.70 -39.40
N SER A 2 36.83 14.80 -38.53
CA SER A 2 35.89 15.17 -37.49
C SER A 2 35.62 14.00 -36.55
N SER A 3 35.18 14.30 -35.33
CA SER A 3 34.90 13.27 -34.34
C SER A 3 34.11 13.85 -33.18
N GLY A 4 33.57 12.96 -32.33
CA GLY A 4 32.81 13.41 -31.19
C GLY A 4 32.26 12.25 -30.38
N SER A 5 32.30 12.38 -29.05
CA SER A 5 31.81 11.33 -28.16
C SER A 5 31.22 11.93 -26.89
N SER A 6 30.43 11.14 -26.17
CA SER A 6 29.80 11.60 -24.95
C SER A 6 29.36 10.40 -24.09
N GLY A 7 28.83 10.70 -22.90
CA GLY A 7 28.38 9.64 -22.01
C GLY A 7 28.57 10.01 -20.55
N LEU A 8 27.58 9.66 -19.74
CA LEU A 8 27.63 9.95 -18.30
C LEU A 8 26.51 9.23 -17.56
N LEU A 9 26.75 8.95 -16.28
CA LEU A 9 25.75 8.26 -15.45
C LEU A 9 25.55 9.01 -14.14
N GLU A 10 24.42 8.73 -13.50
CA GLU A 10 24.08 9.38 -12.22
C GLU A 10 23.56 8.35 -11.22
N ILE A 11 24.34 8.10 -10.17
CA ILE A 11 23.96 7.15 -9.14
C ILE A 11 23.33 7.85 -7.94
N LYS A 12 22.21 7.32 -7.46
CA LYS A 12 21.52 7.90 -6.32
C LYS A 12 20.77 6.82 -5.54
N ARG A 13 21.24 6.53 -4.33
CA ARG A 13 20.62 5.52 -3.48
C ARG A 13 20.23 6.11 -2.13
N LYS A 14 19.53 5.32 -1.32
CA LYS A 14 19.10 5.75 0.00
C LYS A 14 20.15 6.65 0.64
N GLY A 15 21.41 6.22 0.60
CA GLY A 15 22.48 6.99 1.18
C GLY A 15 23.02 6.36 2.44
N ALA A 16 22.16 6.20 3.44
CA ALA A 16 22.56 5.62 4.71
C ALA A 16 23.15 4.22 4.51
N LYS A 17 24.20 3.90 5.26
CA LYS A 17 24.84 2.60 5.16
C LYS A 17 23.85 1.48 5.39
N ARG A 18 24.23 0.26 5.02
CA ARG A 18 23.37 -0.90 5.19
C ARG A 18 23.04 -1.13 6.67
N GLY A 19 21.94 -0.52 7.12
CA GLY A 19 21.55 -0.68 8.51
C GLY A 19 20.36 0.20 8.87
N SER A 20 19.18 -0.19 8.40
CA SER A 20 17.96 0.56 8.67
C SER A 20 17.03 -0.21 9.61
N GLN A 21 17.05 0.17 10.89
CA GLN A 21 16.21 -0.48 11.89
C GLN A 21 14.77 -0.03 11.77
N HIS A 22 13.86 -1.00 11.64
CA HIS A 22 12.44 -0.70 11.52
C HIS A 22 12.14 0.00 10.19
N TYR A 23 12.67 -0.55 9.11
CA TYR A 23 12.46 0.01 7.79
C TYR A 23 11.13 -0.46 7.19
N SER A 24 10.11 -0.56 8.04
CA SER A 24 8.79 -0.99 7.59
C SER A 24 7.69 -0.26 8.35
N ASP A 25 6.65 0.14 7.64
CA ASP A 25 5.54 0.85 8.24
C ASP A 25 4.22 0.16 7.91
N ARG A 26 3.18 0.47 8.69
CA ARG A 26 1.87 -0.12 8.48
C ARG A 26 0.80 0.97 8.30
N THR A 27 0.46 1.26 7.05
CA THR A 27 -0.53 2.28 6.74
C THR A 27 -1.58 1.74 5.77
N CYS A 28 -2.84 2.12 5.99
CA CYS A 28 -3.93 1.69 5.13
C CYS A 28 -3.51 1.74 3.66
N ALA A 29 -4.24 0.99 2.83
CA ALA A 29 -3.95 0.95 1.40
C ALA A 29 -4.98 1.73 0.60
N ARG A 30 -5.96 2.29 1.30
CA ARG A 30 -7.01 3.07 0.67
C ARG A 30 -7.02 4.51 1.18
N CYS A 31 -6.58 4.69 2.41
CA CYS A 31 -6.53 6.02 3.03
C CYS A 31 -5.14 6.30 3.59
N GLN A 32 -4.29 5.29 3.60
CA GLN A 32 -2.93 5.44 4.11
C GLN A 32 -2.94 6.09 5.49
N GLU A 33 -3.76 5.55 6.38
CA GLU A 33 -3.86 6.08 7.74
C GLU A 33 -2.86 5.38 8.66
N SER A 34 -2.73 5.91 9.88
CA SER A 34 -1.81 5.34 10.86
C SER A 34 -2.43 4.13 11.54
N LEU A 35 -2.09 2.94 11.05
CA LEU A 35 -2.60 1.70 11.61
C LEU A 35 -1.71 1.20 12.74
N GLY A 36 -1.12 2.14 13.47
CA GLY A 36 -0.24 1.78 14.58
C GLY A 36 -0.96 0.93 15.62
N ARG A 37 -1.90 1.55 16.33
CA ARG A 37 -2.65 0.85 17.36
C ARG A 37 -3.33 -0.40 16.80
N LEU A 38 -3.93 -0.26 15.63
CA LEU A 38 -4.61 -1.38 14.98
C LEU A 38 -3.64 -2.50 14.66
N SER A 39 -4.17 -3.65 14.27
CA SER A 39 -3.34 -4.80 13.93
C SER A 39 -3.36 -5.08 12.43
N PRO A 40 -2.22 -4.88 11.77
CA PRO A 40 -2.09 -5.10 10.32
C PRO A 40 -2.17 -6.57 9.95
N LYS A 41 -1.69 -7.44 10.84
CA LYS A 41 -1.71 -8.88 10.62
C LYS A 41 -3.14 -9.36 10.38
N THR A 42 -4.08 -8.85 11.16
CA THR A 42 -5.47 -9.23 11.03
C THR A 42 -6.23 -8.28 10.10
N ASN A 43 -5.73 -7.06 10.00
CA ASN A 43 -6.35 -6.05 9.15
C ASN A 43 -5.91 -6.21 7.69
N THR A 44 -5.79 -7.46 7.26
CA THR A 44 -5.38 -7.75 5.90
C THR A 44 -6.56 -8.18 5.03
N CYS A 45 -6.77 -7.49 3.93
CA CYS A 45 -7.87 -7.79 3.02
C CYS A 45 -7.64 -9.14 2.34
N ARG A 46 -8.48 -10.11 2.67
CA ARG A 46 -8.37 -11.45 2.09
C ARG A 46 -8.46 -11.39 0.57
N GLY A 47 -9.03 -10.29 0.06
CA GLY A 47 -9.16 -10.12 -1.38
C GLY A 47 -7.84 -9.86 -2.07
N CYS A 48 -7.24 -8.71 -1.75
CA CYS A 48 -5.96 -8.34 -2.35
C CYS A 48 -4.83 -8.45 -1.33
N ASN A 49 -5.07 -9.24 -0.28
CA ASN A 49 -4.07 -9.43 0.77
C ASN A 49 -3.32 -8.13 1.05
N HIS A 50 -4.04 -7.02 1.05
CA HIS A 50 -3.45 -5.71 1.31
C HIS A 50 -3.67 -5.29 2.76
N LEU A 51 -3.25 -4.07 3.08
CA LEU A 51 -3.40 -3.55 4.43
C LEU A 51 -4.38 -2.38 4.47
N VAL A 52 -5.50 -2.57 5.16
CA VAL A 52 -6.52 -1.53 5.26
C VAL A 52 -7.06 -1.44 6.68
N CYS A 53 -7.73 -0.34 6.99
CA CYS A 53 -8.31 -0.13 8.31
C CYS A 53 -9.73 -0.68 8.38
N ARG A 54 -10.34 -0.58 9.56
CA ARG A 54 -11.69 -1.08 9.76
C ARG A 54 -12.72 -0.10 9.21
N ASP A 55 -12.25 0.86 8.42
CA ASP A 55 -13.14 1.85 7.82
C ASP A 55 -13.15 1.74 6.30
N CYS A 56 -12.08 1.18 5.74
CA CYS A 56 -11.97 1.01 4.31
C CYS A 56 -12.27 -0.42 3.90
N ARG A 57 -12.97 -1.14 4.77
CA ARG A 57 -13.33 -2.53 4.51
C ARG A 57 -14.83 -2.75 4.69
N ILE A 58 -15.31 -3.90 4.23
CA ILE A 58 -16.73 -4.24 4.34
C ILE A 58 -16.92 -5.62 4.96
N GLN A 59 -17.85 -5.70 5.92
CA GLN A 59 -18.13 -6.97 6.59
C GLN A 59 -18.90 -7.91 5.67
N GLU A 60 -18.42 -9.14 5.54
CA GLU A 60 -19.06 -10.13 4.70
C GLU A 60 -19.38 -11.40 5.49
N SER A 61 -20.01 -12.36 4.82
CA SER A 61 -20.36 -13.62 5.46
C SER A 61 -19.12 -14.48 5.71
N ASN A 62 -19.34 -15.70 6.20
CA ASN A 62 -18.24 -16.61 6.47
C ASN A 62 -17.12 -15.91 7.24
N GLY A 63 -17.49 -14.86 7.97
CA GLY A 63 -16.51 -14.12 8.73
C GLY A 63 -15.39 -13.57 7.88
N THR A 64 -15.75 -13.09 6.69
CA THR A 64 -14.77 -12.54 5.76
C THR A 64 -15.03 -11.06 5.50
N TRP A 65 -14.00 -10.33 5.09
CA TRP A 65 -14.13 -8.91 4.81
C TRP A 65 -13.14 -8.48 3.73
N ARG A 66 -13.53 -7.48 2.94
CA ARG A 66 -12.68 -6.98 1.87
C ARG A 66 -12.66 -5.45 1.86
N CYS A 67 -11.67 -4.88 1.18
CA CYS A 67 -11.54 -3.43 1.10
C CYS A 67 -12.62 -2.84 0.19
N LYS A 68 -12.96 -1.58 0.43
CA LYS A 68 -13.97 -0.90 -0.36
C LYS A 68 -13.78 -1.18 -1.85
N VAL A 69 -12.54 -1.08 -2.31
CA VAL A 69 -12.23 -1.33 -3.72
C VAL A 69 -12.58 -2.75 -4.11
N CYS A 70 -12.47 -3.67 -3.16
CA CYS A 70 -12.78 -5.08 -3.40
C CYS A 70 -14.27 -5.35 -3.20
N SER A 71 -14.72 -5.21 -1.97
CA SER A 71 -16.13 -5.45 -1.65
C SER A 71 -17.03 -4.46 -2.38
N GLY A 72 -16.56 -3.22 -2.51
CA GLY A 72 -17.34 -2.20 -3.20
C GLY A 72 -17.47 -2.48 -4.69
N PRO A 73 -17.72 -1.41 -5.47
CA PRO A 73 -17.86 -1.52 -6.92
C PRO A 73 -16.55 -1.86 -7.62
N SER A 74 -16.63 -2.22 -8.89
CA SER A 74 -15.46 -2.57 -9.67
C SER A 74 -14.59 -1.35 -9.92
N SER A 75 -13.28 -1.57 -10.08
CA SER A 75 -12.34 -0.48 -10.32
C SER A 75 -11.25 -0.92 -11.29
N GLY A 76 -11.03 -0.12 -12.33
CA GLY A 76 -10.00 -0.44 -13.31
C GLY A 76 -8.60 -0.33 -12.73
N GLY A 1 14.80 10.42 -53.04
CA GLY A 1 13.94 9.94 -51.98
C GLY A 1 14.16 10.69 -50.67
N SER A 2 13.07 10.91 -49.94
CA SER A 2 13.13 11.63 -48.67
C SER A 2 12.10 11.10 -47.69
N SER A 3 12.38 11.24 -46.41
CA SER A 3 11.48 10.78 -45.36
C SER A 3 11.91 11.28 -43.99
N GLY A 4 11.04 11.10 -43.00
CA GLY A 4 11.35 11.54 -41.65
C GLY A 4 11.04 10.49 -40.60
N SER A 5 11.54 10.69 -39.39
CA SER A 5 11.31 9.75 -38.30
C SER A 5 11.57 10.41 -36.95
N SER A 6 10.81 9.99 -35.94
CA SER A 6 10.95 10.54 -34.61
C SER A 6 10.21 9.68 -33.58
N GLY A 7 10.56 9.84 -32.31
CA GLY A 7 9.92 9.09 -31.26
C GLY A 7 10.36 9.52 -29.87
N LEU A 8 9.41 9.65 -28.97
CA LEU A 8 9.71 10.06 -27.60
C LEU A 8 9.29 8.98 -26.59
N LEU A 9 9.67 9.17 -25.34
CA LEU A 9 9.34 8.22 -24.28
C LEU A 9 8.69 8.92 -23.10
N GLU A 10 8.18 8.13 -22.16
CA GLU A 10 7.53 8.68 -20.97
C GLU A 10 7.97 7.92 -19.72
N ILE A 11 8.30 8.66 -18.67
CA ILE A 11 8.74 8.05 -17.42
C ILE A 11 7.71 8.30 -16.31
N LYS A 12 7.35 7.24 -15.61
CA LYS A 12 6.38 7.35 -14.52
C LYS A 12 6.73 6.38 -13.38
N ARG A 13 6.69 6.88 -12.16
CA ARG A 13 7.00 6.07 -10.99
C ARG A 13 6.73 6.83 -9.70
N LYS A 14 6.79 6.13 -8.57
CA LYS A 14 6.55 6.74 -7.27
C LYS A 14 7.40 8.00 -7.11
N GLY A 15 6.75 9.10 -6.74
CA GLY A 15 7.47 10.36 -6.55
C GLY A 15 8.05 10.48 -5.16
N ALA A 16 9.34 10.79 -5.08
CA ALA A 16 10.02 10.94 -3.80
C ALA A 16 9.47 12.14 -3.03
N LYS A 17 9.80 12.22 -1.74
CA LYS A 17 9.35 13.31 -0.90
C LYS A 17 10.36 13.60 0.20
N ARG A 18 10.33 14.82 0.73
CA ARG A 18 11.24 15.23 1.80
C ARG A 18 11.17 14.24 2.96
N GLY A 19 12.34 13.87 3.48
CA GLY A 19 12.39 12.93 4.58
C GLY A 19 12.42 11.49 4.12
N SER A 20 11.27 10.83 4.17
CA SER A 20 11.16 9.43 3.76
C SER A 20 12.39 8.65 4.20
N GLN A 21 12.83 8.88 5.43
CA GLN A 21 13.99 8.20 5.97
C GLN A 21 13.89 6.69 5.77
N HIS A 22 12.78 6.12 6.22
CA HIS A 22 12.55 4.68 6.09
C HIS A 22 11.41 4.40 5.10
N TYR A 23 11.14 3.12 4.86
CA TYR A 23 10.09 2.72 3.94
C TYR A 23 9.07 1.83 4.64
N SER A 24 9.56 0.83 5.37
CA SER A 24 8.69 -0.10 6.08
C SER A 24 7.76 0.65 7.03
N ASP A 25 6.45 0.51 6.80
CA ASP A 25 5.46 1.18 7.64
C ASP A 25 4.11 0.49 7.51
N ARG A 26 3.28 0.63 8.55
CA ARG A 26 1.96 0.02 8.56
C ARG A 26 0.88 1.07 8.37
N THR A 27 0.50 1.32 7.12
CA THR A 27 -0.53 2.29 6.80
C THR A 27 -1.58 1.72 5.87
N CYS A 28 -2.81 2.20 6.00
CA CYS A 28 -3.91 1.72 5.16
C CYS A 28 -3.55 1.81 3.68
N ALA A 29 -4.19 0.98 2.88
CA ALA A 29 -3.94 0.96 1.43
C ALA A 29 -5.02 1.71 0.68
N ARG A 30 -5.92 2.36 1.42
CA ARG A 30 -7.01 3.11 0.81
C ARG A 30 -7.01 4.55 1.32
N CYS A 31 -6.71 4.73 2.59
CA CYS A 31 -6.67 6.07 3.20
C CYS A 31 -5.28 6.39 3.70
N GLN A 32 -4.37 5.42 3.62
CA GLN A 32 -3.00 5.61 4.06
C GLN A 32 -2.96 6.22 5.46
N GLU A 33 -3.90 5.82 6.31
CA GLU A 33 -3.98 6.33 7.66
C GLU A 33 -2.94 5.66 8.56
N SER A 34 -2.80 6.15 9.79
CA SER A 34 -1.85 5.60 10.74
C SER A 34 -2.44 4.40 11.47
N LEU A 35 -2.08 3.20 11.01
CA LEU A 35 -2.57 1.97 11.62
C LEU A 35 -1.73 1.59 12.84
N GLY A 36 -1.24 2.59 13.55
CA GLY A 36 -0.42 2.34 14.72
C GLY A 36 -1.03 1.29 15.64
N ARG A 37 -1.99 1.71 16.45
CA ARG A 37 -2.66 0.80 17.38
C ARG A 37 -3.17 -0.44 16.65
N LEU A 38 -4.01 -0.22 15.65
CA LEU A 38 -4.58 -1.31 14.87
C LEU A 38 -3.49 -2.28 14.41
N SER A 39 -3.86 -3.55 14.30
CA SER A 39 -2.92 -4.58 13.88
C SER A 39 -3.02 -4.83 12.38
N PRO A 40 -1.88 -4.68 11.68
CA PRO A 40 -1.81 -4.88 10.23
C PRO A 40 -1.97 -6.34 9.84
N LYS A 41 -1.65 -7.24 10.76
CA LYS A 41 -1.76 -8.67 10.52
C LYS A 41 -3.19 -9.05 10.16
N THR A 42 -4.07 -9.01 11.16
CA THR A 42 -5.47 -9.35 10.94
C THR A 42 -6.15 -8.35 10.00
N ASN A 43 -5.60 -7.15 9.94
CA ASN A 43 -6.15 -6.10 9.08
C ASN A 43 -5.63 -6.24 7.65
N THR A 44 -5.62 -7.48 7.16
CA THR A 44 -5.15 -7.74 5.80
C THR A 44 -6.28 -8.23 4.91
N CYS A 45 -6.64 -7.42 3.92
CA CYS A 45 -7.71 -7.77 3.00
C CYS A 45 -7.43 -9.11 2.32
N ARG A 46 -8.24 -10.12 2.65
CA ARG A 46 -8.08 -11.45 2.08
C ARG A 46 -8.23 -11.41 0.56
N GLY A 47 -8.79 -10.31 0.06
CA GLY A 47 -8.99 -10.17 -1.38
C GLY A 47 -7.69 -9.86 -2.11
N CYS A 48 -7.11 -8.71 -1.79
CA CYS A 48 -5.87 -8.29 -2.42
C CYS A 48 -4.70 -8.38 -1.45
N ASN A 49 -4.90 -9.12 -0.36
CA ASN A 49 -3.87 -9.29 0.65
C ASN A 49 -3.17 -7.98 0.94
N HIS A 50 -3.94 -6.90 1.02
CA HIS A 50 -3.40 -5.58 1.29
C HIS A 50 -3.66 -5.16 2.73
N LEU A 51 -3.08 -4.04 3.15
CA LEU A 51 -3.25 -3.54 4.51
C LEU A 51 -4.24 -2.39 4.54
N VAL A 52 -5.36 -2.59 5.21
CA VAL A 52 -6.40 -1.57 5.32
C VAL A 52 -6.95 -1.49 6.73
N CYS A 53 -7.62 -0.38 7.06
CA CYS A 53 -8.20 -0.19 8.38
C CYS A 53 -9.53 -0.92 8.49
N ARG A 54 -10.16 -0.82 9.67
CA ARG A 54 -11.43 -1.48 9.90
C ARG A 54 -12.58 -0.62 9.38
N ASP A 55 -12.25 0.41 8.62
CA ASP A 55 -13.25 1.31 8.05
C ASP A 55 -13.31 1.16 6.54
N CYS A 56 -12.17 0.88 5.93
CA CYS A 56 -12.09 0.71 4.48
C CYS A 56 -12.38 -0.73 4.08
N ARG A 57 -12.86 -1.51 5.04
CA ARG A 57 -13.17 -2.92 4.78
C ARG A 57 -14.66 -3.18 4.95
N ILE A 58 -15.13 -4.30 4.43
CA ILE A 58 -16.54 -4.67 4.53
C ILE A 58 -16.69 -6.10 5.04
N GLN A 59 -17.35 -6.25 6.18
CA GLN A 59 -17.57 -7.56 6.77
C GLN A 59 -18.54 -8.38 5.92
N GLU A 60 -18.12 -9.60 5.57
CA GLU A 60 -18.94 -10.49 4.75
C GLU A 60 -19.74 -11.44 5.63
N SER A 61 -21.04 -11.52 5.38
CA SER A 61 -21.92 -12.40 6.15
C SER A 61 -21.21 -13.70 6.50
N ASN A 62 -20.57 -14.32 5.51
CA ASN A 62 -19.85 -15.56 5.73
C ASN A 62 -18.87 -15.44 6.89
N GLY A 63 -18.12 -14.34 6.91
CA GLY A 63 -17.16 -14.11 7.97
C GLY A 63 -15.96 -13.31 7.51
N THR A 64 -15.51 -13.58 6.29
CA THR A 64 -14.35 -12.88 5.72
C THR A 64 -14.67 -11.40 5.52
N TRP A 65 -13.72 -10.69 4.93
CA TRP A 65 -13.88 -9.25 4.68
C TRP A 65 -12.91 -8.78 3.61
N ARG A 66 -13.27 -7.68 2.94
CA ARG A 66 -12.42 -7.11 1.90
C ARG A 66 -12.48 -5.59 1.91
N CYS A 67 -11.55 -4.96 1.20
CA CYS A 67 -11.50 -3.51 1.13
C CYS A 67 -12.65 -2.96 0.28
N LYS A 68 -12.98 -1.69 0.50
CA LYS A 68 -14.07 -1.05 -0.24
C LYS A 68 -13.91 -1.30 -1.75
N VAL A 69 -12.69 -1.16 -2.23
CA VAL A 69 -12.41 -1.37 -3.65
C VAL A 69 -12.72 -2.80 -4.07
N CYS A 70 -12.50 -3.74 -3.15
CA CYS A 70 -12.75 -5.14 -3.42
C CYS A 70 -14.23 -5.47 -3.24
N SER A 71 -14.70 -5.39 -2.01
CA SER A 71 -16.10 -5.68 -1.69
C SER A 71 -17.03 -4.82 -2.53
N GLY A 72 -16.68 -3.54 -2.67
CA GLY A 72 -17.50 -2.63 -3.44
C GLY A 72 -17.08 -2.58 -4.90
N PRO A 73 -18.08 -2.45 -5.80
CA PRO A 73 -17.83 -2.38 -7.24
C PRO A 73 -17.15 -1.08 -7.65
N SER A 74 -16.88 -0.22 -6.68
CA SER A 74 -16.24 1.07 -6.94
C SER A 74 -15.84 1.75 -5.64
N SER A 75 -14.76 2.53 -5.70
CA SER A 75 -14.27 3.24 -4.52
C SER A 75 -15.39 4.05 -3.87
N GLY A 76 -16.04 4.89 -4.65
CA GLY A 76 -17.12 5.71 -4.13
C GLY A 76 -16.62 6.98 -3.47
N GLY A 1 27.37 25.52 -46.02
CA GLY A 1 27.16 25.71 -44.59
C GLY A 1 26.33 24.62 -43.97
N SER A 2 26.41 24.50 -42.65
CA SER A 2 25.65 23.48 -41.93
C SER A 2 25.82 23.64 -40.43
N SER A 3 25.03 22.89 -39.66
CA SER A 3 25.09 22.95 -38.20
C SER A 3 24.24 21.85 -37.58
N GLY A 4 24.30 21.74 -36.26
CA GLY A 4 23.52 20.74 -35.55
C GLY A 4 24.00 20.52 -34.13
N SER A 5 23.14 19.93 -33.30
CA SER A 5 23.48 19.67 -31.91
C SER A 5 22.39 18.86 -31.23
N SER A 6 22.75 18.21 -30.12
CA SER A 6 21.80 17.39 -29.38
C SER A 6 22.34 17.05 -27.99
N GLY A 7 21.52 16.39 -27.18
CA GLY A 7 21.93 16.02 -25.85
C GLY A 7 20.80 16.11 -24.84
N LEU A 8 20.39 14.97 -24.30
CA LEU A 8 19.31 14.92 -23.33
C LEU A 8 19.62 13.92 -22.22
N LEU A 9 19.68 14.40 -20.98
CA LEU A 9 19.96 13.54 -19.84
C LEU A 9 18.70 13.29 -19.03
N GLU A 10 18.80 12.42 -18.02
CA GLU A 10 17.66 12.10 -17.17
C GLU A 10 18.14 11.59 -15.81
N ILE A 11 17.59 12.16 -14.74
CA ILE A 11 17.96 11.76 -13.39
C ILE A 11 16.74 11.27 -12.62
N LYS A 12 16.88 10.11 -11.98
CA LYS A 12 15.79 9.53 -11.20
C LYS A 12 16.33 8.79 -9.98
N ARG A 13 15.59 8.86 -8.88
CA ARG A 13 15.98 8.20 -7.65
C ARG A 13 14.82 8.12 -6.66
N LYS A 14 15.03 7.40 -5.56
CA LYS A 14 13.99 7.26 -4.54
C LYS A 14 14.30 8.13 -3.33
N GLY A 15 15.37 7.78 -2.60
CA GLY A 15 15.75 8.54 -1.43
C GLY A 15 16.91 7.92 -0.69
N ALA A 16 18.06 8.59 -0.72
CA ALA A 16 19.26 8.10 -0.05
C ALA A 16 19.87 9.17 0.85
N LYS A 17 19.69 9.01 2.16
CA LYS A 17 20.22 9.96 3.13
C LYS A 17 21.49 9.42 3.78
N ARG A 18 21.46 8.15 4.16
CA ARG A 18 22.61 7.52 4.80
C ARG A 18 22.97 6.22 4.09
N GLY A 19 21.97 5.40 3.79
CA GLY A 19 22.20 4.14 3.11
C GLY A 19 20.92 3.37 2.86
N SER A 20 20.71 2.31 3.63
CA SER A 20 19.52 1.48 3.49
C SER A 20 18.26 2.35 3.43
N GLN A 21 17.25 1.87 2.71
CA GLN A 21 16.00 2.60 2.57
C GLN A 21 14.82 1.75 3.06
N HIS A 22 14.94 1.25 4.29
CA HIS A 22 13.88 0.43 4.87
C HIS A 22 12.66 1.27 5.23
N TYR A 23 11.78 1.45 4.26
CA TYR A 23 10.57 2.24 4.47
C TYR A 23 9.40 1.36 4.88
N SER A 24 9.71 0.18 5.43
CA SER A 24 8.69 -0.77 5.85
C SER A 24 7.78 -0.13 6.91
N ASP A 25 6.63 0.35 6.47
CA ASP A 25 5.66 0.97 7.37
C ASP A 25 4.31 0.28 7.28
N ARG A 26 3.42 0.61 8.22
CA ARG A 26 2.09 0.01 8.25
C ARG A 26 1.02 1.09 8.09
N THR A 27 0.57 1.28 6.85
CA THR A 27 -0.45 2.28 6.56
C THR A 27 -1.54 1.72 5.65
N CYS A 28 -2.77 2.17 5.86
CA CYS A 28 -3.90 1.70 5.05
C CYS A 28 -3.54 1.70 3.57
N ALA A 29 -4.33 0.97 2.77
CA ALA A 29 -4.10 0.88 1.34
C ALA A 29 -5.12 1.71 0.57
N ARG A 30 -6.07 2.29 1.30
CA ARG A 30 -7.11 3.11 0.68
C ARG A 30 -7.09 4.52 1.25
N CYS A 31 -6.76 4.65 2.52
CA CYS A 31 -6.70 5.95 3.18
C CYS A 31 -5.28 6.26 3.64
N GLN A 32 -4.39 5.28 3.52
CA GLN A 32 -3.00 5.46 3.93
C GLN A 32 -2.91 6.14 5.29
N GLU A 33 -3.70 5.65 6.25
CA GLU A 33 -3.70 6.22 7.59
C GLU A 33 -2.75 5.46 8.51
N SER A 34 -2.54 5.99 9.71
CA SER A 34 -1.65 5.37 10.68
C SER A 34 -2.35 4.21 11.39
N LEU A 35 -2.04 3.00 10.97
CA LEU A 35 -2.64 1.81 11.57
C LEU A 35 -1.89 1.40 12.83
N GLY A 36 -1.42 2.39 13.58
CA GLY A 36 -0.69 2.12 14.80
C GLY A 36 -1.50 1.29 15.79
N ARG A 37 -2.39 1.98 16.53
CA ARG A 37 -3.22 1.31 17.51
C ARG A 37 -3.83 0.03 16.94
N LEU A 38 -4.23 0.10 15.67
CA LEU A 38 -4.84 -1.05 15.00
C LEU A 38 -3.79 -2.12 14.72
N SER A 39 -4.25 -3.28 14.25
CA SER A 39 -3.36 -4.39 13.94
C SER A 39 -3.38 -4.70 12.45
N PRO A 40 -2.21 -4.62 11.82
CA PRO A 40 -2.06 -4.89 10.39
C PRO A 40 -2.25 -6.37 10.04
N LYS A 41 -1.68 -7.24 10.87
CA LYS A 41 -1.79 -8.67 10.66
C LYS A 41 -3.23 -9.06 10.32
N THR A 42 -4.14 -8.79 11.26
CA THR A 42 -5.55 -9.11 11.06
C THR A 42 -6.20 -8.16 10.07
N ASN A 43 -5.63 -6.96 9.96
CA ASN A 43 -6.17 -5.95 9.04
C ASN A 43 -5.63 -6.16 7.62
N THR A 44 -5.68 -7.41 7.17
CA THR A 44 -5.21 -7.75 5.83
C THR A 44 -6.34 -8.23 4.94
N CYS A 45 -6.62 -7.47 3.89
CA CYS A 45 -7.70 -7.82 2.96
C CYS A 45 -7.41 -9.14 2.26
N ARG A 46 -8.22 -10.15 2.57
CA ARG A 46 -8.05 -11.47 1.97
C ARG A 46 -8.19 -11.41 0.46
N GLY A 47 -8.78 -10.31 -0.03
CA GLY A 47 -8.95 -10.16 -1.47
C GLY A 47 -7.66 -9.82 -2.18
N CYS A 48 -7.09 -8.66 -1.86
CA CYS A 48 -5.85 -8.22 -2.48
C CYS A 48 -4.68 -8.33 -1.50
N ASN A 49 -4.86 -9.15 -0.47
CA ASN A 49 -3.83 -9.35 0.55
C ASN A 49 -3.11 -8.03 0.84
N HIS A 50 -3.88 -6.96 0.94
CA HIS A 50 -3.33 -5.64 1.23
C HIS A 50 -3.56 -5.26 2.69
N LEU A 51 -3.14 -4.05 3.06
CA LEU A 51 -3.30 -3.57 4.42
C LEU A 51 -4.31 -2.42 4.47
N VAL A 52 -5.46 -2.67 5.10
CA VAL A 52 -6.49 -1.65 5.22
C VAL A 52 -7.06 -1.62 6.64
N CYS A 53 -7.40 -0.42 7.10
CA CYS A 53 -7.95 -0.24 8.44
C CYS A 53 -9.30 -0.95 8.57
N ARG A 54 -9.88 -0.90 9.76
CA ARG A 54 -11.16 -1.52 10.02
C ARG A 54 -12.31 -0.64 9.53
N ASP A 55 -11.97 0.38 8.74
CA ASP A 55 -12.97 1.29 8.21
C ASP A 55 -13.06 1.16 6.70
N CYS A 56 -11.95 0.80 6.06
CA CYS A 56 -11.91 0.64 4.61
C CYS A 56 -12.15 -0.82 4.22
N ARG A 57 -12.78 -1.57 5.11
CA ARG A 57 -13.07 -2.98 4.86
C ARG A 57 -14.56 -3.25 5.01
N ILE A 58 -15.00 -4.40 4.49
CA ILE A 58 -16.40 -4.79 4.57
C ILE A 58 -16.56 -6.21 5.10
N GLN A 59 -17.25 -6.34 6.23
CA GLN A 59 -17.47 -7.64 6.84
C GLN A 59 -18.50 -8.45 6.06
N GLU A 60 -18.10 -9.62 5.59
CA GLU A 60 -19.00 -10.48 4.83
C GLU A 60 -19.72 -11.47 5.75
N SER A 61 -21.03 -11.55 5.61
CA SER A 61 -21.84 -12.44 6.42
C SER A 61 -21.11 -13.76 6.67
N ASN A 62 -20.57 -14.33 5.61
CA ASN A 62 -19.84 -15.60 5.71
C ASN A 62 -18.82 -15.55 6.84
N GLY A 63 -17.95 -14.55 6.79
CA GLY A 63 -16.93 -14.40 7.81
C GLY A 63 -15.74 -13.58 7.34
N THR A 64 -15.42 -13.71 6.05
CA THR A 64 -14.29 -12.97 5.48
C THR A 64 -14.62 -11.50 5.32
N TRP A 65 -13.67 -10.73 4.81
CA TRP A 65 -13.86 -9.30 4.60
C TRP A 65 -12.89 -8.78 3.53
N ARG A 66 -13.33 -7.74 2.81
CA ARG A 66 -12.51 -7.16 1.76
C ARG A 66 -12.52 -5.63 1.87
N CYS A 67 -11.58 -4.99 1.17
CA CYS A 67 -11.48 -3.54 1.18
C CYS A 67 -12.62 -2.90 0.39
N LYS A 68 -12.86 -1.61 0.64
CA LYS A 68 -13.91 -0.89 -0.05
C LYS A 68 -13.83 -1.08 -1.56
N VAL A 69 -12.61 -1.00 -2.08
CA VAL A 69 -12.38 -1.17 -3.52
C VAL A 69 -12.75 -2.59 -3.96
N CYS A 70 -12.45 -3.56 -3.12
CA CYS A 70 -12.74 -4.96 -3.42
C CYS A 70 -14.23 -5.24 -3.26
N SER A 71 -14.70 -5.23 -2.02
CA SER A 71 -16.11 -5.49 -1.74
C SER A 71 -17.01 -4.50 -2.47
N GLY A 72 -16.60 -3.23 -2.48
CA GLY A 72 -17.38 -2.20 -3.14
C GLY A 72 -17.75 -2.59 -4.56
N PRO A 73 -18.96 -2.19 -4.98
CA PRO A 73 -19.47 -2.49 -6.33
C PRO A 73 -18.73 -1.72 -7.41
N SER A 74 -18.10 -0.62 -7.01
CA SER A 74 -17.35 0.21 -7.96
C SER A 74 -15.86 -0.12 -7.93
N SER A 75 -15.43 -0.92 -8.89
CA SER A 75 -14.03 -1.33 -8.98
C SER A 75 -13.37 -0.73 -10.22
N GLY A 76 -12.58 0.32 -10.02
CA GLY A 76 -11.90 0.96 -11.14
C GLY A 76 -11.18 -0.03 -12.03
N GLY A 1 38.48 7.89 -40.59
CA GLY A 1 37.38 8.21 -39.71
C GLY A 1 37.71 8.00 -38.25
N SER A 2 36.83 8.46 -37.37
CA SER A 2 37.04 8.32 -35.93
C SER A 2 35.73 8.52 -35.17
N SER A 3 35.77 8.25 -33.86
CA SER A 3 34.58 8.41 -33.02
C SER A 3 34.94 8.23 -31.56
N GLY A 4 33.96 8.46 -30.68
CA GLY A 4 34.20 8.33 -29.26
C GLY A 4 32.91 8.34 -28.45
N SER A 5 33.03 8.33 -27.13
CA SER A 5 31.87 8.34 -26.25
C SER A 5 32.17 9.09 -24.96
N SER A 6 31.16 9.22 -24.11
CA SER A 6 31.31 9.92 -22.85
C SER A 6 30.91 9.02 -21.67
N GLY A 7 29.65 8.62 -21.66
CA GLY A 7 29.16 7.76 -20.59
C GLY A 7 28.28 8.50 -19.60
N LEU A 8 27.31 7.80 -19.03
CA LEU A 8 26.40 8.41 -18.06
C LEU A 8 26.12 7.45 -16.91
N LEU A 9 26.32 7.94 -15.69
CA LEU A 9 26.09 7.12 -14.50
C LEU A 9 24.68 7.35 -13.95
N GLU A 10 24.35 6.62 -12.90
CA GLU A 10 23.03 6.74 -12.28
C GLU A 10 23.12 6.60 -10.76
N ILE A 11 22.46 7.50 -10.05
CA ILE A 11 22.47 7.48 -8.59
C ILE A 11 21.30 6.67 -8.04
N LYS A 12 21.57 5.88 -7.01
CA LYS A 12 20.53 5.06 -6.40
C LYS A 12 20.71 5.00 -4.89
N ARG A 13 19.63 5.27 -4.15
CA ARG A 13 19.68 5.25 -2.70
C ARG A 13 18.38 4.67 -2.13
N LYS A 14 18.36 4.49 -0.81
CA LYS A 14 17.19 3.94 -0.13
C LYS A 14 15.95 4.83 -0.37
N GLY A 15 16.12 6.13 -0.17
CA GLY A 15 15.03 7.06 -0.37
C GLY A 15 15.49 8.49 -0.42
N ALA A 16 14.55 9.43 -0.27
CA ALA A 16 14.87 10.84 -0.30
C ALA A 16 15.98 11.18 0.69
N LYS A 17 16.60 12.34 0.50
CA LYS A 17 17.68 12.78 1.38
C LYS A 17 17.16 13.12 2.77
N ARG A 18 18.08 13.45 3.68
CA ARG A 18 17.70 13.79 5.04
C ARG A 18 16.32 14.44 5.09
N GLY A 19 15.47 13.94 5.98
CA GLY A 19 14.13 14.49 6.10
C GLY A 19 13.05 13.45 5.86
N SER A 20 12.50 13.46 4.64
CA SER A 20 11.45 12.51 4.27
C SER A 20 12.06 11.15 3.92
N GLN A 21 11.63 10.11 4.64
CA GLN A 21 12.12 8.77 4.39
C GLN A 21 10.98 7.79 4.19
N HIS A 22 10.81 7.32 2.96
CA HIS A 22 9.74 6.38 2.64
C HIS A 22 10.19 4.94 2.87
N TYR A 23 10.16 4.52 4.13
CA TYR A 23 10.58 3.17 4.49
C TYR A 23 9.38 2.34 4.94
N SER A 24 9.58 1.02 5.04
CA SER A 24 8.51 0.12 5.46
C SER A 24 7.65 0.76 6.54
N ASP A 25 6.37 0.40 6.56
CA ASP A 25 5.44 0.94 7.54
C ASP A 25 4.08 0.27 7.42
N ARG A 26 3.18 0.57 8.37
CA ARG A 26 1.84 0.00 8.36
C ARG A 26 0.79 1.08 8.14
N THR A 27 0.40 1.28 6.89
CA THR A 27 -0.59 2.29 6.55
C THR A 27 -1.68 1.71 5.66
N CYS A 28 -2.88 2.25 5.78
CA CYS A 28 -4.02 1.78 4.99
C CYS A 28 -3.71 1.89 3.50
N ALA A 29 -4.27 0.97 2.71
CA ALA A 29 -4.06 0.97 1.27
C ALA A 29 -5.19 1.68 0.55
N ARG A 30 -6.03 2.37 1.32
CA ARG A 30 -7.16 3.11 0.76
C ARG A 30 -7.20 4.53 1.30
N CYS A 31 -6.80 4.69 2.55
CA CYS A 31 -6.81 6.00 3.20
C CYS A 31 -5.40 6.38 3.68
N GLN A 32 -4.50 5.39 3.67
CA GLN A 32 -3.13 5.62 4.10
C GLN A 32 -3.09 6.22 5.50
N GLU A 33 -3.86 5.64 6.42
CA GLU A 33 -3.91 6.12 7.79
C GLU A 33 -2.85 5.43 8.65
N SER A 34 -2.71 5.89 9.89
CA SER A 34 -1.73 5.32 10.81
C SER A 34 -2.33 4.14 11.58
N LEU A 35 -2.08 2.94 11.09
CA LEU A 35 -2.59 1.73 11.74
C LEU A 35 -1.69 1.32 12.89
N GLY A 36 -1.18 2.30 13.62
CA GLY A 36 -0.32 2.01 14.75
C GLY A 36 -1.01 1.17 15.82
N ARG A 37 -2.13 1.67 16.32
CA ARG A 37 -2.88 0.96 17.36
C ARG A 37 -3.49 -0.33 16.80
N LEU A 38 -4.18 -0.21 15.67
CA LEU A 38 -4.81 -1.37 15.04
C LEU A 38 -3.77 -2.43 14.68
N SER A 39 -4.25 -3.60 14.29
CA SER A 39 -3.36 -4.70 13.92
C SER A 39 -3.40 -4.96 12.42
N PRO A 40 -2.24 -4.76 11.76
CA PRO A 40 -2.12 -4.97 10.31
C PRO A 40 -2.21 -6.44 9.92
N LYS A 41 -1.68 -7.31 10.78
CA LYS A 41 -1.71 -8.74 10.53
C LYS A 41 -3.13 -9.23 10.26
N THR A 42 -4.05 -8.84 11.12
CA THR A 42 -5.45 -9.23 10.97
C THR A 42 -6.19 -8.30 10.03
N ASN A 43 -5.72 -7.05 9.95
CA ASN A 43 -6.34 -6.06 9.08
C ASN A 43 -5.85 -6.21 7.64
N THR A 44 -5.71 -7.46 7.21
CA THR A 44 -5.26 -7.76 5.85
C THR A 44 -6.41 -8.21 4.97
N CYS A 45 -6.66 -7.48 3.88
CA CYS A 45 -7.73 -7.81 2.95
C CYS A 45 -7.46 -9.14 2.26
N ARG A 46 -8.28 -10.14 2.58
CA ARG A 46 -8.14 -11.46 1.99
C ARG A 46 -8.27 -11.40 0.47
N GLY A 47 -8.84 -10.31 -0.02
CA GLY A 47 -9.01 -10.15 -1.45
C GLY A 47 -7.71 -9.85 -2.17
N CYS A 48 -7.12 -8.69 -1.86
CA CYS A 48 -5.85 -8.29 -2.47
C CYS A 48 -4.71 -8.40 -1.48
N ASN A 49 -4.91 -9.20 -0.44
CA ASN A 49 -3.89 -9.39 0.59
C ASN A 49 -3.16 -8.08 0.89
N HIS A 50 -3.92 -6.99 0.99
CA HIS A 50 -3.35 -5.69 1.28
C HIS A 50 -3.60 -5.29 2.73
N LEU A 51 -3.20 -4.08 3.08
CA LEU A 51 -3.37 -3.57 4.44
C LEU A 51 -4.35 -2.40 4.47
N VAL A 52 -5.46 -2.58 5.17
CA VAL A 52 -6.47 -1.54 5.28
C VAL A 52 -7.05 -1.48 6.69
N CYS A 53 -7.50 -0.30 7.10
CA CYS A 53 -8.08 -0.10 8.41
C CYS A 53 -9.42 -0.81 8.52
N ARG A 54 -10.02 -0.75 9.71
CA ARG A 54 -11.31 -1.39 9.95
C ARG A 54 -12.45 -0.51 9.46
N ASP A 55 -12.11 0.49 8.65
CA ASP A 55 -13.11 1.41 8.09
C ASP A 55 -13.18 1.28 6.57
N CYS A 56 -12.04 1.04 5.95
CA CYS A 56 -11.98 0.89 4.50
C CYS A 56 -12.23 -0.55 4.08
N ARG A 57 -12.82 -1.33 4.98
CA ARG A 57 -13.12 -2.73 4.71
C ARG A 57 -14.60 -3.02 4.90
N ILE A 58 -15.04 -4.19 4.46
CA ILE A 58 -16.43 -4.59 4.58
C ILE A 58 -16.56 -6.00 5.12
N GLN A 59 -17.34 -6.14 6.20
CA GLN A 59 -17.54 -7.45 6.83
C GLN A 59 -18.57 -8.27 6.06
N GLU A 60 -18.09 -9.19 5.23
CA GLU A 60 -18.97 -10.04 4.45
C GLU A 60 -19.77 -10.99 5.33
N SER A 61 -20.92 -11.43 4.84
CA SER A 61 -21.78 -12.33 5.60
C SER A 61 -20.94 -13.34 6.39
N ASN A 62 -20.12 -14.10 5.67
CA ASN A 62 -19.27 -15.10 6.30
C ASN A 62 -18.17 -14.44 7.13
N GLY A 63 -17.26 -15.26 7.68
CA GLY A 63 -16.18 -14.74 8.48
C GLY A 63 -15.06 -14.16 7.64
N THR A 64 -15.42 -13.38 6.63
CA THR A 64 -14.43 -12.77 5.75
C THR A 64 -14.76 -11.31 5.47
N TRP A 65 -13.74 -10.53 5.12
CA TRP A 65 -13.92 -9.10 4.84
C TRP A 65 -12.91 -8.63 3.80
N ARG A 66 -13.32 -7.67 2.98
CA ARG A 66 -12.45 -7.12 1.95
C ARG A 66 -12.49 -5.59 1.96
N CYS A 67 -11.56 -4.99 1.24
CA CYS A 67 -11.49 -3.53 1.16
C CYS A 67 -12.62 -2.97 0.30
N LYS A 68 -13.01 -1.73 0.57
CA LYS A 68 -14.08 -1.08 -0.18
C LYS A 68 -13.91 -1.31 -1.68
N VAL A 69 -12.68 -1.20 -2.15
CA VAL A 69 -12.38 -1.39 -3.57
C VAL A 69 -12.70 -2.82 -4.00
N CYS A 70 -12.45 -3.77 -3.11
CA CYS A 70 -12.70 -5.18 -3.39
C CYS A 70 -14.19 -5.49 -3.28
N SER A 71 -14.73 -5.40 -2.06
CA SER A 71 -16.14 -5.68 -1.83
C SER A 71 -17.02 -4.79 -2.70
N GLY A 72 -16.63 -3.52 -2.81
CA GLY A 72 -17.40 -2.58 -3.61
C GLY A 72 -17.25 -2.82 -5.10
N PRO A 73 -17.31 -1.73 -5.88
CA PRO A 73 -17.17 -1.81 -7.35
C PRO A 73 -15.75 -2.15 -7.78
N SER A 74 -15.64 -2.85 -8.90
CA SER A 74 -14.34 -3.26 -9.43
C SER A 74 -14.12 -2.71 -10.83
N SER A 75 -12.87 -2.49 -11.19
CA SER A 75 -12.52 -1.97 -12.51
C SER A 75 -11.51 -2.87 -13.21
N GLY A 76 -11.78 -3.16 -14.48
CA GLY A 76 -10.88 -4.01 -15.24
C GLY A 76 -9.90 -3.23 -16.08
N GLY A 1 38.41 6.81 -39.47
CA GLY A 1 38.46 7.44 -38.17
C GLY A 1 38.04 6.49 -37.05
N SER A 2 37.80 7.04 -35.87
CA SER A 2 37.40 6.23 -34.72
C SER A 2 37.05 7.11 -33.53
N SER A 3 36.33 6.55 -32.57
CA SER A 3 35.93 7.29 -31.37
C SER A 3 35.48 6.34 -30.27
N GLY A 4 35.16 6.90 -29.11
CA GLY A 4 34.72 6.08 -27.99
C GLY A 4 33.89 6.87 -26.99
N SER A 5 33.70 6.30 -25.81
CA SER A 5 32.93 6.95 -24.76
C SER A 5 33.00 6.17 -23.46
N SER A 6 32.60 6.80 -22.36
CA SER A 6 32.63 6.17 -21.05
C SER A 6 31.78 6.94 -20.05
N GLY A 7 31.57 6.35 -18.87
CA GLY A 7 30.78 7.01 -17.85
C GLY A 7 30.42 6.07 -16.71
N LEU A 8 30.77 6.46 -15.49
CA LEU A 8 30.48 5.65 -14.32
C LEU A 8 29.92 6.50 -13.19
N LEU A 9 28.94 5.96 -12.48
CA LEU A 9 28.30 6.67 -11.38
C LEU A 9 27.60 5.69 -10.44
N GLU A 10 27.34 6.14 -9.21
CA GLU A 10 26.68 5.31 -8.22
C GLU A 10 25.43 6.02 -7.67
N ILE A 11 24.28 5.36 -7.82
CA ILE A 11 23.02 5.92 -7.34
C ILE A 11 22.57 5.23 -6.06
N LYS A 12 21.94 6.00 -5.18
CA LYS A 12 21.44 5.45 -3.92
C LYS A 12 20.13 6.13 -3.51
N ARG A 13 19.04 5.39 -3.59
CA ARG A 13 17.73 5.91 -3.24
C ARG A 13 16.85 4.82 -2.64
N LYS A 14 15.77 5.23 -1.97
CA LYS A 14 14.85 4.28 -1.36
C LYS A 14 13.47 4.36 -2.01
N GLY A 15 12.75 3.25 -1.98
CA GLY A 15 11.42 3.22 -2.58
C GLY A 15 10.64 1.98 -2.18
N ALA A 16 10.03 1.33 -3.17
CA ALA A 16 9.25 0.13 -2.93
C ALA A 16 9.81 -1.06 -3.71
N LYS A 17 10.75 -1.77 -3.10
CA LYS A 17 11.36 -2.93 -3.74
C LYS A 17 10.67 -4.22 -3.32
N ARG A 18 9.37 -4.28 -3.55
CA ARG A 18 8.58 -5.46 -3.20
C ARG A 18 8.77 -5.82 -1.73
N GLY A 19 8.73 -4.81 -0.86
CA GLY A 19 8.90 -5.04 0.56
C GLY A 19 10.35 -4.94 0.99
N SER A 20 10.57 -4.38 2.17
CA SER A 20 11.93 -4.22 2.69
C SER A 20 11.94 -4.38 4.21
N GLN A 21 13.14 -4.53 4.77
CA GLN A 21 13.29 -4.69 6.21
C GLN A 21 13.59 -3.34 6.88
N HIS A 22 14.54 -2.60 6.31
CA HIS A 22 14.91 -1.30 6.85
C HIS A 22 13.68 -0.48 7.21
N TYR A 23 12.82 -0.24 6.23
CA TYR A 23 11.60 0.52 6.45
C TYR A 23 10.37 -0.37 6.39
N SER A 24 9.70 -0.51 7.53
CA SER A 24 8.50 -1.34 7.60
C SER A 24 7.35 -0.59 8.27
N ASP A 25 6.67 0.25 7.48
CA ASP A 25 5.55 1.03 8.00
C ASP A 25 4.23 0.31 7.74
N ARG A 26 3.29 0.47 8.66
CA ARG A 26 1.98 -0.16 8.53
C ARG A 26 0.88 0.89 8.37
N THR A 27 0.53 1.18 7.12
CA THR A 27 -0.49 2.17 6.82
C THR A 27 -1.56 1.59 5.90
N CYS A 28 -2.75 2.17 5.95
CA CYS A 28 -3.86 1.71 5.13
C CYS A 28 -3.50 1.78 3.64
N ALA A 29 -4.21 1.02 2.82
CA ALA A 29 -3.96 0.99 1.39
C ALA A 29 -5.03 1.76 0.63
N ARG A 30 -5.97 2.34 1.37
CA ARG A 30 -7.06 3.11 0.76
C ARG A 30 -7.02 4.56 1.23
N CYS A 31 -6.67 4.76 2.50
CA CYS A 31 -6.60 6.09 3.08
C CYS A 31 -5.18 6.39 3.57
N GLN A 32 -4.34 5.37 3.61
CA GLN A 32 -2.97 5.53 4.06
C GLN A 32 -2.91 6.13 5.46
N GLU A 33 -3.85 5.69 6.31
CA GLU A 33 -3.90 6.20 7.69
C GLU A 33 -2.90 5.46 8.57
N SER A 34 -2.72 5.96 9.79
CA SER A 34 -1.78 5.36 10.73
C SER A 34 -2.44 4.19 11.47
N LEU A 35 -2.09 2.98 11.08
CA LEU A 35 -2.63 1.78 11.72
C LEU A 35 -1.82 1.38 12.94
N GLY A 36 -1.29 2.38 13.64
CA GLY A 36 -0.50 2.12 14.83
C GLY A 36 -1.23 1.26 15.84
N ARG A 37 -2.38 1.76 16.29
CA ARG A 37 -3.19 1.04 17.27
C ARG A 37 -3.80 -0.22 16.66
N LEU A 38 -4.29 -0.10 15.43
CA LEU A 38 -4.90 -1.23 14.74
C LEU A 38 -3.83 -2.24 14.29
N SER A 39 -4.18 -3.52 14.35
CA SER A 39 -3.26 -4.57 13.95
C SER A 39 -3.33 -4.83 12.44
N PRO A 40 -2.18 -4.67 11.76
CA PRO A 40 -2.08 -4.87 10.31
C PRO A 40 -2.23 -6.34 9.93
N LYS A 41 -1.46 -7.20 10.59
CA LYS A 41 -1.50 -8.63 10.32
C LYS A 41 -2.93 -9.10 10.10
N THR A 42 -3.78 -8.86 11.09
CA THR A 42 -5.19 -9.25 11.01
C THR A 42 -5.97 -8.34 10.08
N ASN A 43 -5.48 -7.11 9.91
CA ASN A 43 -6.13 -6.13 9.05
C ASN A 43 -5.64 -6.26 7.61
N THR A 44 -5.61 -7.50 7.12
CA THR A 44 -5.16 -7.77 5.76
C THR A 44 -6.31 -8.25 4.88
N CYS A 45 -6.64 -7.47 3.86
CA CYS A 45 -7.72 -7.82 2.96
C CYS A 45 -7.43 -9.13 2.23
N ARG A 46 -8.21 -10.15 2.53
CA ARG A 46 -8.03 -11.46 1.91
C ARG A 46 -8.16 -11.37 0.39
N GLY A 47 -8.79 -10.29 -0.08
CA GLY A 47 -8.96 -10.10 -1.50
C GLY A 47 -7.66 -9.75 -2.20
N CYS A 48 -7.11 -8.59 -1.88
CA CYS A 48 -5.88 -8.14 -2.49
C CYS A 48 -4.71 -8.24 -1.51
N ASN A 49 -4.88 -9.08 -0.49
CA ASN A 49 -3.86 -9.27 0.52
C ASN A 49 -3.15 -7.94 0.84
N HIS A 50 -3.93 -6.88 0.93
CA HIS A 50 -3.38 -5.56 1.24
C HIS A 50 -3.64 -5.18 2.68
N LEU A 51 -3.12 -4.02 3.09
CA LEU A 51 -3.30 -3.54 4.45
C LEU A 51 -4.29 -2.38 4.50
N VAL A 52 -5.43 -2.59 5.15
CA VAL A 52 -6.44 -1.56 5.27
C VAL A 52 -6.97 -1.47 6.70
N CYS A 53 -7.58 -0.33 7.03
CA CYS A 53 -8.12 -0.11 8.36
C CYS A 53 -9.50 -0.76 8.50
N ARG A 54 -10.05 -0.72 9.71
CA ARG A 54 -11.36 -1.30 9.98
C ARG A 54 -12.47 -0.39 9.46
N ASP A 55 -12.09 0.63 8.69
CA ASP A 55 -13.05 1.57 8.13
C ASP A 55 -13.13 1.44 6.62
N CYS A 56 -12.02 0.99 6.01
CA CYS A 56 -11.96 0.82 4.57
C CYS A 56 -12.20 -0.63 4.18
N ARG A 57 -12.76 -1.40 5.12
CA ARG A 57 -13.05 -2.80 4.87
C ARG A 57 -14.54 -3.10 5.03
N ILE A 58 -14.96 -4.28 4.61
CA ILE A 58 -16.36 -4.67 4.70
C ILE A 58 -16.50 -6.08 5.26
N GLN A 59 -17.33 -6.23 6.28
CA GLN A 59 -17.55 -7.53 6.91
C GLN A 59 -18.56 -8.35 6.11
N GLU A 60 -18.13 -9.54 5.68
CA GLU A 60 -19.00 -10.42 4.90
C GLU A 60 -19.70 -11.43 5.80
N SER A 61 -20.98 -11.68 5.53
CA SER A 61 -21.76 -12.62 6.32
C SER A 61 -20.95 -13.86 6.65
N ASN A 62 -20.45 -14.54 5.62
CA ASN A 62 -19.66 -15.74 5.80
C ASN A 62 -18.64 -15.56 6.91
N GLY A 63 -18.10 -14.35 7.02
CA GLY A 63 -17.11 -14.05 8.04
C GLY A 63 -15.93 -13.27 7.51
N THR A 64 -15.54 -13.55 6.27
CA THR A 64 -14.42 -12.86 5.65
C THR A 64 -14.69 -11.37 5.50
N TRP A 65 -13.73 -10.64 4.97
CA TRP A 65 -13.87 -9.20 4.78
C TRP A 65 -12.90 -8.70 3.71
N ARG A 66 -13.34 -7.71 2.94
CA ARG A 66 -12.52 -7.14 1.88
C ARG A 66 -12.58 -5.62 1.91
N CYS A 67 -11.63 -4.98 1.23
CA CYS A 67 -11.57 -3.53 1.16
C CYS A 67 -12.71 -2.97 0.30
N LYS A 68 -13.03 -1.70 0.50
CA LYS A 68 -14.08 -1.05 -0.25
C LYS A 68 -13.94 -1.34 -1.75
N VAL A 69 -12.73 -1.15 -2.26
CA VAL A 69 -12.45 -1.39 -3.67
C VAL A 69 -12.79 -2.83 -4.06
N CYS A 70 -12.50 -3.76 -3.17
CA CYS A 70 -12.76 -5.17 -3.40
C CYS A 70 -14.25 -5.47 -3.27
N SER A 71 -14.76 -5.41 -2.03
CA SER A 71 -16.15 -5.69 -1.76
C SER A 71 -17.06 -4.81 -2.62
N GLY A 72 -16.71 -3.53 -2.74
CA GLY A 72 -17.49 -2.61 -3.54
C GLY A 72 -17.04 -2.57 -4.99
N PRO A 73 -17.50 -1.55 -5.73
CA PRO A 73 -17.15 -1.38 -7.14
C PRO A 73 -15.69 -0.98 -7.33
N SER A 74 -15.24 -0.95 -8.58
CA SER A 74 -13.87 -0.59 -8.90
C SER A 74 -13.82 0.69 -9.72
N SER A 75 -12.64 1.30 -9.80
CA SER A 75 -12.46 2.53 -10.55
C SER A 75 -11.75 2.27 -11.87
N GLY A 76 -11.91 3.19 -12.82
CA GLY A 76 -11.28 3.04 -14.12
C GLY A 76 -12.20 3.42 -15.25
N GLY A 1 33.54 3.45 -31.64
CA GLY A 1 34.45 4.00 -32.63
C GLY A 1 33.71 4.73 -33.74
N SER A 2 33.69 6.05 -33.65
CA SER A 2 33.01 6.87 -34.65
C SER A 2 33.26 8.35 -34.40
N SER A 3 32.87 9.18 -35.36
CA SER A 3 33.05 10.63 -35.25
C SER A 3 31.71 11.33 -35.05
N GLY A 4 31.23 11.33 -33.81
CA GLY A 4 29.97 11.97 -33.51
C GLY A 4 29.68 12.00 -32.02
N SER A 5 28.40 12.15 -31.67
CA SER A 5 27.99 12.21 -30.28
C SER A 5 26.56 11.71 -30.11
N SER A 6 26.20 11.36 -28.88
CA SER A 6 24.86 10.86 -28.58
C SER A 6 24.46 11.18 -27.14
N GLY A 7 23.16 11.14 -26.87
CA GLY A 7 22.69 11.42 -25.52
C GLY A 7 21.64 10.42 -25.07
N LEU A 8 21.97 9.65 -24.05
CA LEU A 8 21.06 8.66 -23.51
C LEU A 8 20.86 8.84 -22.00
N LEU A 9 20.08 9.85 -21.63
CA LEU A 9 19.80 10.12 -20.23
C LEU A 9 19.68 8.83 -19.42
N GLU A 10 19.96 8.92 -18.13
CA GLU A 10 19.87 7.75 -17.26
C GLU A 10 19.05 8.07 -16.01
N ILE A 11 17.73 8.10 -16.16
CA ILE A 11 16.84 8.39 -15.04
C ILE A 11 16.19 7.12 -14.51
N LYS A 12 16.05 7.05 -13.19
CA LYS A 12 15.44 5.88 -12.55
C LYS A 12 14.76 6.28 -11.25
N ARG A 13 13.55 5.77 -11.05
CA ARG A 13 12.78 6.08 -9.83
C ARG A 13 11.49 5.26 -9.79
N LYS A 14 11.08 4.89 -8.59
CA LYS A 14 9.86 4.11 -8.40
C LYS A 14 8.64 4.89 -8.87
N GLY A 15 8.56 6.16 -8.46
CA GLY A 15 7.43 6.99 -8.84
C GLY A 15 7.60 8.42 -8.37
N ALA A 16 6.60 9.26 -8.68
CA ALA A 16 6.65 10.66 -8.28
C ALA A 16 6.20 10.84 -6.83
N LYS A 17 6.51 12.00 -6.27
CA LYS A 17 6.13 12.30 -4.89
C LYS A 17 6.14 11.03 -4.03
N ARG A 18 7.23 10.28 -4.11
CA ARG A 18 7.35 9.04 -3.34
C ARG A 18 8.47 9.16 -2.31
N GLY A 19 8.45 8.26 -1.32
CA GLY A 19 9.45 8.27 -0.28
C GLY A 19 10.20 6.96 -0.18
N SER A 20 11.53 7.03 -0.30
CA SER A 20 12.36 5.83 -0.23
C SER A 20 12.47 5.33 1.21
N GLN A 21 13.00 6.18 2.09
CA GLN A 21 13.17 5.83 3.49
C GLN A 21 11.83 5.48 4.12
N HIS A 22 11.87 5.00 5.36
CA HIS A 22 10.65 4.62 6.07
C HIS A 22 9.73 3.79 5.19
N TYR A 23 10.29 2.78 4.54
CA TYR A 23 9.53 1.92 3.65
C TYR A 23 8.71 0.90 4.45
N SER A 24 9.36 0.27 5.43
CA SER A 24 8.70 -0.72 6.27
C SER A 24 7.80 -0.05 7.29
N ASP A 25 6.54 0.16 6.92
CA ASP A 25 5.57 0.78 7.80
C ASP A 25 4.18 0.15 7.64
N ARG A 26 3.31 0.42 8.59
CA ARG A 26 1.95 -0.13 8.56
C ARG A 26 0.92 0.98 8.34
N THR A 27 0.57 1.21 7.07
CA THR A 27 -0.40 2.24 6.73
C THR A 27 -1.47 1.68 5.81
N CYS A 28 -2.70 2.17 5.98
CA CYS A 28 -3.83 1.72 5.16
C CYS A 28 -3.46 1.74 3.68
N ALA A 29 -4.24 1.04 2.87
CA ALA A 29 -4.01 0.99 1.43
C ALA A 29 -5.04 1.81 0.67
N ARG A 30 -6.00 2.35 1.40
CA ARG A 30 -7.06 3.17 0.81
C ARG A 30 -7.01 4.60 1.34
N CYS A 31 -6.68 4.73 2.62
CA CYS A 31 -6.61 6.05 3.26
C CYS A 31 -5.19 6.32 3.76
N GLN A 32 -4.33 5.32 3.67
CA GLN A 32 -2.95 5.46 4.12
C GLN A 32 -2.89 6.09 5.51
N GLU A 33 -3.82 5.70 6.37
CA GLU A 33 -3.86 6.22 7.73
C GLU A 33 -2.85 5.51 8.62
N SER A 34 -2.70 6.00 9.84
CA SER A 34 -1.76 5.42 10.80
C SER A 34 -2.40 4.23 11.52
N LEU A 35 -2.04 3.02 11.10
CA LEU A 35 -2.57 1.81 11.69
C LEU A 35 -1.72 1.38 12.89
N GLY A 36 -1.20 2.36 13.63
CA GLY A 36 -0.39 2.07 14.79
C GLY A 36 -1.13 1.23 15.81
N ARG A 37 -2.19 1.78 16.37
CA ARG A 37 -2.98 1.08 17.37
C ARG A 37 -3.58 -0.20 16.80
N LEU A 38 -4.14 -0.09 15.60
CA LEU A 38 -4.75 -1.23 14.92
C LEU A 38 -3.71 -2.27 14.56
N SER A 39 -4.16 -3.48 14.24
CA SER A 39 -3.26 -4.56 13.86
C SER A 39 -3.33 -4.85 12.36
N PRO A 40 -2.18 -4.75 11.68
CA PRO A 40 -2.10 -5.00 10.24
C PRO A 40 -2.29 -6.46 9.88
N LYS A 41 -1.62 -7.34 10.62
CA LYS A 41 -1.73 -8.78 10.37
C LYS A 41 -3.19 -9.18 10.15
N THR A 42 -4.03 -8.89 11.12
CA THR A 42 -5.45 -9.22 11.03
C THR A 42 -6.17 -8.29 10.06
N ASN A 43 -5.67 -7.05 9.95
CA ASN A 43 -6.27 -6.07 9.06
C ASN A 43 -5.76 -6.24 7.63
N THR A 44 -5.73 -7.48 7.16
CA THR A 44 -5.26 -7.78 5.83
C THR A 44 -6.40 -8.25 4.93
N CYS A 45 -6.71 -7.46 3.90
CA CYS A 45 -7.78 -7.80 2.96
C CYS A 45 -7.50 -9.12 2.28
N ARG A 46 -8.31 -10.13 2.59
CA ARG A 46 -8.16 -11.46 2.00
C ARG A 46 -8.30 -11.39 0.48
N GLY A 47 -8.88 -10.31 -0.01
CA GLY A 47 -9.06 -10.13 -1.44
C GLY A 47 -7.75 -9.86 -2.16
N CYS A 48 -7.15 -8.71 -1.86
CA CYS A 48 -5.90 -8.33 -2.49
C CYS A 48 -4.74 -8.42 -1.50
N ASN A 49 -4.96 -9.17 -0.41
CA ASN A 49 -3.93 -9.35 0.61
C ASN A 49 -3.24 -8.02 0.92
N HIS A 50 -4.01 -6.95 0.98
CA HIS A 50 -3.46 -5.63 1.27
C HIS A 50 -3.73 -5.23 2.71
N LEU A 51 -3.21 -4.08 3.11
CA LEU A 51 -3.40 -3.58 4.48
C LEU A 51 -4.39 -2.42 4.50
N VAL A 52 -5.53 -2.65 5.15
CA VAL A 52 -6.56 -1.62 5.25
C VAL A 52 -7.17 -1.59 6.65
N CYS A 53 -7.62 -0.41 7.06
CA CYS A 53 -8.22 -0.25 8.38
C CYS A 53 -9.59 -0.91 8.44
N ARG A 54 -10.24 -0.83 9.61
CA ARG A 54 -11.55 -1.43 9.80
C ARG A 54 -12.64 -0.50 9.25
N ASP A 55 -12.23 0.53 8.52
CA ASP A 55 -13.17 1.48 7.94
C ASP A 55 -13.18 1.39 6.43
N CYS A 56 -12.08 0.90 5.86
CA CYS A 56 -11.95 0.76 4.41
C CYS A 56 -12.22 -0.67 3.98
N ARG A 57 -12.93 -1.41 4.83
CA ARG A 57 -13.25 -2.81 4.53
C ARG A 57 -14.74 -3.08 4.73
N ILE A 58 -15.19 -4.24 4.29
CA ILE A 58 -16.59 -4.62 4.41
C ILE A 58 -16.73 -5.99 5.06
N GLN A 59 -17.53 -6.06 6.12
CA GLN A 59 -17.75 -7.31 6.83
C GLN A 59 -18.76 -8.18 6.09
N GLU A 60 -18.26 -9.20 5.40
CA GLU A 60 -19.12 -10.10 4.64
C GLU A 60 -19.81 -11.10 5.58
N SER A 61 -20.99 -11.56 5.16
CA SER A 61 -21.75 -12.52 5.97
C SER A 61 -20.82 -13.51 6.66
N ASN A 62 -20.08 -14.26 5.86
CA ASN A 62 -19.15 -15.26 6.40
C ASN A 62 -18.02 -14.59 7.17
N GLY A 63 -17.10 -15.40 7.69
CA GLY A 63 -15.98 -14.87 8.43
C GLY A 63 -14.90 -14.30 7.55
N THR A 64 -15.30 -13.47 6.59
CA THR A 64 -14.35 -12.86 5.66
C THR A 64 -14.70 -11.40 5.40
N TRP A 65 -13.72 -10.62 4.95
CA TRP A 65 -13.92 -9.22 4.66
C TRP A 65 -12.92 -8.72 3.61
N ARG A 66 -13.30 -7.68 2.89
CA ARG A 66 -12.44 -7.11 1.85
C ARG A 66 -12.48 -5.59 1.88
N CYS A 67 -11.55 -4.96 1.16
CA CYS A 67 -11.47 -3.51 1.12
C CYS A 67 -12.63 -2.93 0.31
N LYS A 68 -12.94 -1.66 0.54
CA LYS A 68 -14.02 -0.98 -0.17
C LYS A 68 -13.88 -1.19 -1.67
N VAL A 69 -12.66 -1.13 -2.18
CA VAL A 69 -12.40 -1.31 -3.59
C VAL A 69 -12.73 -2.73 -4.04
N CYS A 70 -12.47 -3.70 -3.18
CA CYS A 70 -12.75 -5.10 -3.47
C CYS A 70 -14.24 -5.39 -3.34
N SER A 71 -14.75 -5.34 -2.11
CA SER A 71 -16.16 -5.61 -1.86
C SER A 71 -17.04 -4.62 -2.61
N GLY A 72 -16.61 -3.37 -2.67
CA GLY A 72 -17.38 -2.35 -3.37
C GLY A 72 -17.50 -2.64 -4.85
N PRO A 73 -18.68 -2.34 -5.42
CA PRO A 73 -18.95 -2.56 -6.85
C PRO A 73 -18.18 -1.60 -7.74
N SER A 74 -17.36 -0.74 -7.11
CA SER A 74 -16.56 0.23 -7.85
C SER A 74 -16.15 -0.32 -9.21
N SER A 75 -15.28 -1.34 -9.20
CA SER A 75 -14.80 -1.94 -10.43
C SER A 75 -15.94 -2.68 -11.14
N GLY A 76 -16.52 -2.03 -12.14
CA GLY A 76 -17.61 -2.64 -12.89
C GLY A 76 -18.60 -3.35 -11.99
N GLY A 1 61.85 6.18 -18.68
CA GLY A 1 60.51 6.72 -18.81
C GLY A 1 59.93 7.16 -17.49
N SER A 2 58.62 6.98 -17.33
CA SER A 2 57.93 7.38 -16.10
C SER A 2 56.63 6.60 -15.94
N SER A 3 55.98 6.78 -14.79
CA SER A 3 54.73 6.11 -14.50
C SER A 3 54.01 6.76 -13.32
N GLY A 4 52.83 6.25 -13.00
CA GLY A 4 52.06 6.79 -11.89
C GLY A 4 50.98 5.84 -11.42
N SER A 5 50.05 6.36 -10.61
CA SER A 5 48.97 5.55 -10.08
C SER A 5 47.88 6.42 -9.45
N SER A 6 46.75 5.82 -9.12
CA SER A 6 45.65 6.54 -8.52
C SER A 6 44.55 5.58 -8.06
N GLY A 7 43.53 6.12 -7.42
CA GLY A 7 42.43 5.30 -6.93
C GLY A 7 41.08 5.99 -7.05
N LEU A 8 40.02 5.22 -7.01
CA LEU A 8 38.66 5.76 -7.11
C LEU A 8 37.70 5.01 -6.19
N LEU A 9 36.95 5.77 -5.40
CA LEU A 9 35.99 5.19 -4.47
C LEU A 9 34.75 6.08 -4.35
N GLU A 10 33.71 5.53 -3.72
CA GLU A 10 32.47 6.28 -3.52
C GLU A 10 31.60 5.62 -2.46
N ILE A 11 30.70 6.40 -1.87
CA ILE A 11 29.81 5.89 -0.84
C ILE A 11 28.49 5.39 -1.44
N LYS A 12 27.86 4.44 -0.76
CA LYS A 12 26.60 3.88 -1.22
C LYS A 12 25.93 3.05 -0.13
N ARG A 13 24.66 3.32 0.11
CA ARG A 13 23.90 2.60 1.14
C ARG A 13 22.41 2.85 0.98
N LYS A 14 21.60 2.01 1.63
CA LYS A 14 20.15 2.14 1.56
C LYS A 14 19.73 3.60 1.53
N GLY A 15 20.30 4.39 2.45
CA GLY A 15 19.97 5.81 2.51
C GLY A 15 20.27 6.53 1.22
N ALA A 16 19.25 7.12 0.61
CA ALA A 16 19.42 7.85 -0.64
C ALA A 16 19.68 9.33 -0.38
N LYS A 17 20.15 10.03 -1.41
CA LYS A 17 20.44 11.45 -1.30
C LYS A 17 19.43 12.15 -0.40
N ARG A 18 18.15 12.01 -0.73
CA ARG A 18 17.08 12.62 0.05
C ARG A 18 16.31 11.56 0.84
N GLY A 19 15.77 10.57 0.13
CA GLY A 19 15.02 9.51 0.79
C GLY A 19 13.75 10.02 1.42
N SER A 20 12.76 10.34 0.59
CA SER A 20 11.48 10.84 1.08
C SER A 20 11.03 10.09 2.31
N GLN A 21 10.84 8.78 2.16
CA GLN A 21 10.41 7.93 3.27
C GLN A 21 11.60 7.54 4.16
N HIS A 22 11.29 7.02 5.33
CA HIS A 22 12.34 6.61 6.27
C HIS A 22 12.56 5.10 6.21
N TYR A 23 11.49 4.33 6.44
CA TYR A 23 11.57 2.88 6.41
C TYR A 23 10.17 2.27 6.44
N SER A 24 10.12 0.93 6.35
CA SER A 24 8.85 0.22 6.36
C SER A 24 7.86 0.88 7.32
N ASP A 25 6.58 0.76 7.01
CA ASP A 25 5.54 1.33 7.85
C ASP A 25 4.21 0.60 7.65
N ARG A 26 3.27 0.84 8.56
CA ARG A 26 1.96 0.21 8.48
C ARG A 26 0.86 1.25 8.29
N THR A 27 0.45 1.46 7.04
CA THR A 27 -0.60 2.42 6.73
C THR A 27 -1.66 1.82 5.82
N CYS A 28 -2.89 2.27 5.97
CA CYS A 28 -3.99 1.77 5.16
C CYS A 28 -3.62 1.77 3.68
N ALA A 29 -4.41 1.05 2.88
CA ALA A 29 -4.17 0.96 1.45
C ALA A 29 -5.22 1.73 0.66
N ARG A 30 -6.18 2.32 1.38
CA ARG A 30 -7.24 3.09 0.75
C ARG A 30 -7.25 4.53 1.26
N CYS A 31 -6.87 4.70 2.52
CA CYS A 31 -6.84 6.03 3.14
C CYS A 31 -5.44 6.36 3.64
N GLN A 32 -4.55 5.37 3.60
CA GLN A 32 -3.18 5.57 4.05
C GLN A 32 -3.14 6.17 5.44
N GLU A 33 -3.99 5.66 6.33
CA GLU A 33 -4.06 6.17 7.70
C GLU A 33 -2.95 5.55 8.56
N SER A 34 -2.85 6.01 9.80
CA SER A 34 -1.84 5.51 10.73
C SER A 34 -2.37 4.30 11.50
N LEU A 35 -1.98 3.11 11.04
CA LEU A 35 -2.41 1.88 11.69
C LEU A 35 -1.48 1.51 12.84
N GLY A 36 -0.85 2.52 13.44
CA GLY A 36 0.07 2.28 14.54
C GLY A 36 -0.54 1.39 15.61
N ARG A 37 -1.60 1.87 16.24
CA ARG A 37 -2.27 1.10 17.29
C ARG A 37 -2.95 -0.13 16.72
N LEU A 38 -3.53 0.02 15.53
CA LEU A 38 -4.22 -1.08 14.87
C LEU A 38 -3.23 -2.13 14.37
N SER A 39 -3.62 -3.39 14.45
CA SER A 39 -2.76 -4.48 14.01
C SER A 39 -2.94 -4.74 12.51
N PRO A 40 -1.82 -4.67 11.78
CA PRO A 40 -1.81 -4.89 10.32
C PRO A 40 -2.09 -6.34 9.95
N LYS A 41 -1.37 -7.26 10.59
CA LYS A 41 -1.55 -8.68 10.33
C LYS A 41 -3.03 -9.03 10.16
N THR A 42 -3.79 -8.91 11.24
CA THR A 42 -5.21 -9.20 11.21
C THR A 42 -5.95 -8.25 10.28
N ASN A 43 -5.42 -7.04 10.12
CA ASN A 43 -6.03 -6.04 9.26
C ASN A 43 -5.57 -6.22 7.81
N THR A 44 -5.59 -7.46 7.34
CA THR A 44 -5.17 -7.77 5.98
C THR A 44 -6.36 -8.24 5.14
N CYS A 45 -6.67 -7.50 4.08
CA CYS A 45 -7.78 -7.84 3.20
C CYS A 45 -7.53 -9.19 2.52
N ARG A 46 -8.34 -10.18 2.88
CA ARG A 46 -8.20 -11.51 2.30
C ARG A 46 -8.37 -11.46 0.78
N GLY A 47 -8.95 -10.38 0.29
CA GLY A 47 -9.15 -10.23 -1.15
C GLY A 47 -7.86 -9.93 -1.89
N CYS A 48 -7.26 -8.79 -1.59
CA CYS A 48 -6.02 -8.38 -2.24
C CYS A 48 -4.85 -8.45 -1.25
N ASN A 49 -5.03 -9.22 -0.19
CA ASN A 49 -4.00 -9.37 0.82
C ASN A 49 -3.29 -8.04 1.09
N HIS A 50 -4.07 -6.96 1.14
CA HIS A 50 -3.53 -5.63 1.38
C HIS A 50 -3.75 -5.21 2.84
N LEU A 51 -3.15 -4.09 3.21
CA LEU A 51 -3.29 -3.58 4.58
C LEU A 51 -4.25 -2.40 4.62
N VAL A 52 -5.38 -2.59 5.30
CA VAL A 52 -6.39 -1.55 5.42
C VAL A 52 -6.86 -1.41 6.86
N CYS A 53 -7.57 -0.32 7.15
CA CYS A 53 -8.08 -0.07 8.49
C CYS A 53 -9.46 -0.70 8.68
N ARG A 54 -10.02 -0.55 9.87
CA ARG A 54 -11.33 -1.10 10.18
C ARG A 54 -12.45 -0.17 9.69
N ASP A 55 -12.11 0.65 8.70
CA ASP A 55 -13.09 1.59 8.15
C ASP A 55 -13.21 1.41 6.64
N CYS A 56 -12.11 0.98 6.01
CA CYS A 56 -12.09 0.78 4.57
C CYS A 56 -12.34 -0.69 4.22
N ARG A 57 -12.92 -1.42 5.16
CA ARG A 57 -13.20 -2.84 4.96
C ARG A 57 -14.71 -3.08 4.91
N ILE A 58 -15.09 -4.30 4.55
CA ILE A 58 -16.50 -4.66 4.47
C ILE A 58 -16.76 -6.02 5.11
N GLN A 59 -17.60 -6.04 6.14
CA GLN A 59 -17.94 -7.27 6.84
C GLN A 59 -18.87 -8.13 6.00
N GLU A 60 -18.42 -9.33 5.66
CA GLU A 60 -19.21 -10.25 4.86
C GLU A 60 -19.89 -11.29 5.74
N SER A 61 -21.09 -11.72 5.33
CA SER A 61 -21.84 -12.70 6.09
C SER A 61 -21.09 -14.03 6.15
N ASN A 62 -20.76 -14.57 4.98
CA ASN A 62 -20.04 -15.84 4.90
C ASN A 62 -19.08 -15.99 6.08
N GLY A 63 -18.10 -15.11 6.17
CA GLY A 63 -17.14 -15.17 7.25
C GLY A 63 -15.81 -14.55 6.87
N THR A 64 -15.85 -13.51 6.05
CA THR A 64 -14.64 -12.83 5.61
C THR A 64 -14.87 -11.33 5.50
N TRP A 65 -13.84 -10.62 5.03
CA TRP A 65 -13.93 -9.17 4.87
C TRP A 65 -12.94 -8.67 3.82
N ARG A 66 -13.37 -7.70 3.03
CA ARG A 66 -12.52 -7.14 1.98
C ARG A 66 -12.56 -5.62 2.01
N CYS A 67 -11.61 -4.99 1.32
CA CYS A 67 -11.54 -3.53 1.26
C CYS A 67 -12.64 -2.97 0.37
N LYS A 68 -12.90 -1.68 0.50
CA LYS A 68 -13.92 -1.01 -0.29
C LYS A 68 -13.72 -1.29 -1.78
N VAL A 69 -12.46 -1.27 -2.21
CA VAL A 69 -12.14 -1.53 -3.61
C VAL A 69 -12.54 -2.94 -4.02
N CYS A 70 -12.29 -3.90 -3.14
CA CYS A 70 -12.64 -5.29 -3.41
C CYS A 70 -14.15 -5.49 -3.43
N SER A 71 -14.77 -5.38 -2.27
CA SER A 71 -16.22 -5.55 -2.15
C SER A 71 -16.95 -4.62 -3.11
N GLY A 72 -16.48 -3.38 -3.21
CA GLY A 72 -17.10 -2.42 -4.10
C GLY A 72 -17.45 -3.01 -5.44
N PRO A 73 -18.36 -2.34 -6.18
CA PRO A 73 -18.79 -2.80 -7.50
C PRO A 73 -17.70 -2.66 -8.55
N SER A 74 -16.55 -2.14 -8.13
CA SER A 74 -15.43 -1.95 -9.05
C SER A 74 -15.38 -3.06 -10.09
N SER A 75 -14.98 -2.70 -11.31
CA SER A 75 -14.89 -3.66 -12.40
C SER A 75 -13.73 -4.63 -12.19
N GLY A 76 -14.05 -5.92 -12.09
CA GLY A 76 -13.03 -6.93 -11.88
C GLY A 76 -13.41 -7.93 -10.82
N GLY A 1 64.88 -2.08 -11.29
CA GLY A 1 63.74 -2.72 -10.63
C GLY A 1 63.14 -1.84 -9.55
N SER A 2 62.00 -2.26 -9.02
CA SER A 2 61.32 -1.50 -7.98
C SER A 2 60.12 -2.28 -7.44
N SER A 3 59.91 -2.18 -6.13
CA SER A 3 58.81 -2.89 -5.48
C SER A 3 57.85 -1.91 -4.81
N GLY A 4 56.73 -2.41 -4.31
CA GLY A 4 55.75 -1.57 -3.66
C GLY A 4 54.63 -2.36 -3.01
N SER A 5 53.82 -1.68 -2.20
CA SER A 5 52.71 -2.33 -1.52
C SER A 5 51.69 -1.31 -1.03
N SER A 6 50.55 -1.79 -0.55
CA SER A 6 49.50 -0.91 -0.05
C SER A 6 48.49 -1.70 0.79
N GLY A 7 47.54 -0.98 1.37
CA GLY A 7 46.52 -1.63 2.18
C GLY A 7 45.11 -1.34 1.70
N LEU A 8 44.12 -1.86 2.42
CA LEU A 8 42.73 -1.65 2.06
C LEU A 8 41.82 -1.85 3.26
N LEU A 9 40.80 -1.01 3.38
CA LEU A 9 39.86 -1.09 4.48
C LEU A 9 38.65 -0.19 4.24
N GLU A 10 37.46 -0.71 4.56
CA GLU A 10 36.23 0.06 4.37
C GLU A 10 35.09 -0.55 5.19
N ILE A 11 34.03 0.22 5.38
CA ILE A 11 32.87 -0.24 6.14
C ILE A 11 31.63 -0.33 5.24
N LYS A 12 30.76 -1.30 5.55
CA LYS A 12 29.54 -1.49 4.78
C LYS A 12 28.43 -2.04 5.66
N ARG A 13 27.36 -1.25 5.82
CA ARG A 13 26.23 -1.67 6.64
C ARG A 13 25.07 -0.69 6.49
N LYS A 14 23.86 -1.17 6.79
CA LYS A 14 22.67 -0.34 6.68
C LYS A 14 22.72 0.83 7.66
N GLY A 15 22.34 2.02 7.19
CA GLY A 15 22.36 3.19 8.04
C GLY A 15 21.04 3.40 8.76
N ALA A 16 20.10 4.05 8.09
CA ALA A 16 18.79 4.32 8.68
C ALA A 16 18.87 5.42 9.73
N LYS A 17 19.72 6.42 9.47
CA LYS A 17 19.89 7.54 10.39
C LYS A 17 18.94 8.67 10.06
N ARG A 18 18.74 8.91 8.76
CA ARG A 18 17.85 9.97 8.30
C ARG A 18 16.66 10.11 9.23
N GLY A 19 16.01 8.99 9.54
CA GLY A 19 14.85 9.02 10.42
C GLY A 19 14.55 7.67 11.01
N SER A 20 13.26 7.35 11.14
CA SER A 20 12.84 6.07 11.70
C SER A 20 13.66 4.93 11.14
N GLN A 21 14.50 4.34 11.97
CA GLN A 21 15.35 3.22 11.56
C GLN A 21 14.55 2.18 10.80
N HIS A 22 13.44 1.74 11.40
CA HIS A 22 12.59 0.73 10.77
C HIS A 22 11.72 1.36 9.69
N TYR A 23 12.28 1.51 8.50
CA TYR A 23 11.56 2.11 7.38
C TYR A 23 10.18 1.48 7.23
N SER A 24 10.13 0.15 7.17
CA SER A 24 8.87 -0.56 7.04
C SER A 24 7.80 0.05 7.91
N ASP A 25 6.72 0.53 7.27
CA ASP A 25 5.62 1.14 7.99
C ASP A 25 4.31 0.40 7.73
N ARG A 26 3.31 0.65 8.57
CA ARG A 26 2.01 0.00 8.42
C ARG A 26 0.92 1.04 8.21
N THR A 27 0.56 1.27 6.95
CA THR A 27 -0.47 2.24 6.60
C THR A 27 -1.56 1.59 5.75
N CYS A 28 -2.72 2.24 5.70
CA CYS A 28 -3.85 1.73 4.93
C CYS A 28 -3.53 1.78 3.44
N ALA A 29 -4.21 0.92 2.67
CA ALA A 29 -4.00 0.86 1.22
C ALA A 29 -5.10 1.62 0.49
N ARG A 30 -5.93 2.34 1.24
CA ARG A 30 -7.02 3.11 0.66
C ARG A 30 -6.98 4.55 1.14
N CYS A 31 -6.58 4.75 2.39
CA CYS A 31 -6.51 6.08 2.97
C CYS A 31 -5.09 6.38 3.46
N GLN A 32 -4.25 5.36 3.48
CA GLN A 32 -2.87 5.50 3.92
C GLN A 32 -2.81 6.12 5.32
N GLU A 33 -3.71 5.67 6.19
CA GLU A 33 -3.76 6.17 7.55
C GLU A 33 -2.73 5.47 8.43
N SER A 34 -2.64 5.90 9.69
CA SER A 34 -1.70 5.31 10.63
C SER A 34 -2.34 4.16 11.40
N LEU A 35 -2.07 2.94 10.96
CA LEU A 35 -2.63 1.75 11.59
C LEU A 35 -1.84 1.39 12.86
N GLY A 36 -1.54 2.40 13.66
CA GLY A 36 -0.80 2.18 14.89
C GLY A 36 -1.53 1.26 15.85
N ARG A 37 -2.31 1.85 16.74
CA ARG A 37 -3.07 1.06 17.71
C ARG A 37 -3.58 -0.23 17.10
N LEU A 38 -4.16 -0.12 15.91
CA LEU A 38 -4.71 -1.28 15.21
C LEU A 38 -3.63 -2.32 14.96
N SER A 39 -4.00 -3.43 14.33
CA SER A 39 -3.06 -4.50 14.04
C SER A 39 -3.07 -4.84 12.55
N PRO A 40 -1.94 -4.60 11.88
CA PRO A 40 -1.78 -4.87 10.45
C PRO A 40 -1.77 -6.37 10.14
N LYS A 41 -1.55 -7.17 11.17
CA LYS A 41 -1.51 -8.63 11.02
C LYS A 41 -2.90 -9.17 10.66
N THR A 42 -3.91 -8.68 11.36
CA THR A 42 -5.29 -9.12 11.12
C THR A 42 -6.02 -8.15 10.20
N ASN A 43 -5.37 -7.04 9.88
CA ASN A 43 -5.96 -6.02 9.01
C ASN A 43 -5.53 -6.22 7.56
N THR A 44 -5.58 -7.47 7.10
CA THR A 44 -5.21 -7.80 5.74
C THR A 44 -6.40 -8.27 4.93
N CYS A 45 -6.76 -7.51 3.90
CA CYS A 45 -7.89 -7.85 3.05
C CYS A 45 -7.64 -9.16 2.31
N ARG A 46 -8.42 -10.18 2.64
CA ARG A 46 -8.29 -11.48 2.02
C ARG A 46 -8.42 -11.38 0.50
N GLY A 47 -9.07 -10.32 0.04
CA GLY A 47 -9.26 -10.11 -1.38
C GLY A 47 -7.95 -9.82 -2.10
N CYS A 48 -7.34 -8.69 -1.77
CA CYS A 48 -6.08 -8.29 -2.39
C CYS A 48 -4.93 -8.40 -1.40
N ASN A 49 -5.14 -9.19 -0.35
CA ASN A 49 -4.12 -9.37 0.68
C ASN A 49 -3.34 -8.08 0.93
N HIS A 50 -4.07 -6.96 0.95
CA HIS A 50 -3.45 -5.67 1.18
C HIS A 50 -3.67 -5.20 2.61
N LEU A 51 -3.05 -4.08 2.97
CA LEU A 51 -3.19 -3.53 4.31
C LEU A 51 -4.19 -2.38 4.33
N VAL A 52 -5.25 -2.54 5.11
CA VAL A 52 -6.28 -1.51 5.23
C VAL A 52 -6.78 -1.40 6.66
N CYS A 53 -7.40 -0.28 6.98
CA CYS A 53 -7.94 -0.04 8.32
C CYS A 53 -9.30 -0.70 8.48
N ARG A 54 -9.83 -0.65 9.71
CA ARG A 54 -11.13 -1.25 9.99
C ARG A 54 -12.26 -0.36 9.48
N ASP A 55 -11.90 0.67 8.73
CA ASP A 55 -12.89 1.59 8.18
C ASP A 55 -12.99 1.45 6.66
N CYS A 56 -11.89 1.03 6.04
CA CYS A 56 -11.86 0.84 4.60
C CYS A 56 -12.15 -0.61 4.23
N ARG A 57 -12.80 -1.32 5.14
CA ARG A 57 -13.14 -2.72 4.91
C ARG A 57 -14.63 -2.97 5.13
N ILE A 58 -15.13 -4.07 4.59
CA ILE A 58 -16.54 -4.42 4.74
C ILE A 58 -16.70 -5.81 5.33
N GLN A 59 -17.79 -6.01 6.08
CA GLN A 59 -18.06 -7.30 6.69
C GLN A 59 -18.90 -8.18 5.78
N GLU A 60 -18.37 -9.34 5.43
CA GLU A 60 -19.06 -10.27 4.55
C GLU A 60 -19.88 -11.28 5.36
N SER A 61 -20.64 -12.12 4.66
CA SER A 61 -21.47 -13.12 5.32
C SER A 61 -20.66 -14.37 5.65
N ASN A 62 -19.63 -14.63 4.84
CA ASN A 62 -18.77 -15.80 5.03
C ASN A 62 -17.66 -15.49 6.03
N GLY A 63 -18.03 -14.89 7.16
CA GLY A 63 -17.06 -14.55 8.18
C GLY A 63 -15.79 -13.97 7.60
N THR A 64 -15.91 -13.28 6.47
CA THR A 64 -14.77 -12.67 5.81
C THR A 64 -14.95 -11.17 5.66
N TRP A 65 -13.93 -10.49 5.15
CA TRP A 65 -13.99 -9.05 4.96
C TRP A 65 -13.00 -8.61 3.88
N ARG A 66 -13.36 -7.54 3.16
CA ARG A 66 -12.51 -7.02 2.10
C ARG A 66 -12.55 -5.49 2.07
N CYS A 67 -11.63 -4.90 1.31
CA CYS A 67 -11.56 -3.45 1.20
C CYS A 67 -12.70 -2.91 0.36
N LYS A 68 -13.07 -1.65 0.59
CA LYS A 68 -14.15 -1.02 -0.15
C LYS A 68 -14.03 -1.30 -1.64
N VAL A 69 -12.81 -1.24 -2.15
CA VAL A 69 -12.55 -1.49 -3.56
C VAL A 69 -12.91 -2.93 -3.94
N CYS A 70 -12.61 -3.87 -3.04
CA CYS A 70 -12.90 -5.28 -3.27
C CYS A 70 -14.39 -5.55 -3.15
N SER A 71 -14.90 -5.47 -1.92
CA SER A 71 -16.32 -5.72 -1.67
C SER A 71 -17.19 -4.80 -2.51
N GLY A 72 -16.78 -3.53 -2.60
CA GLY A 72 -17.53 -2.57 -3.38
C GLY A 72 -17.64 -2.95 -4.84
N PRO A 73 -18.67 -2.42 -5.52
CA PRO A 73 -18.90 -2.70 -6.94
C PRO A 73 -17.85 -2.07 -7.85
N SER A 74 -16.96 -2.90 -8.38
CA SER A 74 -15.89 -2.43 -9.25
C SER A 74 -16.05 -2.99 -10.66
N SER A 75 -15.70 -2.18 -11.65
CA SER A 75 -15.80 -2.60 -13.05
C SER A 75 -15.29 -4.02 -13.23
N GLY A 76 -16.21 -4.94 -13.53
CA GLY A 76 -15.82 -6.33 -13.73
C GLY A 76 -15.59 -7.06 -12.42
N GLY A 1 61.28 -15.69 3.81
CA GLY A 1 60.31 -15.31 4.83
C GLY A 1 59.12 -14.57 4.25
N SER A 2 58.08 -14.40 5.06
CA SER A 2 56.88 -13.71 4.62
C SER A 2 55.92 -13.49 5.79
N SER A 3 55.06 -12.49 5.66
CA SER A 3 54.09 -12.17 6.70
C SER A 3 52.97 -11.29 6.16
N GLY A 4 51.98 -11.01 7.00
CA GLY A 4 50.86 -10.19 6.60
C GLY A 4 49.53 -10.87 6.83
N SER A 5 48.57 -10.62 5.94
CA SER A 5 47.24 -11.20 6.07
C SER A 5 46.48 -10.58 7.23
N SER A 6 46.57 -9.26 7.36
CA SER A 6 45.90 -8.53 8.42
C SER A 6 44.72 -7.74 7.87
N GLY A 7 43.97 -7.11 8.76
CA GLY A 7 42.82 -6.32 8.36
C GLY A 7 41.53 -6.78 9.02
N LEU A 8 40.86 -5.85 9.69
CA LEU A 8 39.60 -6.16 10.36
C LEU A 8 38.73 -4.93 10.50
N LEU A 9 37.65 -4.88 9.73
CA LEU A 9 36.72 -3.75 9.78
C LEU A 9 35.48 -4.03 8.93
N GLU A 10 34.40 -3.32 9.23
CA GLU A 10 33.15 -3.49 8.51
C GLU A 10 32.19 -2.33 8.79
N ILE A 11 31.32 -2.05 7.82
CA ILE A 11 30.36 -0.97 7.97
C ILE A 11 29.02 -1.49 8.48
N LYS A 12 28.29 -0.65 9.21
CA LYS A 12 26.99 -1.02 9.75
C LYS A 12 26.06 0.18 9.80
N ARG A 13 25.07 0.21 8.92
CA ARG A 13 24.11 1.30 8.86
C ARG A 13 22.82 0.86 8.20
N LYS A 14 21.70 1.42 8.66
CA LYS A 14 20.39 1.09 8.11
C LYS A 14 19.95 2.13 7.09
N GLY A 15 20.87 2.52 6.21
CA GLY A 15 20.54 3.51 5.20
C GLY A 15 21.40 3.37 3.95
N ALA A 16 21.24 4.28 3.01
CA ALA A 16 22.00 4.26 1.77
C ALA A 16 21.88 5.58 1.01
N LYS A 17 22.68 5.73 -0.03
CA LYS A 17 22.66 6.95 -0.83
C LYS A 17 21.25 7.26 -1.33
N ARG A 18 20.63 6.29 -2.00
CA ARG A 18 19.28 6.45 -2.51
C ARG A 18 18.24 6.09 -1.46
N GLY A 19 17.52 7.08 -0.97
CA GLY A 19 16.49 6.84 0.03
C GLY A 19 17.08 6.72 1.43
N SER A 20 16.96 7.79 2.20
CA SER A 20 17.48 7.82 3.57
C SER A 20 16.39 7.47 4.57
N GLN A 21 15.34 8.29 4.59
CA GLN A 21 14.22 8.09 5.51
C GLN A 21 13.33 6.94 5.03
N HIS A 22 13.72 5.71 5.38
CA HIS A 22 12.95 4.54 4.98
C HIS A 22 12.97 3.48 6.08
N TYR A 23 11.79 2.97 6.44
CA TYR A 23 11.68 1.96 7.47
C TYR A 23 10.29 1.33 7.47
N SER A 24 10.15 0.24 8.22
CA SER A 24 8.87 -0.46 8.29
C SER A 24 7.75 0.49 8.69
N ASP A 25 6.64 0.42 7.96
CA ASP A 25 5.49 1.28 8.24
C ASP A 25 4.18 0.52 8.03
N ARG A 26 3.15 0.91 8.78
CA ARG A 26 1.85 0.27 8.69
C ARG A 26 0.75 1.29 8.41
N THR A 27 0.36 1.40 7.14
CA THR A 27 -0.68 2.34 6.74
C THR A 27 -1.72 1.67 5.86
N CYS A 28 -2.94 2.23 5.86
CA CYS A 28 -4.02 1.69 5.07
C CYS A 28 -3.65 1.65 3.58
N ALA A 29 -4.38 0.84 2.82
CA ALA A 29 -4.12 0.71 1.39
C ALA A 29 -5.18 1.44 0.57
N ARG A 30 -6.13 2.07 1.27
CA ARG A 30 -7.20 2.81 0.62
C ARG A 30 -7.23 4.26 1.09
N CYS A 31 -6.88 4.46 2.35
CA CYS A 31 -6.87 5.81 2.92
C CYS A 31 -5.47 6.18 3.39
N GLN A 32 -4.57 5.21 3.38
CA GLN A 32 -3.19 5.44 3.81
C GLN A 32 -3.14 6.07 5.20
N GLU A 33 -4.09 5.67 6.05
CA GLU A 33 -4.15 6.19 7.42
C GLU A 33 -3.03 5.62 8.28
N SER A 34 -2.84 6.20 9.46
CA SER A 34 -1.80 5.75 10.37
C SER A 34 -2.29 4.59 11.22
N LEU A 35 -1.94 3.37 10.82
CA LEU A 35 -2.35 2.18 11.55
C LEU A 35 -1.41 1.91 12.72
N GLY A 36 -0.89 2.98 13.31
CA GLY A 36 0.01 2.83 14.44
C GLY A 36 -0.49 1.85 15.47
N ARG A 37 -1.55 2.23 16.18
CA ARG A 37 -2.14 1.37 17.20
C ARG A 37 -2.64 0.06 16.60
N LEU A 38 -3.37 0.16 15.49
CA LEU A 38 -3.91 -1.01 14.82
C LEU A 38 -2.80 -2.00 14.48
N SER A 39 -3.17 -3.12 13.88
CA SER A 39 -2.21 -4.15 13.50
C SER A 39 -2.62 -4.84 12.20
N PRO A 40 -1.64 -5.09 11.33
CA PRO A 40 -1.88 -5.75 10.04
C PRO A 40 -2.25 -7.22 10.20
N LYS A 41 -1.90 -7.79 11.34
CA LYS A 41 -2.19 -9.19 11.62
C LYS A 41 -3.56 -9.58 11.06
N THR A 42 -4.61 -9.00 11.62
CA THR A 42 -5.97 -9.28 11.18
C THR A 42 -6.49 -8.19 10.25
N ASN A 43 -5.78 -7.07 10.21
CA ASN A 43 -6.17 -5.95 9.36
C ASN A 43 -5.68 -6.15 7.93
N THR A 44 -5.79 -7.39 7.45
CA THR A 44 -5.37 -7.72 6.10
C THR A 44 -6.56 -8.15 5.24
N CYS A 45 -6.79 -7.41 4.15
CA CYS A 45 -7.90 -7.70 3.25
C CYS A 45 -7.65 -9.03 2.52
N ARG A 46 -8.48 -10.02 2.82
CA ARG A 46 -8.37 -11.33 2.19
C ARG A 46 -8.53 -11.22 0.68
N GLY A 47 -9.14 -10.13 0.23
CA GLY A 47 -9.35 -9.94 -1.19
C GLY A 47 -8.05 -9.72 -1.94
N CYS A 48 -7.35 -8.64 -1.61
CA CYS A 48 -6.09 -8.32 -2.26
C CYS A 48 -4.91 -8.52 -1.30
N ASN A 49 -5.18 -9.19 -0.18
CA ASN A 49 -4.15 -9.45 0.81
C ASN A 49 -3.34 -8.20 1.10
N HIS A 50 -4.03 -7.07 1.25
CA HIS A 50 -3.39 -5.80 1.53
C HIS A 50 -3.65 -5.36 2.97
N LEU A 51 -3.04 -4.25 3.36
CA LEU A 51 -3.21 -3.72 4.72
C LEU A 51 -4.17 -2.55 4.72
N VAL A 52 -5.30 -2.72 5.41
CA VAL A 52 -6.31 -1.66 5.51
C VAL A 52 -6.81 -1.51 6.94
N CYS A 53 -7.47 -0.39 7.21
CA CYS A 53 -8.00 -0.11 8.54
C CYS A 53 -9.33 -0.83 8.74
N ARG A 54 -9.88 -0.71 9.95
CA ARG A 54 -11.15 -1.34 10.27
C ARG A 54 -12.33 -0.50 9.78
N ASP A 55 -12.04 0.45 8.89
CA ASP A 55 -13.07 1.33 8.35
C ASP A 55 -13.24 1.11 6.85
N CYS A 56 -12.12 0.83 6.18
CA CYS A 56 -12.15 0.60 4.73
C CYS A 56 -12.56 -0.83 4.42
N ARG A 57 -12.61 -1.66 5.45
CA ARG A 57 -13.00 -3.07 5.28
C ARG A 57 -14.52 -3.23 5.36
N ILE A 58 -15.02 -4.29 4.76
CA ILE A 58 -16.44 -4.56 4.76
C ILE A 58 -16.74 -5.98 5.24
N GLN A 59 -17.64 -6.10 6.21
CA GLN A 59 -18.00 -7.40 6.76
C GLN A 59 -18.90 -8.16 5.80
N GLU A 60 -18.40 -9.28 5.29
CA GLU A 60 -19.16 -10.09 4.35
C GLU A 60 -19.91 -11.20 5.09
N SER A 61 -20.79 -11.90 4.36
CA SER A 61 -21.57 -12.98 4.95
C SER A 61 -20.74 -14.25 5.07
N ASN A 62 -19.72 -14.37 4.22
CA ASN A 62 -18.85 -15.53 4.24
C ASN A 62 -17.75 -15.38 5.29
N GLY A 63 -18.14 -14.97 6.50
CA GLY A 63 -17.19 -14.79 7.57
C GLY A 63 -15.90 -14.16 7.09
N THR A 64 -15.98 -13.41 6.00
CA THR A 64 -14.81 -12.74 5.44
C THR A 64 -15.02 -11.23 5.32
N TRP A 65 -13.98 -10.52 4.93
CA TRP A 65 -14.05 -9.07 4.78
C TRP A 65 -13.06 -8.58 3.74
N ARG A 66 -13.42 -7.48 3.07
CA ARG A 66 -12.56 -6.90 2.04
C ARG A 66 -12.56 -5.38 2.13
N CYS A 67 -11.61 -4.75 1.44
CA CYS A 67 -11.50 -3.30 1.43
C CYS A 67 -12.60 -2.67 0.58
N LYS A 68 -12.81 -1.37 0.77
CA LYS A 68 -13.84 -0.66 0.03
C LYS A 68 -13.83 -1.07 -1.44
N VAL A 69 -12.67 -0.99 -2.07
CA VAL A 69 -12.54 -1.36 -3.48
C VAL A 69 -12.97 -2.80 -3.72
N CYS A 70 -12.33 -3.73 -3.03
CA CYS A 70 -12.65 -5.14 -3.16
C CYS A 70 -14.13 -5.39 -2.90
N SER A 71 -14.57 -5.13 -1.67
CA SER A 71 -15.97 -5.32 -1.31
C SER A 71 -16.89 -4.93 -2.44
N GLY A 72 -16.69 -3.72 -2.97
CA GLY A 72 -17.52 -3.24 -4.07
C GLY A 72 -16.98 -3.65 -5.42
N PRO A 73 -17.09 -2.74 -6.40
CA PRO A 73 -16.60 -2.99 -7.77
C PRO A 73 -15.08 -3.05 -7.84
N SER A 74 -14.56 -4.02 -8.57
CA SER A 74 -13.13 -4.19 -8.72
C SER A 74 -12.74 -4.33 -10.19
N SER A 75 -13.53 -5.12 -10.93
CA SER A 75 -13.27 -5.35 -12.35
C SER A 75 -14.24 -4.54 -13.21
N GLY A 76 -14.50 -3.30 -12.80
CA GLY A 76 -15.41 -2.46 -13.55
C GLY A 76 -14.72 -1.21 -14.10
N GLY A 1 15.15 7.79 -51.05
CA GLY A 1 14.62 7.94 -49.70
C GLY A 1 15.67 7.69 -48.64
N SER A 2 15.61 8.46 -47.56
CA SER A 2 16.56 8.33 -46.47
C SER A 2 16.12 9.14 -45.25
N SER A 3 16.16 8.51 -44.08
CA SER A 3 15.75 9.17 -42.84
C SER A 3 16.12 8.31 -41.63
N GLY A 4 15.89 8.87 -40.44
CA GLY A 4 16.19 8.14 -39.22
C GLY A 4 16.68 9.06 -38.11
N SER A 5 15.99 9.01 -36.96
CA SER A 5 16.36 9.84 -35.83
C SER A 5 15.53 9.47 -34.60
N SER A 6 16.21 9.22 -33.48
CA SER A 6 15.54 8.86 -32.25
C SER A 6 16.50 8.93 -31.06
N GLY A 7 16.01 9.44 -29.94
CA GLY A 7 16.84 9.56 -28.76
C GLY A 7 16.03 9.87 -27.52
N LEU A 8 15.95 8.91 -26.60
CA LEU A 8 15.20 9.10 -25.36
C LEU A 8 15.90 8.39 -24.20
N LEU A 9 15.81 8.99 -23.02
CA LEU A 9 16.42 8.41 -21.82
C LEU A 9 15.84 9.03 -20.56
N GLU A 10 15.82 8.26 -19.48
CA GLU A 10 15.28 8.74 -18.21
C GLU A 10 15.62 7.77 -17.09
N ILE A 11 16.26 8.28 -16.04
CA ILE A 11 16.65 7.46 -14.90
C ILE A 11 15.92 7.90 -13.63
N LYS A 12 15.34 6.94 -12.91
CA LYS A 12 14.62 7.23 -11.68
C LYS A 12 14.64 6.03 -10.74
N ARG A 13 14.99 6.28 -9.48
CA ARG A 13 15.04 5.22 -8.48
C ARG A 13 15.16 5.81 -7.08
N LYS A 14 14.69 5.05 -6.09
CA LYS A 14 14.75 5.49 -4.69
C LYS A 14 16.07 5.10 -4.05
N GLY A 15 17.08 5.93 -4.24
CA GLY A 15 18.39 5.66 -3.67
C GLY A 15 19.49 6.49 -4.31
N ALA A 16 19.35 7.81 -4.23
CA ALA A 16 20.35 8.72 -4.80
C ALA A 16 21.06 9.50 -3.71
N LYS A 17 20.28 10.18 -2.87
CA LYS A 17 20.84 10.97 -1.78
C LYS A 17 20.28 10.53 -0.44
N ARG A 18 21.09 10.65 0.61
CA ARG A 18 20.66 10.26 1.95
C ARG A 18 19.31 10.88 2.30
N GLY A 19 18.67 10.32 3.32
CA GLY A 19 17.37 10.83 3.73
C GLY A 19 16.34 9.74 3.91
N SER A 20 16.56 8.87 4.90
CA SER A 20 15.65 7.77 5.18
C SER A 20 15.59 7.48 6.67
N GLN A 21 14.46 7.83 7.28
CA GLN A 21 14.26 7.61 8.70
C GLN A 21 13.79 6.19 8.97
N HIS A 22 12.84 5.72 8.18
CA HIS A 22 12.31 4.37 8.34
C HIS A 22 11.65 3.89 7.04
N TYR A 23 11.99 2.67 6.63
CA TYR A 23 11.45 2.10 5.40
C TYR A 23 10.10 1.43 5.67
N SER A 24 10.07 0.54 6.66
CA SER A 24 8.86 -0.18 7.01
C SER A 24 7.80 0.80 7.54
N ASP A 25 6.53 0.45 7.32
CA ASP A 25 5.42 1.28 7.77
C ASP A 25 4.09 0.55 7.60
N ARG A 26 3.17 0.79 8.54
CA ARG A 26 1.86 0.16 8.49
C ARG A 26 0.77 1.19 8.27
N THR A 27 0.39 1.37 7.01
CA THR A 27 -0.66 2.33 6.65
C THR A 27 -1.70 1.69 5.75
N CYS A 28 -2.93 2.22 5.80
CA CYS A 28 -4.02 1.70 4.98
C CYS A 28 -3.66 1.73 3.51
N ALA A 29 -4.32 0.90 2.72
CA ALA A 29 -4.07 0.84 1.28
C ALA A 29 -5.14 1.62 0.51
N ARG A 30 -6.06 2.24 1.24
CA ARG A 30 -7.13 3.01 0.61
C ARG A 30 -7.13 4.44 1.14
N CYS A 31 -6.86 4.60 2.42
CA CYS A 31 -6.83 5.92 3.04
C CYS A 31 -5.44 6.24 3.58
N GLN A 32 -4.56 5.25 3.54
CA GLN A 32 -3.19 5.42 4.03
C GLN A 32 -3.18 6.07 5.41
N GLU A 33 -3.97 5.52 6.32
CA GLU A 33 -4.06 6.04 7.67
C GLU A 33 -3.01 5.40 8.58
N SER A 34 -2.87 5.93 9.79
CA SER A 34 -1.90 5.41 10.74
C SER A 34 -2.43 4.13 11.41
N LEU A 35 -2.03 2.98 10.87
CA LEU A 35 -2.46 1.70 11.41
C LEU A 35 -1.58 1.29 12.58
N GLY A 36 -1.16 2.27 13.38
CA GLY A 36 -0.32 1.98 14.52
C GLY A 36 -0.99 1.07 15.53
N ARG A 37 -1.65 1.67 16.51
CA ARG A 37 -2.34 0.91 17.55
C ARG A 37 -3.14 -0.23 16.93
N LEU A 38 -3.82 0.05 15.82
CA LEU A 38 -4.64 -0.95 15.14
C LEU A 38 -3.82 -2.20 14.87
N SER A 39 -4.51 -3.26 14.43
CA SER A 39 -3.84 -4.53 14.14
C SER A 39 -3.72 -4.73 12.63
N PRO A 40 -2.52 -4.43 12.09
CA PRO A 40 -2.24 -4.57 10.66
C PRO A 40 -2.18 -6.03 10.22
N LYS A 41 -1.63 -6.88 11.10
CA LYS A 41 -1.52 -8.30 10.80
C LYS A 41 -2.87 -8.88 10.39
N THR A 42 -3.87 -8.72 11.25
CA THR A 42 -5.20 -9.24 10.99
C THR A 42 -5.95 -8.33 10.02
N ASN A 43 -5.55 -7.06 9.97
CA ASN A 43 -6.20 -6.09 9.09
C ASN A 43 -5.72 -6.26 7.65
N THR A 44 -5.64 -7.52 7.21
CA THR A 44 -5.20 -7.81 5.86
C THR A 44 -6.36 -8.26 4.98
N CYS A 45 -6.68 -7.46 3.97
CA CYS A 45 -7.77 -7.76 3.06
C CYS A 45 -7.51 -9.07 2.32
N ARG A 46 -8.33 -10.09 2.62
CA ARG A 46 -8.19 -11.39 1.99
C ARG A 46 -8.36 -11.29 0.47
N GLY A 47 -9.01 -10.22 0.04
CA GLY A 47 -9.24 -10.01 -1.39
C GLY A 47 -7.94 -9.78 -2.15
N CYS A 48 -7.28 -8.68 -1.84
CA CYS A 48 -6.03 -8.34 -2.51
C CYS A 48 -4.85 -8.51 -1.56
N ASN A 49 -5.07 -9.21 -0.46
CA ASN A 49 -4.03 -9.45 0.52
C ASN A 49 -3.26 -8.18 0.82
N HIS A 50 -3.98 -7.06 0.96
CA HIS A 50 -3.36 -5.78 1.24
C HIS A 50 -3.58 -5.37 2.69
N LEU A 51 -3.15 -4.16 3.04
CA LEU A 51 -3.31 -3.66 4.39
C LEU A 51 -4.32 -2.51 4.43
N VAL A 52 -5.45 -2.75 5.09
CA VAL A 52 -6.49 -1.74 5.21
C VAL A 52 -7.04 -1.67 6.63
N CYS A 53 -7.43 -0.48 7.06
CA CYS A 53 -7.98 -0.28 8.39
C CYS A 53 -9.32 -1.00 8.55
N ARG A 54 -9.87 -0.96 9.75
CA ARG A 54 -11.14 -1.60 10.02
C ARG A 54 -12.31 -0.74 9.57
N ASP A 55 -11.99 0.30 8.80
CA ASP A 55 -13.01 1.23 8.30
C ASP A 55 -13.16 1.08 6.79
N CYS A 56 -12.07 0.73 6.12
CA CYS A 56 -12.08 0.57 4.67
C CYS A 56 -12.54 -0.84 4.28
N ARG A 57 -12.57 -1.73 5.28
CA ARG A 57 -13.00 -3.11 5.03
C ARG A 57 -14.51 -3.23 5.11
N ILE A 58 -15.05 -4.27 4.48
CA ILE A 58 -16.49 -4.51 4.48
C ILE A 58 -16.82 -5.90 4.99
N GLN A 59 -17.39 -5.97 6.20
CA GLN A 59 -17.75 -7.24 6.80
C GLN A 59 -18.70 -8.03 5.89
N GLU A 60 -18.15 -9.04 5.23
CA GLU A 60 -18.95 -9.87 4.33
C GLU A 60 -19.79 -10.87 5.11
N SER A 61 -20.90 -11.29 4.51
CA SER A 61 -21.80 -12.25 5.15
C SER A 61 -21.00 -13.31 5.92
N ASN A 62 -20.15 -14.03 5.20
CA ASN A 62 -19.33 -15.07 5.82
C ASN A 62 -18.27 -14.47 6.73
N GLY A 63 -17.41 -15.32 7.26
CA GLY A 63 -16.35 -14.85 8.14
C GLY A 63 -15.18 -14.25 7.38
N THR A 64 -15.47 -13.37 6.43
CA THR A 64 -14.44 -12.73 5.63
C THR A 64 -14.75 -11.26 5.41
N TRP A 65 -13.73 -10.50 5.01
CA TRP A 65 -13.90 -9.07 4.77
C TRP A 65 -12.92 -8.58 3.71
N ARG A 66 -13.31 -7.55 2.98
CA ARG A 66 -12.46 -6.99 1.93
C ARG A 66 -12.50 -5.46 1.96
N CYS A 67 -11.55 -4.84 1.27
CA CYS A 67 -11.48 -3.38 1.22
C CYS A 67 -12.58 -2.82 0.33
N LYS A 68 -12.90 -1.55 0.54
CA LYS A 68 -13.94 -0.88 -0.24
C LYS A 68 -13.84 -1.26 -1.71
N VAL A 69 -12.64 -1.14 -2.27
CA VAL A 69 -12.42 -1.48 -3.67
C VAL A 69 -12.81 -2.92 -3.96
N CYS A 70 -12.32 -3.84 -3.14
CA CYS A 70 -12.62 -5.26 -3.30
C CYS A 70 -14.11 -5.53 -3.09
N SER A 71 -14.55 -5.46 -1.83
CA SER A 71 -15.94 -5.69 -1.49
C SER A 71 -16.86 -4.79 -2.30
N GLY A 72 -16.41 -3.55 -2.52
CA GLY A 72 -17.21 -2.60 -3.28
C GLY A 72 -17.93 -3.25 -4.45
N PRO A 73 -19.27 -3.12 -4.48
CA PRO A 73 -20.09 -3.69 -5.54
C PRO A 73 -19.89 -2.98 -6.87
N SER A 74 -20.24 -3.67 -7.96
CA SER A 74 -20.10 -3.10 -9.30
C SER A 74 -18.83 -2.26 -9.39
N SER A 75 -17.74 -2.77 -8.84
CA SER A 75 -16.47 -2.05 -8.86
C SER A 75 -15.43 -2.82 -9.68
N GLY A 76 -15.86 -3.36 -10.81
CA GLY A 76 -14.96 -4.11 -11.66
C GLY A 76 -13.56 -3.54 -11.66
N GLY A 1 17.33 34.53 -38.23
CA GLY A 1 17.37 34.82 -36.80
C GLY A 1 17.51 33.56 -35.97
N SER A 2 17.36 33.71 -34.65
CA SER A 2 17.48 32.58 -33.74
C SER A 2 17.13 32.99 -32.31
N SER A 3 16.80 32.01 -31.48
CA SER A 3 16.44 32.27 -30.10
C SER A 3 16.35 30.97 -29.30
N GLY A 4 16.38 31.09 -27.98
CA GLY A 4 16.30 29.92 -27.12
C GLY A 4 16.34 30.28 -25.65
N SER A 5 17.48 30.02 -25.01
CA SER A 5 17.64 30.31 -23.60
C SER A 5 16.65 29.51 -22.76
N SER A 6 16.52 28.23 -23.08
CA SER A 6 15.61 27.34 -22.36
C SER A 6 16.15 27.00 -20.98
N GLY A 7 15.31 26.37 -20.16
CA GLY A 7 15.72 26.00 -18.82
C GLY A 7 15.45 24.54 -18.51
N LEU A 8 16.06 24.04 -17.44
CA LEU A 8 15.88 22.65 -17.03
C LEU A 8 15.59 22.56 -15.54
N LEU A 9 15.17 21.38 -15.11
CA LEU A 9 14.86 21.14 -13.70
C LEU A 9 15.11 19.70 -13.31
N GLU A 10 14.98 19.40 -12.02
CA GLU A 10 15.19 18.04 -11.52
C GLU A 10 14.33 17.77 -10.30
N ILE A 11 13.87 16.52 -10.18
CA ILE A 11 13.02 16.13 -9.05
C ILE A 11 13.69 15.04 -8.22
N LYS A 12 13.39 15.03 -6.93
CA LYS A 12 13.97 14.03 -6.02
C LYS A 12 13.14 13.94 -4.74
N ARG A 13 12.96 12.72 -4.25
CA ARG A 13 12.20 12.50 -3.02
C ARG A 13 12.88 11.46 -2.14
N LYS A 14 12.46 11.39 -0.88
CA LYS A 14 13.04 10.45 0.06
C LYS A 14 13.29 9.09 -0.59
N GLY A 15 14.54 8.63 -0.52
CA GLY A 15 14.88 7.35 -1.12
C GLY A 15 16.23 7.39 -1.81
N ALA A 16 16.26 6.94 -3.06
CA ALA A 16 17.48 6.91 -3.84
C ALA A 16 17.20 6.69 -5.33
N LYS A 17 17.83 7.49 -6.17
CA LYS A 17 17.64 7.38 -7.62
C LYS A 17 17.82 5.94 -8.08
N ARG A 18 18.74 5.23 -7.44
CA ARG A 18 19.02 3.84 -7.79
C ARG A 18 19.13 2.97 -6.54
N GLY A 19 18.04 2.32 -6.18
CA GLY A 19 18.03 1.47 -5.00
C GLY A 19 16.79 1.67 -4.15
N SER A 20 16.76 1.00 -2.99
CA SER A 20 15.62 1.10 -2.09
C SER A 20 15.90 0.37 -0.78
N GLN A 21 15.36 0.89 0.31
CA GLN A 21 15.56 0.29 1.63
C GLN A 21 14.27 -0.39 2.11
N HIS A 22 14.40 -1.22 3.14
CA HIS A 22 13.25 -1.92 3.69
C HIS A 22 12.50 -1.04 4.68
N TYR A 23 11.63 -0.19 4.17
CA TYR A 23 10.83 0.71 5.01
C TYR A 23 9.70 -0.04 5.69
N SER A 24 9.97 -0.52 6.90
CA SER A 24 8.97 -1.26 7.67
C SER A 24 7.94 -0.32 8.26
N ASP A 25 6.78 -0.22 7.60
CA ASP A 25 5.70 0.64 8.07
C ASP A 25 4.35 -0.03 7.87
N ARG A 26 3.34 0.46 8.60
CA ARG A 26 2.00 -0.09 8.51
C ARG A 26 0.98 1.01 8.23
N THR A 27 0.60 1.16 6.96
CA THR A 27 -0.36 2.17 6.57
C THR A 27 -1.47 1.58 5.69
N CYS A 28 -2.67 2.13 5.81
CA CYS A 28 -3.80 1.65 5.03
C CYS A 28 -3.48 1.65 3.54
N ALA A 29 -4.27 0.91 2.76
CA ALA A 29 -4.06 0.83 1.32
C ALA A 29 -5.07 1.69 0.57
N ARG A 30 -5.99 2.30 1.33
CA ARG A 30 -7.02 3.15 0.73
C ARG A 30 -6.92 4.58 1.28
N CYS A 31 -6.54 4.69 2.54
CA CYS A 31 -6.41 6.00 3.19
C CYS A 31 -5.01 6.20 3.73
N GLN A 32 -4.14 5.21 3.50
CA GLN A 32 -2.76 5.28 3.97
C GLN A 32 -2.68 5.97 5.32
N GLU A 33 -3.55 5.59 6.24
CA GLU A 33 -3.57 6.18 7.56
C GLU A 33 -2.58 5.47 8.50
N SER A 34 -2.49 5.96 9.73
CA SER A 34 -1.59 5.38 10.71
C SER A 34 -2.25 4.20 11.44
N LEU A 35 -1.92 2.99 10.99
CA LEU A 35 -2.48 1.79 11.60
C LEU A 35 -1.68 1.39 12.84
N GLY A 36 -1.20 2.38 13.57
CA GLY A 36 -0.44 2.11 14.77
C GLY A 36 -1.17 1.18 15.73
N ARG A 37 -2.09 1.74 16.50
CA ARG A 37 -2.86 0.97 17.46
C ARG A 37 -3.49 -0.25 16.79
N LEU A 38 -4.19 -0.02 15.68
CA LEU A 38 -4.83 -1.10 14.95
C LEU A 38 -3.84 -2.18 14.58
N SER A 39 -4.33 -3.40 14.40
CA SER A 39 -3.48 -4.53 14.04
C SER A 39 -3.48 -4.75 12.53
N PRO A 40 -2.32 -4.52 11.89
CA PRO A 40 -2.17 -4.68 10.44
C PRO A 40 -2.22 -6.15 10.01
N LYS A 41 -1.46 -6.98 10.72
CA LYS A 41 -1.43 -8.41 10.42
C LYS A 41 -2.83 -8.97 10.20
N THR A 42 -3.72 -8.71 11.14
CA THR A 42 -5.10 -9.17 11.04
C THR A 42 -5.93 -8.28 10.12
N ASN A 43 -5.52 -7.02 10.02
CA ASN A 43 -6.21 -6.05 9.17
C ASN A 43 -5.80 -6.22 7.72
N THR A 44 -5.67 -7.47 7.28
CA THR A 44 -5.28 -7.77 5.91
C THR A 44 -6.49 -8.23 5.09
N CYS A 45 -6.78 -7.51 4.01
CA CYS A 45 -7.91 -7.85 3.15
C CYS A 45 -7.65 -9.18 2.42
N ARG A 46 -8.42 -10.20 2.79
CA ARG A 46 -8.28 -11.52 2.18
C ARG A 46 -8.49 -11.44 0.67
N GLY A 47 -9.12 -10.37 0.22
CA GLY A 47 -9.38 -10.20 -1.20
C GLY A 47 -8.11 -9.90 -1.98
N CYS A 48 -7.46 -8.79 -1.65
CA CYS A 48 -6.23 -8.40 -2.33
C CYS A 48 -5.03 -8.53 -1.40
N ASN A 49 -5.21 -9.26 -0.31
CA ASN A 49 -4.14 -9.47 0.66
C ASN A 49 -3.39 -8.16 0.93
N HIS A 50 -4.14 -7.07 1.00
CA HIS A 50 -3.55 -5.76 1.26
C HIS A 50 -3.76 -5.34 2.70
N LEU A 51 -3.27 -4.16 3.05
CA LEU A 51 -3.40 -3.64 4.41
C LEU A 51 -4.38 -2.48 4.45
N VAL A 52 -5.51 -2.69 5.12
CA VAL A 52 -6.54 -1.67 5.25
C VAL A 52 -7.09 -1.60 6.66
N CYS A 53 -7.53 -0.42 7.07
CA CYS A 53 -8.08 -0.23 8.41
C CYS A 53 -9.48 -0.83 8.51
N ARG A 54 -10.05 -0.79 9.71
CA ARG A 54 -11.38 -1.34 9.94
C ARG A 54 -12.45 -0.37 9.45
N ASP A 55 -12.04 0.68 8.75
CA ASP A 55 -12.97 1.67 8.23
C ASP A 55 -13.03 1.60 6.71
N CYS A 56 -11.97 1.06 6.10
CA CYS A 56 -11.92 0.93 4.64
C CYS A 56 -12.23 -0.49 4.21
N ARG A 57 -12.97 -1.21 5.05
CA ARG A 57 -13.34 -2.59 4.75
C ARG A 57 -14.83 -2.81 4.93
N ILE A 58 -15.35 -3.90 4.39
CA ILE A 58 -16.77 -4.22 4.50
C ILE A 58 -16.98 -5.62 5.05
N GLN A 59 -18.03 -5.79 5.85
CA GLN A 59 -18.33 -7.08 6.44
C GLN A 59 -18.99 -8.01 5.42
N GLU A 60 -18.48 -9.22 5.30
CA GLU A 60 -19.03 -10.19 4.36
C GLU A 60 -19.45 -11.47 5.08
N SER A 61 -19.89 -12.46 4.31
CA SER A 61 -20.33 -13.73 4.88
C SER A 61 -19.14 -14.59 5.27
N ASN A 62 -19.42 -15.82 5.71
CA ASN A 62 -18.37 -16.74 6.12
C ASN A 62 -17.36 -16.05 7.02
N GLY A 63 -17.80 -15.00 7.70
CA GLY A 63 -16.92 -14.26 8.59
C GLY A 63 -15.72 -13.67 7.86
N THR A 64 -15.95 -13.20 6.65
CA THR A 64 -14.87 -12.62 5.84
C THR A 64 -15.09 -11.12 5.64
N TRP A 65 -14.09 -10.46 5.11
CA TRP A 65 -14.16 -9.01 4.87
C TRP A 65 -13.19 -8.59 3.77
N ARG A 66 -13.50 -7.46 3.12
CA ARG A 66 -12.66 -6.96 2.05
C ARG A 66 -12.63 -5.42 2.06
N CYS A 67 -11.69 -4.85 1.32
CA CYS A 67 -11.56 -3.40 1.24
C CYS A 67 -12.66 -2.79 0.37
N LYS A 68 -12.97 -1.53 0.63
CA LYS A 68 -14.01 -0.84 -0.14
C LYS A 68 -13.86 -1.10 -1.63
N VAL A 69 -12.62 -1.10 -2.10
CA VAL A 69 -12.34 -1.35 -3.51
C VAL A 69 -12.79 -2.75 -3.93
N CYS A 70 -12.51 -3.73 -3.07
CA CYS A 70 -12.88 -5.11 -3.35
C CYS A 70 -14.40 -5.29 -3.31
N SER A 71 -14.96 -5.19 -2.11
CA SER A 71 -16.40 -5.33 -1.93
C SER A 71 -17.16 -4.37 -2.83
N GLY A 72 -16.72 -3.12 -2.85
CA GLY A 72 -17.37 -2.11 -3.68
C GLY A 72 -17.57 -2.57 -5.11
N PRO A 73 -18.39 -1.84 -5.86
CA PRO A 73 -18.69 -2.15 -7.26
C PRO A 73 -17.49 -1.92 -8.17
N SER A 74 -16.37 -1.53 -7.57
CA SER A 74 -15.15 -1.26 -8.34
C SER A 74 -15.37 -0.13 -9.33
N SER A 75 -16.13 0.88 -8.92
CA SER A 75 -16.42 2.02 -9.77
C SER A 75 -15.98 3.32 -9.11
N GLY A 76 -14.69 3.62 -9.21
CA GLY A 76 -14.16 4.84 -8.62
C GLY A 76 -14.08 4.76 -7.11
N GLY A 1 22.34 13.08 -49.04
CA GLY A 1 21.95 12.15 -48.00
C GLY A 1 22.80 12.30 -46.74
N SER A 2 22.34 11.70 -45.65
CA SER A 2 23.06 11.77 -44.39
C SER A 2 22.40 10.88 -43.33
N SER A 3 23.04 10.78 -42.17
CA SER A 3 22.53 9.96 -41.09
C SER A 3 22.79 10.61 -39.73
N GLY A 4 22.30 9.97 -38.67
CA GLY A 4 22.49 10.51 -37.33
C GLY A 4 22.03 9.55 -36.26
N SER A 5 22.46 9.81 -35.02
CA SER A 5 22.09 8.95 -33.89
C SER A 5 22.43 9.63 -32.57
N SER A 6 21.78 9.18 -31.50
CA SER A 6 22.01 9.74 -30.18
C SER A 6 21.82 8.69 -29.10
N GLY A 7 22.06 9.07 -27.84
CA GLY A 7 21.91 8.14 -26.74
C GLY A 7 21.48 8.83 -25.46
N LEU A 8 20.55 8.22 -24.74
CA LEU A 8 20.07 8.78 -23.48
C LEU A 8 19.97 7.72 -22.41
N LEU A 9 19.80 8.15 -21.16
CA LEU A 9 19.70 7.23 -20.03
C LEU A 9 19.01 7.90 -18.84
N GLU A 10 18.50 7.08 -17.93
CA GLU A 10 17.81 7.59 -16.75
C GLU A 10 17.83 6.56 -15.63
N ILE A 11 18.47 6.91 -14.52
CA ILE A 11 18.56 6.02 -13.37
C ILE A 11 17.75 6.56 -12.19
N LYS A 12 16.77 5.78 -11.75
CA LYS A 12 15.93 6.17 -10.63
C LYS A 12 15.87 5.08 -9.57
N ARG A 13 16.05 5.46 -8.31
CA ARG A 13 16.01 4.51 -7.21
C ARG A 13 15.80 5.22 -5.88
N LYS A 14 15.26 4.49 -4.91
CA LYS A 14 15.01 5.05 -3.59
C LYS A 14 16.23 4.91 -2.68
N GLY A 15 16.37 5.81 -1.73
CA GLY A 15 17.49 5.77 -0.81
C GLY A 15 17.07 5.54 0.63
N ALA A 16 17.35 4.35 1.14
CA ALA A 16 16.99 4.01 2.52
C ALA A 16 17.57 5.04 3.50
N LYS A 17 18.89 5.14 3.54
CA LYS A 17 19.57 6.07 4.43
C LYS A 17 19.48 5.59 5.88
N ARG A 18 19.75 4.31 6.08
CA ARG A 18 19.71 3.73 7.43
C ARG A 18 20.25 2.30 7.41
N GLY A 19 21.03 1.96 8.44
CA GLY A 19 21.60 0.63 8.54
C GLY A 19 20.64 -0.45 8.06
N SER A 20 19.38 -0.34 8.48
CA SER A 20 18.37 -1.32 8.09
C SER A 20 17.52 -0.79 6.94
N GLN A 21 17.63 -1.44 5.79
CA GLN A 21 16.87 -1.03 4.60
C GLN A 21 15.39 -1.36 4.77
N HIS A 22 15.11 -2.59 5.15
CA HIS A 22 13.74 -3.03 5.35
C HIS A 22 13.02 -2.15 6.38
N TYR A 23 12.44 -1.05 5.90
CA TYR A 23 11.73 -0.13 6.77
C TYR A 23 10.52 -0.80 7.41
N SER A 24 10.01 -0.19 8.47
CA SER A 24 8.85 -0.73 9.17
C SER A 24 7.74 0.32 9.27
N ASP A 25 6.73 0.16 8.40
CA ASP A 25 5.60 1.09 8.39
C ASP A 25 4.29 0.34 8.18
N ARG A 26 3.29 0.68 8.98
CA ARG A 26 1.98 0.04 8.89
C ARG A 26 0.88 1.07 8.65
N THR A 27 0.55 1.29 7.38
CA THR A 27 -0.49 2.25 7.02
C THR A 27 -1.50 1.63 6.06
N CYS A 28 -2.70 2.22 6.01
CA CYS A 28 -3.75 1.72 5.14
C CYS A 28 -3.31 1.79 3.68
N ALA A 29 -3.97 0.99 2.83
CA ALA A 29 -3.66 0.97 1.41
C ALA A 29 -4.71 1.71 0.60
N ARG A 30 -5.70 2.27 1.29
CA ARG A 30 -6.77 3.00 0.63
C ARG A 30 -6.79 4.46 1.10
N CYS A 31 -6.45 4.68 2.36
CA CYS A 31 -6.43 6.02 2.93
C CYS A 31 -5.06 6.35 3.50
N GLN A 32 -4.21 5.33 3.60
CA GLN A 32 -2.86 5.52 4.13
C GLN A 32 -2.92 6.16 5.51
N GLU A 33 -3.70 5.57 6.41
CA GLU A 33 -3.83 6.09 7.77
C GLU A 33 -2.83 5.41 8.71
N SER A 34 -2.80 5.87 9.95
CA SER A 34 -1.89 5.32 10.95
C SER A 34 -2.49 4.07 11.59
N LEU A 35 -2.07 2.90 11.11
CA LEU A 35 -2.55 1.64 11.63
C LEU A 35 -1.78 1.23 12.88
N GLY A 36 -1.38 2.22 13.67
CA GLY A 36 -0.64 1.94 14.89
C GLY A 36 -1.50 1.27 15.95
N ARG A 37 -2.66 1.86 16.22
CA ARG A 37 -3.57 1.31 17.23
C ARG A 37 -4.20 0.02 16.73
N LEU A 38 -4.59 0.00 15.46
CA LEU A 38 -5.21 -1.18 14.87
C LEU A 38 -4.16 -2.25 14.56
N SER A 39 -4.64 -3.45 14.22
CA SER A 39 -3.74 -4.56 13.91
C SER A 39 -3.59 -4.72 12.40
N PRO A 40 -2.45 -4.24 11.87
CA PRO A 40 -2.16 -4.31 10.44
C PRO A 40 -1.87 -5.74 9.99
N LYS A 41 -1.38 -6.56 10.91
CA LYS A 41 -1.07 -7.95 10.60
C LYS A 41 -2.33 -8.73 10.22
N THR A 42 -3.36 -8.61 11.04
CA THR A 42 -4.62 -9.29 10.79
C THR A 42 -5.53 -8.46 9.88
N ASN A 43 -5.19 -7.19 9.73
CA ASN A 43 -5.97 -6.28 8.89
C ASN A 43 -5.55 -6.40 7.43
N THR A 44 -5.47 -7.63 6.94
CA THR A 44 -5.08 -7.88 5.56
C THR A 44 -6.28 -8.31 4.72
N CYS A 45 -6.59 -7.51 3.70
CA CYS A 45 -7.71 -7.81 2.81
C CYS A 45 -7.48 -9.10 2.05
N ARG A 46 -8.28 -10.12 2.35
CA ARG A 46 -8.17 -11.41 1.68
C ARG A 46 -8.33 -11.27 0.18
N GLY A 47 -8.96 -10.18 -0.25
CA GLY A 47 -9.17 -9.94 -1.66
C GLY A 47 -7.88 -9.64 -2.40
N CYS A 48 -7.26 -8.51 -2.06
CA CYS A 48 -6.02 -8.10 -2.69
C CYS A 48 -4.84 -8.25 -1.72
N ASN A 49 -5.02 -9.08 -0.72
CA ASN A 49 -3.98 -9.30 0.28
C ASN A 49 -3.23 -8.01 0.60
N HIS A 50 -3.98 -6.92 0.73
CA HIS A 50 -3.40 -5.62 1.03
C HIS A 50 -3.64 -5.24 2.49
N LEU A 51 -3.05 -4.11 2.90
CA LEU A 51 -3.20 -3.64 4.28
C LEU A 51 -4.18 -2.46 4.33
N VAL A 52 -5.31 -2.66 5.00
CA VAL A 52 -6.32 -1.62 5.14
C VAL A 52 -6.80 -1.50 6.58
N CYS A 53 -7.42 -0.38 6.90
CA CYS A 53 -7.93 -0.15 8.24
C CYS A 53 -9.28 -0.83 8.44
N ARG A 54 -9.84 -0.71 9.64
CA ARG A 54 -11.12 -1.32 9.95
C ARG A 54 -12.28 -0.46 9.44
N ASP A 55 -11.94 0.61 8.73
CA ASP A 55 -12.94 1.51 8.18
C ASP A 55 -13.06 1.33 6.67
N CYS A 56 -11.95 0.96 6.04
CA CYS A 56 -11.92 0.76 4.59
C CYS A 56 -12.24 -0.69 4.24
N ARG A 57 -12.87 -1.40 5.17
CA ARG A 57 -13.23 -2.80 4.96
C ARG A 57 -14.74 -2.99 5.04
N ILE A 58 -15.19 -4.19 4.69
CA ILE A 58 -16.62 -4.51 4.73
C ILE A 58 -16.86 -5.86 5.38
N GLN A 59 -17.45 -5.85 6.57
CA GLN A 59 -17.73 -7.08 7.30
C GLN A 59 -18.78 -7.90 6.57
N GLU A 60 -18.37 -9.07 6.08
CA GLU A 60 -19.27 -9.96 5.36
C GLU A 60 -20.01 -10.89 6.33
N SER A 61 -20.88 -11.73 5.77
CA SER A 61 -21.65 -12.67 6.59
C SER A 61 -20.92 -14.01 6.70
N ASN A 62 -20.68 -14.64 5.55
CA ASN A 62 -19.99 -15.92 5.52
C ASN A 62 -18.96 -16.02 6.64
N GLY A 63 -18.02 -15.08 6.64
CA GLY A 63 -16.98 -15.07 7.66
C GLY A 63 -15.67 -14.48 7.15
N THR A 64 -15.78 -13.48 6.28
CA THR A 64 -14.61 -12.83 5.72
C THR A 64 -14.81 -11.32 5.62
N TRP A 65 -13.81 -10.63 5.07
CA TRP A 65 -13.89 -9.18 4.92
C TRP A 65 -12.94 -8.70 3.82
N ARG A 66 -13.36 -7.68 3.09
CA ARG A 66 -12.55 -7.13 2.01
C ARG A 66 -12.61 -5.60 2.00
N CYS A 67 -11.69 -4.98 1.28
CA CYS A 67 -11.64 -3.53 1.19
C CYS A 67 -12.74 -3.00 0.28
N LYS A 68 -13.05 -1.71 0.41
CA LYS A 68 -14.08 -1.08 -0.41
C LYS A 68 -13.84 -1.35 -1.89
N VAL A 69 -12.57 -1.40 -2.27
CA VAL A 69 -12.21 -1.64 -3.67
C VAL A 69 -12.53 -3.07 -4.08
N CYS A 70 -12.46 -3.98 -3.12
CA CYS A 70 -12.74 -5.39 -3.37
C CYS A 70 -14.22 -5.69 -3.23
N SER A 71 -14.73 -5.50 -2.02
CA SER A 71 -16.14 -5.74 -1.74
C SER A 71 -17.03 -4.80 -2.54
N GLY A 72 -16.62 -3.54 -2.62
CA GLY A 72 -17.38 -2.55 -3.35
C GLY A 72 -17.48 -2.87 -4.84
N PRO A 73 -17.69 -1.83 -5.65
CA PRO A 73 -17.80 -1.99 -7.11
C PRO A 73 -16.48 -2.36 -7.76
N SER A 74 -16.38 -3.60 -8.23
CA SER A 74 -15.17 -4.08 -8.87
C SER A 74 -15.38 -4.26 -10.37
N SER A 75 -14.87 -3.32 -11.16
CA SER A 75 -15.01 -3.38 -12.61
C SER A 75 -14.00 -2.46 -13.28
N GLY A 76 -13.00 -3.07 -13.94
CA GLY A 76 -11.98 -2.30 -14.62
C GLY A 76 -11.28 -1.32 -13.69
N GLY A 1 -5.09 19.94 -49.81
CA GLY A 1 -3.92 19.42 -49.11
C GLY A 1 -3.90 19.83 -47.65
N SER A 2 -3.38 18.94 -46.80
CA SER A 2 -3.30 19.21 -45.37
C SER A 2 -2.51 18.12 -44.65
N SER A 3 -2.07 18.42 -43.44
CA SER A 3 -1.29 17.46 -42.65
C SER A 3 -1.04 18.00 -41.23
N GLY A 4 -0.54 17.13 -40.37
CA GLY A 4 -0.27 17.53 -38.99
C GLY A 4 0.08 16.36 -38.11
N SER A 5 0.74 16.64 -36.99
CA SER A 5 1.14 15.60 -36.05
C SER A 5 1.67 16.21 -34.76
N SER A 6 1.59 15.44 -33.67
CA SER A 6 2.06 15.91 -32.37
C SER A 6 2.29 14.73 -31.43
N GLY A 7 2.82 15.02 -30.24
CA GLY A 7 3.08 13.98 -29.26
C GLY A 7 3.56 14.53 -27.94
N LEU A 8 3.24 13.84 -26.85
CA LEU A 8 3.66 14.27 -25.52
C LEU A 8 3.84 13.07 -24.59
N LEU A 9 4.39 13.32 -23.42
CA LEU A 9 4.62 12.26 -22.45
C LEU A 9 4.81 12.84 -21.04
N GLU A 10 4.93 11.97 -20.05
CA GLU A 10 5.12 12.39 -18.67
C GLU A 10 5.82 11.31 -17.86
N ILE A 11 6.60 11.74 -16.87
CA ILE A 11 7.33 10.81 -16.02
C ILE A 11 6.86 10.91 -14.57
N LYS A 12 6.80 9.76 -13.89
CA LYS A 12 6.37 9.71 -12.50
C LYS A 12 7.18 8.69 -11.71
N ARG A 13 7.41 8.98 -10.44
CA ARG A 13 8.18 8.08 -9.58
C ARG A 13 7.76 8.24 -8.12
N LYS A 14 8.37 7.46 -7.24
CA LYS A 14 8.07 7.52 -5.81
C LYS A 14 8.78 8.69 -5.16
N GLY A 15 10.01 8.96 -5.59
CA GLY A 15 10.77 10.06 -5.03
C GLY A 15 12.18 9.65 -4.65
N ALA A 16 13.07 10.64 -4.53
CA ALA A 16 14.45 10.38 -4.17
C ALA A 16 14.55 9.25 -3.14
N LYS A 17 15.54 8.39 -3.31
CA LYS A 17 15.74 7.28 -2.39
C LYS A 17 15.99 7.78 -0.97
N ARG A 18 16.45 9.02 -0.85
CA ARG A 18 16.73 9.61 0.45
C ARG A 18 15.48 9.63 1.32
N GLY A 19 15.39 8.66 2.22
CA GLY A 19 14.24 8.58 3.10
C GLY A 19 14.58 7.98 4.46
N SER A 20 13.57 7.78 5.29
CA SER A 20 13.77 7.23 6.63
C SER A 20 14.12 5.75 6.55
N GLN A 21 15.00 5.30 7.43
CA GLN A 21 15.43 3.91 7.46
C GLN A 21 14.23 2.98 7.61
N HIS A 22 13.31 3.36 8.49
CA HIS A 22 12.11 2.56 8.72
C HIS A 22 11.06 2.81 7.64
N TYR A 23 11.51 2.80 6.38
CA TYR A 23 10.61 3.02 5.26
C TYR A 23 9.33 2.20 5.39
N SER A 24 9.50 0.89 5.52
CA SER A 24 8.36 -0.01 5.67
C SER A 24 7.56 0.31 6.92
N ASP A 25 6.28 0.60 6.74
CA ASP A 25 5.41 0.93 7.86
C ASP A 25 4.03 0.30 7.69
N ARG A 26 3.14 0.53 8.65
CA ARG A 26 1.79 -0.01 8.59
C ARG A 26 0.77 1.09 8.34
N THR A 27 0.46 1.32 7.07
CA THR A 27 -0.51 2.34 6.69
C THR A 27 -1.57 1.78 5.75
N CYS A 28 -2.83 2.18 5.98
CA CYS A 28 -3.93 1.72 5.15
C CYS A 28 -3.56 1.75 3.67
N ALA A 29 -4.29 0.99 2.86
CA ALA A 29 -4.03 0.94 1.43
C ALA A 29 -5.09 1.73 0.65
N ARG A 30 -6.00 2.35 1.38
CA ARG A 30 -7.06 3.14 0.76
C ARG A 30 -7.06 4.58 1.29
N CYS A 31 -6.65 4.73 2.54
CA CYS A 31 -6.60 6.05 3.17
C CYS A 31 -5.20 6.36 3.68
N GLN A 32 -4.33 5.35 3.66
CA GLN A 32 -2.96 5.51 4.12
C GLN A 32 -2.92 6.07 5.54
N GLU A 33 -3.89 5.65 6.36
CA GLU A 33 -3.97 6.12 7.74
C GLU A 33 -2.85 5.52 8.58
N SER A 34 -2.82 5.87 9.87
CA SER A 34 -1.81 5.36 10.77
C SER A 34 -2.33 4.17 11.56
N LEU A 35 -1.98 2.97 11.11
CA LEU A 35 -2.40 1.74 11.77
C LEU A 35 -1.47 1.39 12.92
N GLY A 36 -1.08 2.40 13.70
CA GLY A 36 -0.20 2.17 14.82
C GLY A 36 -0.83 1.30 15.89
N ARG A 37 -1.93 1.78 16.46
CA ARG A 37 -2.63 1.04 17.50
C ARG A 37 -3.60 0.03 16.90
N LEU A 38 -3.32 -0.38 15.67
CA LEU A 38 -4.17 -1.35 14.97
C LEU A 38 -3.38 -2.60 14.61
N SER A 39 -4.10 -3.69 14.36
CA SER A 39 -3.46 -4.95 14.00
C SER A 39 -3.46 -5.16 12.48
N PRO A 40 -2.30 -4.97 11.86
CA PRO A 40 -2.14 -5.12 10.40
C PRO A 40 -2.26 -6.58 9.96
N LYS A 41 -1.88 -7.51 10.84
CA LYS A 41 -1.95 -8.93 10.54
C LYS A 41 -3.38 -9.34 10.21
N THR A 42 -4.30 -9.02 11.11
CA THR A 42 -5.71 -9.35 10.92
C THR A 42 -6.40 -8.35 10.01
N ASN A 43 -5.83 -7.16 9.92
CA ASN A 43 -6.39 -6.10 9.08
C ASN A 43 -5.91 -6.24 7.64
N THR A 44 -5.78 -7.49 7.18
CA THR A 44 -5.33 -7.75 5.82
C THR A 44 -6.50 -8.21 4.95
N CYS A 45 -6.76 -7.47 3.88
CA CYS A 45 -7.85 -7.80 2.96
C CYS A 45 -7.59 -9.14 2.28
N ARG A 46 -8.44 -10.12 2.58
CA ARG A 46 -8.31 -11.45 2.00
C ARG A 46 -8.35 -11.38 0.48
N GLY A 47 -8.92 -10.30 -0.05
CA GLY A 47 -9.01 -10.14 -1.48
C GLY A 47 -7.67 -9.83 -2.12
N CYS A 48 -7.11 -8.67 -1.81
CA CYS A 48 -5.83 -8.26 -2.36
C CYS A 48 -4.73 -8.34 -1.30
N ASN A 49 -4.95 -9.20 -0.31
CA ASN A 49 -3.98 -9.39 0.77
C ASN A 49 -3.26 -8.06 1.08
N HIS A 50 -4.00 -6.97 1.01
CA HIS A 50 -3.45 -5.65 1.29
C HIS A 50 -3.70 -5.25 2.73
N LEU A 51 -3.21 -4.08 3.12
CA LEU A 51 -3.38 -3.58 4.48
C LEU A 51 -4.35 -2.41 4.50
N VAL A 52 -5.46 -2.57 5.22
CA VAL A 52 -6.46 -1.53 5.33
C VAL A 52 -6.98 -1.41 6.76
N CYS A 53 -7.65 -0.30 7.05
CA CYS A 53 -8.20 -0.07 8.38
C CYS A 53 -9.57 -0.71 8.52
N ARG A 54 -10.16 -0.58 9.71
CA ARG A 54 -11.47 -1.15 9.98
C ARG A 54 -12.58 -0.23 9.50
N ASP A 55 -12.26 0.59 8.50
CA ASP A 55 -13.23 1.53 7.94
C ASP A 55 -13.32 1.38 6.43
N CYS A 56 -12.21 0.99 5.82
CA CYS A 56 -12.17 0.82 4.37
C CYS A 56 -12.44 -0.63 3.99
N ARG A 57 -12.91 -1.42 4.96
CA ARG A 57 -13.22 -2.83 4.72
C ARG A 57 -14.72 -3.07 4.79
N ILE A 58 -15.14 -4.23 4.31
CA ILE A 58 -16.56 -4.59 4.32
C ILE A 58 -16.79 -5.95 4.96
N GLN A 59 -17.64 -5.99 5.98
CA GLN A 59 -17.94 -7.23 6.67
C GLN A 59 -18.88 -8.11 5.85
N GLU A 60 -18.41 -9.30 5.50
CA GLU A 60 -19.21 -10.23 4.71
C GLU A 60 -19.94 -11.21 5.61
N SER A 61 -20.79 -12.04 5.00
CA SER A 61 -21.56 -13.03 5.76
C SER A 61 -20.66 -13.84 6.68
N ASN A 62 -19.75 -14.60 6.08
CA ASN A 62 -18.82 -15.43 6.85
C ASN A 62 -17.74 -14.57 7.50
N GLY A 63 -16.77 -15.24 8.11
CA GLY A 63 -15.68 -14.52 8.77
C GLY A 63 -14.68 -13.96 7.78
N THR A 64 -15.18 -13.36 6.72
CA THR A 64 -14.32 -12.78 5.69
C THR A 64 -14.67 -11.32 5.42
N TRP A 65 -13.73 -10.58 4.85
CA TRP A 65 -13.95 -9.17 4.54
C TRP A 65 -13.01 -8.70 3.44
N ARG A 66 -13.39 -7.63 2.77
CA ARG A 66 -12.58 -7.08 1.68
C ARG A 66 -12.59 -5.55 1.71
N CYS A 67 -11.63 -4.95 1.02
CA CYS A 67 -11.53 -3.50 0.97
C CYS A 67 -12.62 -2.90 0.09
N LYS A 68 -12.96 -1.64 0.35
CA LYS A 68 -13.99 -0.95 -0.41
C LYS A 68 -13.78 -1.15 -1.90
N VAL A 69 -12.53 -1.13 -2.33
CA VAL A 69 -12.20 -1.31 -3.74
C VAL A 69 -12.54 -2.72 -4.21
N CYS A 70 -12.34 -3.69 -3.34
CA CYS A 70 -12.63 -5.09 -3.66
C CYS A 70 -14.13 -5.35 -3.66
N SER A 71 -14.74 -5.25 -2.48
CA SER A 71 -16.17 -5.48 -2.35
C SER A 71 -16.96 -4.52 -3.23
N GLY A 72 -16.58 -3.24 -3.19
CA GLY A 72 -17.26 -2.25 -4.00
C GLY A 72 -18.77 -2.34 -3.88
N PRO A 73 -19.49 -1.59 -4.74
CA PRO A 73 -20.95 -1.56 -4.75
C PRO A 73 -21.53 -2.88 -5.27
N SER A 74 -20.90 -3.44 -6.29
CA SER A 74 -21.37 -4.69 -6.88
C SER A 74 -20.22 -5.68 -7.02
N SER A 75 -20.56 -6.95 -7.22
CA SER A 75 -19.56 -8.00 -7.37
C SER A 75 -19.82 -8.84 -8.62
N GLY A 76 -18.78 -9.49 -9.11
CA GLY A 76 -18.92 -10.32 -10.30
C GLY A 76 -17.94 -11.48 -10.31
N GLY A 1 -9.88 39.77 -38.67
CA GLY A 1 -9.18 39.67 -37.40
C GLY A 1 -9.36 38.32 -36.75
N SER A 2 -8.32 37.83 -36.07
CA SER A 2 -8.37 36.55 -35.41
C SER A 2 -7.10 36.30 -34.60
N SER A 3 -7.23 35.53 -33.52
CA SER A 3 -6.09 35.22 -32.66
C SER A 3 -6.48 34.21 -31.59
N GLY A 4 -5.50 33.76 -30.82
CA GLY A 4 -5.75 32.79 -29.77
C GLY A 4 -4.50 32.09 -29.31
N SER A 5 -4.45 31.73 -28.03
CA SER A 5 -3.29 31.05 -27.46
C SER A 5 -3.58 30.58 -26.04
N SER A 6 -2.79 29.61 -25.57
CA SER A 6 -2.96 29.07 -24.24
C SER A 6 -1.79 28.17 -23.85
N GLY A 7 -1.67 27.87 -22.57
CA GLY A 7 -0.59 27.02 -22.10
C GLY A 7 -0.46 27.03 -20.59
N LEU A 8 0.04 25.94 -20.03
CA LEU A 8 0.22 25.83 -18.59
C LEU A 8 0.94 24.53 -18.22
N LEU A 9 1.62 24.54 -17.08
CA LEU A 9 2.36 23.36 -16.62
C LEU A 9 2.28 23.24 -15.11
N GLU A 10 2.87 22.16 -14.58
CA GLU A 10 2.86 21.93 -13.14
C GLU A 10 3.77 20.76 -12.78
N ILE A 11 4.60 20.95 -11.76
CA ILE A 11 5.51 19.91 -11.32
C ILE A 11 5.11 19.35 -9.95
N LYS A 12 5.38 18.07 -9.73
CA LYS A 12 5.05 17.42 -8.47
C LYS A 12 6.01 16.28 -8.17
N ARG A 13 6.21 16.00 -6.90
CA ARG A 13 7.10 14.94 -6.47
C ARG A 13 6.78 14.46 -5.06
N LYS A 14 7.26 13.28 -4.71
CA LYS A 14 7.01 12.72 -3.38
C LYS A 14 7.70 13.55 -2.31
N GLY A 15 8.99 13.82 -2.50
CA GLY A 15 9.73 14.60 -1.53
C GLY A 15 11.09 15.03 -2.06
N ALA A 16 11.54 16.21 -1.64
CA ALA A 16 12.83 16.73 -2.08
C ALA A 16 13.94 15.70 -1.87
N LYS A 17 14.04 15.19 -0.64
CA LYS A 17 15.06 14.20 -0.32
C LYS A 17 15.12 13.10 -1.38
N ARG A 18 16.14 12.27 -1.31
CA ARG A 18 16.33 11.18 -2.26
C ARG A 18 15.66 9.90 -1.75
N GLY A 19 16.10 9.44 -0.60
CA GLY A 19 15.54 8.23 -0.02
C GLY A 19 16.49 7.54 0.94
N SER A 20 16.62 8.10 2.14
CA SER A 20 17.50 7.55 3.16
C SER A 20 16.80 6.44 3.94
N GLN A 21 15.60 6.74 4.42
CA GLN A 21 14.82 5.76 5.19
C GLN A 21 13.52 5.41 4.47
N HIS A 22 13.49 4.22 3.88
CA HIS A 22 12.30 3.77 3.17
C HIS A 22 11.03 4.04 3.98
N TYR A 23 9.90 4.17 3.29
CA TYR A 23 8.63 4.44 3.94
C TYR A 23 7.98 3.14 4.41
N SER A 24 8.79 2.27 5.01
CA SER A 24 8.30 0.99 5.51
C SER A 24 7.50 1.17 6.79
N ASP A 25 6.20 1.44 6.64
CA ASP A 25 5.32 1.64 7.79
C ASP A 25 4.01 0.90 7.61
N ARG A 26 3.17 0.92 8.63
CA ARG A 26 1.88 0.25 8.58
C ARG A 26 0.74 1.25 8.37
N THR A 27 0.38 1.46 7.10
CA THR A 27 -0.68 2.39 6.75
C THR A 27 -1.72 1.73 5.86
N CYS A 28 -2.92 2.29 5.84
CA CYS A 28 -4.01 1.76 5.03
C CYS A 28 -3.65 1.80 3.54
N ALA A 29 -4.36 1.00 2.76
CA ALA A 29 -4.12 0.95 1.31
C ALA A 29 -5.20 1.71 0.55
N ARG A 30 -6.15 2.28 1.28
CA ARG A 30 -7.24 3.04 0.67
C ARG A 30 -7.28 4.46 1.20
N CYS A 31 -6.95 4.63 2.49
CA CYS A 31 -6.94 5.94 3.12
C CYS A 31 -5.55 6.30 3.61
N GLN A 32 -4.64 5.34 3.54
CA GLN A 32 -3.26 5.55 3.98
C GLN A 32 -3.23 6.19 5.37
N GLU A 33 -4.06 5.67 6.28
CA GLU A 33 -4.12 6.19 7.64
C GLU A 33 -3.08 5.52 8.53
N SER A 34 -2.95 6.01 9.75
CA SER A 34 -1.99 5.46 10.70
C SER A 34 -2.57 4.26 11.44
N LEU A 35 -2.19 3.07 10.99
CA LEU A 35 -2.67 1.83 11.60
C LEU A 35 -1.84 1.46 12.82
N GLY A 36 -1.33 2.48 13.51
CA GLY A 36 -0.51 2.24 14.69
C GLY A 36 -1.18 1.30 15.67
N ARG A 37 -2.16 1.81 16.41
CA ARG A 37 -2.87 1.01 17.39
C ARG A 37 -3.44 -0.26 16.76
N LEU A 38 -3.96 -0.12 15.55
CA LEU A 38 -4.53 -1.25 14.83
C LEU A 38 -3.45 -2.24 14.42
N SER A 39 -3.82 -3.51 14.31
CA SER A 39 -2.88 -4.55 13.92
C SER A 39 -2.91 -4.77 12.42
N PRO A 40 -1.78 -4.50 11.75
CA PRO A 40 -1.64 -4.66 10.31
C PRO A 40 -1.64 -6.13 9.88
N LYS A 41 -1.36 -7.01 10.84
CA LYS A 41 -1.33 -8.44 10.57
C LYS A 41 -2.73 -8.97 10.28
N THR A 42 -3.63 -8.81 11.24
CA THR A 42 -5.00 -9.27 11.09
C THR A 42 -5.80 -8.35 10.17
N ASN A 43 -5.30 -7.12 9.99
CA ASN A 43 -5.97 -6.15 9.14
C ASN A 43 -5.52 -6.30 7.68
N THR A 44 -5.51 -7.54 7.20
CA THR A 44 -5.09 -7.82 5.83
C THR A 44 -6.27 -8.28 4.98
N CYS A 45 -6.55 -7.54 3.91
CA CYS A 45 -7.65 -7.87 3.02
C CYS A 45 -7.40 -9.18 2.30
N ARG A 46 -8.19 -10.19 2.61
CA ARG A 46 -8.05 -11.50 1.99
C ARG A 46 -8.21 -11.41 0.48
N GLY A 47 -8.81 -10.31 0.02
CA GLY A 47 -9.02 -10.12 -1.41
C GLY A 47 -7.73 -9.80 -2.14
N CYS A 48 -7.12 -8.67 -1.81
CA CYS A 48 -5.88 -8.25 -2.44
C CYS A 48 -4.70 -8.37 -1.47
N ASN A 49 -4.89 -9.17 -0.43
CA ASN A 49 -3.85 -9.37 0.57
C ASN A 49 -3.09 -8.07 0.85
N HIS A 50 -3.85 -6.98 0.98
CA HIS A 50 -3.25 -5.68 1.26
C HIS A 50 -3.47 -5.27 2.71
N LEU A 51 -3.06 -4.05 3.05
CA LEU A 51 -3.20 -3.54 4.41
C LEU A 51 -4.23 -2.42 4.46
N VAL A 52 -5.34 -2.67 5.16
CA VAL A 52 -6.40 -1.68 5.30
C VAL A 52 -6.94 -1.64 6.72
N CYS A 53 -7.41 -0.46 7.15
CA CYS A 53 -7.95 -0.29 8.49
C CYS A 53 -9.25 -1.07 8.65
N ARG A 54 -9.82 -1.01 9.86
CA ARG A 54 -11.06 -1.71 10.14
C ARG A 54 -12.26 -0.90 9.69
N ASP A 55 -12.01 0.14 8.90
CA ASP A 55 -13.07 1.01 8.40
C ASP A 55 -13.23 0.85 6.90
N CYS A 56 -12.11 0.67 6.20
CA CYS A 56 -12.12 0.52 4.75
C CYS A 56 -12.57 -0.88 4.36
N ARG A 57 -12.58 -1.79 5.33
CA ARG A 57 -12.99 -3.17 5.10
C ARG A 57 -14.51 -3.30 5.15
N ILE A 58 -15.02 -4.40 4.61
CA ILE A 58 -16.46 -4.66 4.59
C ILE A 58 -16.78 -6.05 5.12
N GLN A 59 -17.28 -6.12 6.34
CA GLN A 59 -17.63 -7.38 6.96
C GLN A 59 -18.65 -8.14 6.12
N GLU A 60 -18.25 -9.29 5.59
CA GLU A 60 -19.14 -10.09 4.76
C GLU A 60 -19.91 -11.10 5.62
N SER A 61 -21.23 -11.12 5.44
CA SER A 61 -22.09 -12.02 6.20
C SER A 61 -21.42 -13.39 6.35
N ASN A 62 -20.83 -13.88 5.25
CA ASN A 62 -20.17 -15.18 5.26
C ASN A 62 -19.16 -15.27 6.41
N GLY A 63 -18.42 -14.19 6.61
CA GLY A 63 -17.42 -14.16 7.66
C GLY A 63 -16.16 -13.41 7.27
N THR A 64 -15.81 -13.49 5.99
CA THR A 64 -14.62 -12.80 5.48
C THR A 64 -14.86 -11.31 5.36
N TRP A 65 -13.84 -10.59 4.90
CA TRP A 65 -13.94 -9.15 4.74
C TRP A 65 -12.96 -8.64 3.68
N ARG A 66 -13.37 -7.62 2.94
CA ARG A 66 -12.54 -7.06 1.88
C ARG A 66 -12.52 -5.54 1.96
N CYS A 67 -11.57 -4.92 1.27
CA CYS A 67 -11.44 -3.48 1.26
C CYS A 67 -12.51 -2.84 0.37
N LYS A 68 -12.77 -1.56 0.59
CA LYS A 68 -13.77 -0.83 -0.19
C LYS A 68 -13.70 -1.23 -1.67
N VAL A 69 -12.51 -1.15 -2.24
CA VAL A 69 -12.30 -1.50 -3.64
C VAL A 69 -12.77 -2.93 -3.91
N CYS A 70 -12.22 -3.89 -3.17
CA CYS A 70 -12.58 -5.28 -3.33
C CYS A 70 -14.08 -5.49 -3.14
N SER A 71 -14.53 -5.37 -1.90
CA SER A 71 -15.95 -5.54 -1.57
C SER A 71 -16.83 -4.85 -2.61
N GLY A 72 -16.47 -3.61 -2.94
CA GLY A 72 -17.25 -2.85 -3.91
C GLY A 72 -17.54 -3.65 -5.17
N PRO A 73 -18.35 -3.08 -6.06
CA PRO A 73 -18.72 -3.73 -7.32
C PRO A 73 -17.56 -3.81 -8.30
N SER A 74 -16.38 -3.40 -7.84
CA SER A 74 -15.18 -3.42 -8.68
C SER A 74 -15.30 -2.40 -9.82
N SER A 75 -15.80 -1.21 -9.49
CA SER A 75 -15.96 -0.17 -10.48
C SER A 75 -14.75 0.77 -10.49
N GLY A 76 -13.95 0.66 -11.54
CA GLY A 76 -12.76 1.50 -11.65
C GLY A 76 -11.81 1.33 -10.48
N GLY A 1 29.39 28.57 -33.20
CA GLY A 1 28.89 27.80 -32.08
C GLY A 1 29.99 27.32 -31.17
N SER A 2 29.77 27.46 -29.86
CA SER A 2 30.77 27.04 -28.87
C SER A 2 30.10 26.70 -27.54
N SER A 3 30.45 25.54 -26.98
CA SER A 3 29.88 25.11 -25.71
C SER A 3 30.84 24.18 -24.98
N GLY A 4 30.54 23.90 -23.72
CA GLY A 4 31.38 23.02 -22.93
C GLY A 4 31.26 23.29 -21.44
N SER A 5 30.04 23.16 -20.92
CA SER A 5 29.79 23.39 -19.50
C SER A 5 29.69 22.06 -18.75
N SER A 6 30.05 22.09 -17.47
CA SER A 6 30.01 20.90 -16.64
C SER A 6 30.08 21.26 -15.15
N GLY A 7 29.75 20.30 -14.30
CA GLY A 7 29.78 20.54 -12.87
C GLY A 7 28.46 20.19 -12.20
N LEU A 8 28.44 19.07 -11.48
CA LEU A 8 27.24 18.62 -10.79
C LEU A 8 27.57 17.56 -9.74
N LEU A 9 26.69 17.40 -8.76
CA LEU A 9 26.89 16.42 -7.71
C LEU A 9 25.66 16.31 -6.83
N GLU A 10 25.38 15.10 -6.35
CA GLU A 10 24.22 14.87 -5.48
C GLU A 10 24.58 13.93 -4.34
N ILE A 11 24.12 14.27 -3.14
CA ILE A 11 24.38 13.46 -1.96
C ILE A 11 23.10 12.90 -1.36
N LYS A 12 23.10 11.61 -1.06
CA LYS A 12 21.93 10.95 -0.49
C LYS A 12 22.34 9.91 0.55
N ARG A 13 21.90 10.10 1.78
CA ARG A 13 22.22 9.18 2.86
C ARG A 13 21.00 8.92 3.75
N LYS A 14 20.69 7.65 3.95
CA LYS A 14 19.55 7.27 4.78
C LYS A 14 19.85 7.46 6.26
N GLY A 15 21.01 6.96 6.69
CA GLY A 15 21.40 7.09 8.08
C GLY A 15 22.04 5.82 8.62
N ALA A 16 21.23 4.90 9.09
CA ALA A 16 21.72 3.64 9.64
C ALA A 16 22.67 3.89 10.81
N LYS A 17 22.26 4.78 11.71
CA LYS A 17 23.06 5.11 12.88
C LYS A 17 22.94 4.02 13.95
N ARG A 18 21.71 3.64 14.26
CA ARG A 18 21.46 2.61 15.26
C ARG A 18 21.93 1.25 14.77
N GLY A 19 22.04 0.30 15.69
CA GLY A 19 22.48 -1.04 15.34
C GLY A 19 21.89 -1.52 14.03
N SER A 20 20.60 -1.25 13.82
CA SER A 20 19.92 -1.65 12.60
C SER A 20 18.59 -0.92 12.45
N GLN A 21 18.43 -0.22 11.34
CA GLN A 21 17.20 0.53 11.07
C GLN A 21 16.30 -0.24 10.10
N HIS A 22 15.14 -0.66 10.59
CA HIS A 22 14.19 -1.41 9.77
C HIS A 22 13.32 -0.45 8.96
N TYR A 23 13.37 -0.59 7.63
CA TYR A 23 12.58 0.26 6.75
C TYR A 23 11.23 -0.37 6.45
N SER A 24 10.27 -0.12 7.33
CA SER A 24 8.92 -0.66 7.16
C SER A 24 7.91 0.12 8.00
N ASP A 25 6.68 0.21 7.49
CA ASP A 25 5.62 0.93 8.19
C ASP A 25 4.27 0.27 7.96
N ARG A 26 3.26 0.73 8.69
CA ARG A 26 1.91 0.18 8.56
C ARG A 26 0.90 1.28 8.26
N THR A 27 0.55 1.41 6.98
CA THR A 27 -0.40 2.44 6.55
C THR A 27 -1.50 1.83 5.68
N CYS A 28 -2.72 2.31 5.85
CA CYS A 28 -3.86 1.82 5.08
C CYS A 28 -3.51 1.76 3.59
N ALA A 29 -4.28 0.98 2.85
CA ALA A 29 -4.07 0.84 1.41
C ALA A 29 -5.06 1.69 0.62
N ARG A 30 -5.99 2.32 1.32
CA ARG A 30 -6.99 3.16 0.69
C ARG A 30 -6.90 4.59 1.20
N CYS A 31 -6.64 4.75 2.49
CA CYS A 31 -6.53 6.07 3.11
C CYS A 31 -5.13 6.28 3.68
N GLN A 32 -4.24 5.32 3.45
CA GLN A 32 -2.87 5.41 3.94
C GLN A 32 -2.82 6.14 5.27
N GLU A 33 -3.61 5.67 6.23
CA GLU A 33 -3.65 6.29 7.56
C GLU A 33 -2.60 5.68 8.47
N SER A 34 -2.60 6.11 9.73
CA SER A 34 -1.65 5.61 10.71
C SER A 34 -2.21 4.41 11.47
N LEU A 35 -1.88 3.21 11.01
CA LEU A 35 -2.36 1.99 11.64
C LEU A 35 -1.44 1.58 12.79
N GLY A 36 -0.82 2.57 13.43
CA GLY A 36 0.08 2.29 14.54
C GLY A 36 -0.55 1.39 15.58
N ARG A 37 -1.70 1.82 16.10
CA ARG A 37 -2.40 1.05 17.12
C ARG A 37 -3.05 -0.20 16.52
N LEU A 38 -3.93 -0.01 15.55
CA LEU A 38 -4.61 -1.12 14.89
C LEU A 38 -3.61 -2.22 14.54
N SER A 39 -4.14 -3.42 14.30
CA SER A 39 -3.30 -4.57 13.96
C SER A 39 -3.36 -4.85 12.47
N PRO A 40 -2.20 -4.72 11.79
CA PRO A 40 -2.10 -4.97 10.35
C PRO A 40 -2.25 -6.44 10.00
N LYS A 41 -1.58 -7.31 10.76
CA LYS A 41 -1.64 -8.74 10.53
C LYS A 41 -3.09 -9.20 10.31
N THR A 42 -3.97 -8.78 11.22
CA THR A 42 -5.38 -9.14 11.13
C THR A 42 -6.14 -8.20 10.20
N ASN A 43 -5.63 -6.98 10.07
CA ASN A 43 -6.26 -5.98 9.22
C ASN A 43 -5.82 -6.16 7.76
N THR A 44 -5.68 -7.41 7.35
CA THR A 44 -5.28 -7.73 5.98
C THR A 44 -6.46 -8.21 5.15
N CYS A 45 -6.74 -7.49 4.07
CA CYS A 45 -7.85 -7.85 3.19
C CYS A 45 -7.56 -9.16 2.45
N ARG A 46 -8.35 -10.19 2.76
CA ARG A 46 -8.17 -11.49 2.13
C ARG A 46 -8.28 -11.38 0.61
N GLY A 47 -8.95 -10.33 0.14
CA GLY A 47 -9.11 -10.13 -1.29
C GLY A 47 -7.79 -9.84 -1.98
N CYS A 48 -7.20 -8.70 -1.65
CA CYS A 48 -5.93 -8.30 -2.25
C CYS A 48 -4.79 -8.40 -1.23
N ASN A 49 -5.02 -9.17 -0.18
CA ASN A 49 -4.01 -9.36 0.86
C ASN A 49 -3.27 -8.05 1.14
N HIS A 50 -4.02 -6.94 1.13
CA HIS A 50 -3.43 -5.63 1.39
C HIS A 50 -3.65 -5.21 2.84
N LEU A 51 -3.23 -3.99 3.16
CA LEU A 51 -3.39 -3.46 4.51
C LEU A 51 -4.39 -2.30 4.53
N VAL A 52 -5.50 -2.50 5.23
CA VAL A 52 -6.53 -1.48 5.33
C VAL A 52 -7.05 -1.35 6.76
N CYS A 53 -7.59 -0.18 7.09
CA CYS A 53 -8.12 0.06 8.42
C CYS A 53 -9.49 -0.57 8.60
N ARG A 54 -10.06 -0.45 9.79
CA ARG A 54 -11.37 -1.01 10.08
C ARG A 54 -12.47 -0.11 9.55
N ASP A 55 -12.10 0.89 8.75
CA ASP A 55 -13.06 1.82 8.19
C ASP A 55 -13.09 1.71 6.66
N CYS A 56 -12.15 0.95 6.11
CA CYS A 56 -12.08 0.75 4.66
C CYS A 56 -12.31 -0.72 4.30
N ARG A 57 -13.02 -1.43 5.17
CA ARG A 57 -13.31 -2.84 4.94
C ARG A 57 -14.81 -3.10 5.02
N ILE A 58 -15.22 -4.29 4.57
CA ILE A 58 -16.62 -4.66 4.59
C ILE A 58 -16.82 -6.04 5.22
N GLN A 59 -17.80 -6.15 6.11
CA GLN A 59 -18.08 -7.42 6.78
C GLN A 59 -18.98 -8.29 5.93
N GLU A 60 -18.48 -9.45 5.53
CA GLU A 60 -19.25 -10.38 4.71
C GLU A 60 -20.03 -11.36 5.58
N SER A 61 -20.98 -12.06 4.97
CA SER A 61 -21.80 -13.02 5.68
C SER A 61 -21.00 -14.29 6.00
N ASN A 62 -20.54 -14.97 4.96
CA ASN A 62 -19.76 -16.19 5.13
C ASN A 62 -18.88 -16.11 6.38
N GLY A 63 -17.81 -15.34 6.28
CA GLY A 63 -16.91 -15.19 7.41
C GLY A 63 -15.60 -14.52 7.03
N THR A 64 -15.66 -13.61 6.05
CA THR A 64 -14.48 -12.91 5.60
C THR A 64 -14.75 -11.41 5.46
N TRP A 65 -13.75 -10.68 5.01
CA TRP A 65 -13.88 -9.23 4.84
C TRP A 65 -12.88 -8.71 3.81
N ARG A 66 -13.30 -7.72 3.03
CA ARG A 66 -12.45 -7.14 2.00
C ARG A 66 -12.49 -5.62 2.06
N CYS A 67 -11.57 -4.98 1.35
CA CYS A 67 -11.49 -3.52 1.32
C CYS A 67 -12.66 -2.93 0.54
N LYS A 68 -12.82 -1.62 0.62
CA LYS A 68 -13.89 -0.93 -0.09
C LYS A 68 -13.79 -1.18 -1.59
N VAL A 69 -12.58 -1.16 -2.10
CA VAL A 69 -12.35 -1.38 -3.53
C VAL A 69 -12.70 -2.82 -3.93
N CYS A 70 -12.42 -3.76 -3.03
CA CYS A 70 -12.70 -5.17 -3.28
C CYS A 70 -14.20 -5.45 -3.18
N SER A 71 -14.74 -5.31 -1.98
CA SER A 71 -16.16 -5.55 -1.74
C SER A 71 -17.02 -4.70 -2.68
N GLY A 72 -16.64 -3.43 -2.81
CA GLY A 72 -17.39 -2.52 -3.67
C GLY A 72 -17.55 -3.06 -5.07
N PRO A 73 -18.62 -2.62 -5.76
CA PRO A 73 -18.92 -3.06 -7.12
C PRO A 73 -17.92 -2.51 -8.14
N SER A 74 -16.99 -1.68 -7.66
CA SER A 74 -15.98 -1.08 -8.52
C SER A 74 -14.62 -1.73 -8.30
N SER A 75 -14.21 -2.56 -9.24
CA SER A 75 -12.93 -3.25 -9.15
C SER A 75 -12.07 -2.97 -10.38
N GLY A 76 -11.15 -2.02 -10.25
CA GLY A 76 -10.27 -1.67 -11.34
C GLY A 76 -9.02 -2.53 -11.39
N GLY A 1 10.59 20.07 -44.50
CA GLY A 1 11.42 19.99 -43.31
C GLY A 1 12.62 19.07 -43.50
N SER A 2 13.81 19.59 -43.23
CA SER A 2 15.03 18.82 -43.38
C SER A 2 15.12 17.74 -42.31
N SER A 3 15.16 18.16 -41.05
CA SER A 3 15.25 17.23 -39.93
C SER A 3 15.16 17.98 -38.60
N GLY A 4 15.10 17.22 -37.51
CA GLY A 4 15.01 17.82 -36.20
C GLY A 4 14.54 16.83 -35.14
N SER A 5 15.11 16.93 -33.95
CA SER A 5 14.74 16.04 -32.85
C SER A 5 15.38 16.51 -31.54
N SER A 6 14.81 16.06 -30.43
CA SER A 6 15.31 16.43 -29.10
C SER A 6 14.64 15.60 -28.02
N GLY A 7 15.16 15.72 -26.80
CA GLY A 7 14.60 14.96 -25.69
C GLY A 7 15.51 14.97 -24.47
N LEU A 8 14.92 15.13 -23.29
CA LEU A 8 15.68 15.16 -22.05
C LEU A 8 15.14 14.14 -21.06
N LEU A 9 16.03 13.60 -20.22
CA LEU A 9 15.63 12.61 -19.22
C LEU A 9 15.51 13.26 -17.84
N GLU A 10 14.60 12.74 -17.03
CA GLU A 10 14.38 13.27 -15.68
C GLU A 10 14.20 12.13 -14.68
N ILE A 11 15.02 12.14 -13.63
CA ILE A 11 14.94 11.10 -12.60
C ILE A 11 14.14 11.60 -11.39
N LYS A 12 13.49 10.67 -10.70
CA LYS A 12 12.71 11.01 -9.52
C LYS A 12 12.35 9.75 -8.72
N ARG A 13 12.86 9.66 -7.51
CA ARG A 13 12.59 8.51 -6.65
C ARG A 13 12.51 8.94 -5.19
N LYS A 14 12.01 8.04 -4.34
CA LYS A 14 11.88 8.32 -2.91
C LYS A 14 13.02 9.20 -2.42
N GLY A 15 14.25 8.75 -2.67
CA GLY A 15 15.41 9.50 -2.24
C GLY A 15 16.04 8.94 -0.98
N ALA A 16 16.82 7.87 -1.14
CA ALA A 16 17.47 7.24 0.00
C ALA A 16 18.76 7.96 0.36
N LYS A 17 19.06 8.02 1.66
CA LYS A 17 20.27 8.68 2.13
C LYS A 17 20.68 8.15 3.50
N ARG A 18 21.99 8.02 3.72
CA ARG A 18 22.51 7.53 4.99
C ARG A 18 21.63 7.99 6.15
N GLY A 19 21.40 7.10 7.11
CA GLY A 19 20.58 7.43 8.25
C GLY A 19 19.45 6.44 8.48
N SER A 20 18.45 6.85 9.25
CA SER A 20 17.32 5.98 9.54
C SER A 20 16.81 5.30 8.27
N GLN A 21 16.86 3.97 8.27
CA GLN A 21 16.41 3.20 7.11
C GLN A 21 15.10 2.49 7.41
N HIS A 22 14.00 3.25 7.44
CA HIS A 22 12.68 2.68 7.71
C HIS A 22 11.79 2.76 6.48
N TYR A 23 11.79 1.70 5.69
CA TYR A 23 10.98 1.64 4.48
C TYR A 23 9.68 0.90 4.73
N SER A 24 9.78 -0.26 5.37
CA SER A 24 8.61 -1.08 5.67
C SER A 24 7.71 -0.38 6.69
N ASP A 25 6.56 0.08 6.23
CA ASP A 25 5.61 0.76 7.10
C ASP A 25 4.24 0.08 7.04
N ARG A 26 3.40 0.36 8.03
CA ARG A 26 2.06 -0.21 8.10
C ARG A 26 1.00 0.86 7.96
N THR A 27 0.55 1.08 6.72
CA THR A 27 -0.48 2.09 6.45
C THR A 27 -1.62 1.50 5.62
N CYS A 28 -2.76 2.16 5.65
CA CYS A 28 -3.93 1.71 4.90
C CYS A 28 -3.70 1.86 3.41
N ALA A 29 -4.23 0.91 2.64
CA ALA A 29 -4.09 0.93 1.19
C ALA A 29 -5.25 1.67 0.53
N ARG A 30 -6.04 2.36 1.34
CA ARG A 30 -7.19 3.11 0.84
C ARG A 30 -7.18 4.53 1.37
N CYS A 31 -6.80 4.70 2.63
CA CYS A 31 -6.75 6.00 3.26
C CYS A 31 -5.32 6.38 3.64
N GLN A 32 -4.43 5.39 3.58
CA GLN A 32 -3.03 5.61 3.91
C GLN A 32 -2.88 6.28 5.28
N GLU A 33 -3.62 5.75 6.26
CA GLU A 33 -3.58 6.28 7.62
C GLU A 33 -2.65 5.46 8.50
N SER A 34 -2.24 6.04 9.62
CA SER A 34 -1.35 5.36 10.55
C SER A 34 -2.08 4.25 11.30
N LEU A 35 -1.84 3.01 10.89
CA LEU A 35 -2.48 1.85 11.51
C LEU A 35 -1.76 1.48 12.80
N GLY A 36 -1.34 2.48 13.56
CA GLY A 36 -0.64 2.23 14.82
C GLY A 36 -1.48 1.43 15.79
N ARG A 37 -2.50 2.07 16.37
CA ARG A 37 -3.37 1.40 17.32
C ARG A 37 -3.95 0.12 16.74
N LEU A 38 -4.25 0.15 15.44
CA LEU A 38 -4.81 -1.00 14.76
C LEU A 38 -3.77 -2.12 14.62
N SER A 39 -4.18 -3.24 14.02
CA SER A 39 -3.29 -4.37 13.83
C SER A 39 -3.39 -4.92 12.42
N PRO A 40 -2.27 -4.90 11.68
CA PRO A 40 -2.20 -5.38 10.31
C PRO A 40 -2.35 -6.91 10.22
N LYS A 41 -1.98 -7.59 11.31
CA LYS A 41 -2.06 -9.04 11.36
C LYS A 41 -3.44 -9.52 10.91
N THR A 42 -4.48 -8.83 11.37
CA THR A 42 -5.85 -9.19 11.02
C THR A 42 -6.45 -8.18 10.04
N ASN A 43 -5.89 -6.97 10.03
CA ASN A 43 -6.37 -5.92 9.14
C ASN A 43 -5.82 -6.12 7.73
N THR A 44 -5.85 -7.36 7.27
CA THR A 44 -5.36 -7.69 5.93
C THR A 44 -6.49 -8.19 5.04
N CYS A 45 -6.80 -7.42 4.00
CA CYS A 45 -7.87 -7.77 3.07
C CYS A 45 -7.58 -9.12 2.41
N ARG A 46 -8.41 -10.11 2.72
CA ARG A 46 -8.24 -11.45 2.16
C ARG A 46 -8.36 -11.42 0.64
N GLY A 47 -8.94 -10.34 0.11
CA GLY A 47 -9.10 -10.21 -1.31
C GLY A 47 -7.80 -9.89 -2.03
N CYS A 48 -7.22 -8.73 -1.73
CA CYS A 48 -5.96 -8.32 -2.33
C CYS A 48 -4.81 -8.44 -1.35
N ASN A 49 -5.01 -9.25 -0.32
CA ASN A 49 -3.99 -9.46 0.71
C ASN A 49 -3.23 -8.16 0.98
N HIS A 50 -3.96 -7.06 1.07
CA HIS A 50 -3.36 -5.76 1.33
C HIS A 50 -3.58 -5.34 2.78
N LEU A 51 -3.12 -4.14 3.12
CA LEU A 51 -3.27 -3.61 4.47
C LEU A 51 -4.26 -2.45 4.49
N VAL A 52 -5.36 -2.62 5.20
CA VAL A 52 -6.39 -1.59 5.30
C VAL A 52 -6.98 -1.54 6.71
N CYS A 53 -7.36 -0.34 7.14
CA CYS A 53 -7.94 -0.16 8.47
C CYS A 53 -9.31 -0.83 8.56
N ARG A 54 -9.90 -0.80 9.75
CA ARG A 54 -11.21 -1.40 9.97
C ARG A 54 -12.32 -0.47 9.51
N ASP A 55 -11.95 0.56 8.75
CA ASP A 55 -12.93 1.53 8.25
C ASP A 55 -13.02 1.45 6.73
N CYS A 56 -11.92 1.06 6.09
CA CYS A 56 -11.88 0.94 4.64
C CYS A 56 -12.18 -0.48 4.19
N ARG A 57 -12.77 -1.26 5.09
CA ARG A 57 -13.11 -2.66 4.79
C ARG A 57 -14.59 -2.92 5.03
N ILE A 58 -15.11 -3.98 4.44
CA ILE A 58 -16.51 -4.34 4.57
C ILE A 58 -16.66 -5.82 4.94
N GLN A 59 -16.88 -6.09 6.22
CA GLN A 59 -17.05 -7.46 6.69
C GLN A 59 -18.21 -8.14 5.99
N GLU A 60 -18.06 -9.44 5.74
CA GLU A 60 -19.11 -10.21 5.06
C GLU A 60 -19.72 -11.23 6.01
N SER A 61 -20.60 -12.07 5.47
CA SER A 61 -21.27 -13.10 6.26
C SER A 61 -20.53 -14.44 6.15
N ASN A 62 -19.59 -14.51 5.21
CA ASN A 62 -18.82 -15.73 5.00
C ASN A 62 -17.55 -15.72 5.85
N GLY A 63 -17.65 -15.16 7.05
CA GLY A 63 -16.51 -15.10 7.94
C GLY A 63 -15.30 -14.47 7.29
N THR A 64 -15.54 -13.53 6.37
CA THR A 64 -14.46 -12.86 5.67
C THR A 64 -14.76 -11.37 5.51
N TRP A 65 -13.87 -10.67 4.83
CA TRP A 65 -14.03 -9.23 4.60
C TRP A 65 -13.07 -8.74 3.53
N ARG A 66 -13.47 -7.67 2.83
CA ARG A 66 -12.65 -7.10 1.78
C ARG A 66 -12.65 -5.58 1.85
N CYS A 67 -11.67 -4.96 1.20
CA CYS A 67 -11.56 -3.51 1.20
C CYS A 67 -12.66 -2.87 0.36
N LYS A 68 -12.97 -1.62 0.64
CA LYS A 68 -14.00 -0.90 -0.10
C LYS A 68 -13.87 -1.13 -1.60
N VAL A 69 -12.65 -1.03 -2.10
CA VAL A 69 -12.39 -1.24 -3.53
C VAL A 69 -12.77 -2.65 -3.95
N CYS A 70 -12.53 -3.61 -3.07
CA CYS A 70 -12.85 -5.01 -3.37
C CYS A 70 -14.35 -5.26 -3.23
N SER A 71 -14.86 -5.11 -2.01
CA SER A 71 -16.28 -5.33 -1.74
C SER A 71 -17.14 -4.37 -2.57
N GLY A 72 -16.72 -3.11 -2.62
CA GLY A 72 -17.46 -2.11 -3.36
C GLY A 72 -17.32 -2.29 -4.86
N PRO A 73 -17.39 -1.17 -5.60
CA PRO A 73 -17.28 -1.19 -7.07
C PRO A 73 -15.87 -1.53 -7.53
N SER A 74 -15.65 -2.81 -7.84
CA SER A 74 -14.35 -3.27 -8.31
C SER A 74 -13.90 -2.48 -9.53
N SER A 75 -14.73 -2.50 -10.58
CA SER A 75 -14.42 -1.81 -11.81
C SER A 75 -15.66 -1.13 -12.38
N GLY A 76 -15.47 -0.01 -13.07
CA GLY A 76 -16.58 0.72 -13.65
C GLY A 76 -17.64 1.06 -12.63
N GLY A 1 47.60 4.51 -31.79
CA GLY A 1 46.64 3.56 -31.26
C GLY A 1 46.58 3.60 -29.73
N SER A 2 45.38 3.60 -29.19
CA SER A 2 45.18 3.64 -27.74
C SER A 2 43.74 3.33 -27.37
N SER A 3 43.54 2.78 -26.18
CA SER A 3 42.21 2.43 -25.70
C SER A 3 42.24 2.04 -24.24
N GLY A 4 41.06 1.84 -23.66
CA GLY A 4 40.97 1.45 -22.26
C GLY A 4 39.54 1.18 -21.82
N SER A 5 39.38 0.80 -20.56
CA SER A 5 38.06 0.51 -20.02
C SER A 5 38.13 0.23 -18.52
N SER A 6 37.03 0.49 -17.82
CA SER A 6 36.98 0.28 -16.38
C SER A 6 35.53 0.13 -15.91
N GLY A 7 35.36 -0.16 -14.62
CA GLY A 7 34.03 -0.33 -14.07
C GLY A 7 33.92 -1.56 -13.19
N LEU A 8 33.79 -1.34 -11.88
CA LEU A 8 33.68 -2.44 -10.93
C LEU A 8 32.41 -2.30 -10.10
N LEU A 9 31.59 -3.35 -10.10
CA LEU A 9 30.35 -3.35 -9.33
C LEU A 9 30.64 -3.51 -7.84
N GLU A 10 29.56 -3.58 -7.05
CA GLU A 10 29.69 -3.73 -5.60
C GLU A 10 28.66 -4.72 -5.07
N ILE A 11 28.94 -5.29 -3.90
CA ILE A 11 28.04 -6.25 -3.28
C ILE A 11 27.19 -5.57 -2.20
N LYS A 12 25.91 -5.95 -2.14
CA LYS A 12 24.99 -5.39 -1.15
C LYS A 12 23.97 -6.44 -0.71
N ARG A 13 23.47 -6.28 0.51
CA ARG A 13 22.49 -7.21 1.05
C ARG A 13 21.86 -6.64 2.34
N LYS A 14 20.54 -6.70 2.41
CA LYS A 14 19.82 -6.20 3.58
C LYS A 14 20.53 -6.57 4.87
N GLY A 15 20.46 -7.84 5.24
CA GLY A 15 21.11 -8.31 6.45
C GLY A 15 20.22 -8.22 7.67
N ALA A 16 18.96 -8.61 7.49
CA ALA A 16 17.98 -8.58 8.59
C ALA A 16 18.19 -9.75 9.53
N LYS A 17 17.94 -9.52 10.82
CA LYS A 17 18.08 -10.57 11.83
C LYS A 17 16.81 -11.39 11.96
N ARG A 18 16.96 -12.67 12.26
CA ARG A 18 15.82 -13.56 12.42
C ARG A 18 14.80 -13.34 11.31
N GLY A 19 15.29 -12.91 10.14
CA GLY A 19 14.41 -12.67 9.02
C GLY A 19 13.44 -11.53 9.26
N SER A 20 13.30 -10.64 8.28
CA SER A 20 12.40 -9.51 8.41
C SER A 20 12.23 -8.80 7.07
N GLN A 21 11.00 -8.76 6.57
CA GLN A 21 10.71 -8.12 5.30
C GLN A 21 9.50 -7.21 5.41
N HIS A 22 9.41 -6.22 4.54
CA HIS A 22 8.30 -5.29 4.53
C HIS A 22 7.99 -4.80 5.95
N TYR A 23 9.05 -4.55 6.71
CA TYR A 23 8.89 -4.09 8.10
C TYR A 23 9.25 -2.61 8.22
N SER A 24 8.75 -1.81 7.27
CA SER A 24 9.03 -0.37 7.27
C SER A 24 7.97 0.37 8.06
N ASP A 25 6.71 0.17 7.71
CA ASP A 25 5.60 0.83 8.39
C ASP A 25 4.28 0.17 8.04
N ARG A 26 3.21 0.61 8.70
CA ARG A 26 1.88 0.05 8.46
C ARG A 26 0.86 1.17 8.19
N THR A 27 0.56 1.38 6.91
CA THR A 27 -0.39 2.41 6.52
C THR A 27 -1.48 1.85 5.61
N CYS A 28 -2.71 2.27 5.83
CA CYS A 28 -3.84 1.81 5.04
C CYS A 28 -3.51 1.86 3.55
N ALA A 29 -4.23 1.05 2.78
CA ALA A 29 -4.02 1.00 1.33
C ALA A 29 -5.09 1.78 0.59
N ARG A 30 -6.02 2.37 1.34
CA ARG A 30 -7.11 3.14 0.76
C ARG A 30 -7.11 4.57 1.30
N CYS A 31 -6.71 4.72 2.55
CA CYS A 31 -6.66 6.03 3.19
C CYS A 31 -5.25 6.37 3.65
N GLN A 32 -4.36 5.39 3.56
CA GLN A 32 -2.97 5.57 3.97
C GLN A 32 -2.89 6.20 5.36
N GLU A 33 -3.74 5.72 6.27
CA GLU A 33 -3.76 6.25 7.63
C GLU A 33 -2.75 5.51 8.51
N SER A 34 -2.61 5.96 9.75
CA SER A 34 -1.69 5.35 10.70
C SER A 34 -2.35 4.20 11.44
N LEU A 35 -2.03 2.98 11.02
CA LEU A 35 -2.60 1.79 11.65
C LEU A 35 -1.74 1.34 12.83
N GLY A 36 -1.04 2.28 13.45
CA GLY A 36 -0.19 1.97 14.58
C GLY A 36 -0.94 1.20 15.66
N ARG A 37 -2.02 1.77 16.16
CA ARG A 37 -2.81 1.13 17.20
C ARG A 37 -3.49 -0.14 16.67
N LEU A 38 -4.11 -0.02 15.49
CA LEU A 38 -4.79 -1.15 14.87
C LEU A 38 -3.80 -2.27 14.54
N SER A 39 -4.32 -3.48 14.35
CA SER A 39 -3.49 -4.63 14.03
C SER A 39 -3.44 -4.86 12.53
N PRO A 40 -2.28 -4.59 11.91
CA PRO A 40 -2.08 -4.76 10.48
C PRO A 40 -2.06 -6.23 10.07
N LYS A 41 -1.72 -7.09 11.02
CA LYS A 41 -1.66 -8.53 10.75
C LYS A 41 -3.04 -9.07 10.38
N THR A 42 -4.03 -8.77 11.21
CA THR A 42 -5.39 -9.22 10.96
C THR A 42 -6.14 -8.26 10.05
N ASN A 43 -5.64 -7.03 9.95
CA ASN A 43 -6.25 -6.01 9.10
C ASN A 43 -5.82 -6.17 7.65
N THR A 44 -5.65 -7.42 7.22
CA THR A 44 -5.24 -7.71 5.85
C THR A 44 -6.41 -8.15 5.00
N CYS A 45 -6.66 -7.42 3.91
CA CYS A 45 -7.76 -7.75 3.01
C CYS A 45 -7.52 -9.06 2.30
N ARG A 46 -8.33 -10.07 2.60
CA ARG A 46 -8.20 -11.38 1.99
C ARG A 46 -8.31 -11.28 0.47
N GLY A 47 -8.94 -10.21 -0.01
CA GLY A 47 -9.11 -10.02 -1.44
C GLY A 47 -7.79 -9.79 -2.15
N CYS A 48 -7.12 -8.69 -1.81
CA CYS A 48 -5.84 -8.35 -2.42
C CYS A 48 -4.71 -8.45 -1.41
N ASN A 49 -4.96 -9.18 -0.33
CA ASN A 49 -3.96 -9.37 0.71
C ASN A 49 -3.22 -8.06 1.01
N HIS A 50 -3.96 -6.96 1.00
CA HIS A 50 -3.38 -5.65 1.26
C HIS A 50 -3.61 -5.22 2.71
N LEU A 51 -3.18 -4.02 3.05
CA LEU A 51 -3.34 -3.49 4.40
C LEU A 51 -4.35 -2.36 4.43
N VAL A 52 -5.44 -2.56 5.15
CA VAL A 52 -6.49 -1.56 5.26
C VAL A 52 -7.06 -1.52 6.68
N CYS A 53 -7.58 -0.36 7.07
CA CYS A 53 -8.17 -0.20 8.40
C CYS A 53 -9.56 -0.83 8.46
N ARG A 54 -10.14 -0.83 9.65
CA ARG A 54 -11.47 -1.41 9.85
C ARG A 54 -12.54 -0.48 9.29
N ASP A 55 -12.12 0.60 8.67
CA ASP A 55 -13.05 1.57 8.10
C ASP A 55 -13.05 1.48 6.57
N CYS A 56 -12.01 0.86 6.02
CA CYS A 56 -11.89 0.71 4.57
C CYS A 56 -12.13 -0.74 4.16
N ARG A 57 -12.90 -1.47 4.97
CA ARG A 57 -13.19 -2.87 4.69
C ARG A 57 -14.69 -3.14 4.83
N ILE A 58 -15.12 -4.33 4.39
CA ILE A 58 -16.52 -4.71 4.48
C ILE A 58 -16.66 -6.15 4.99
N GLN A 59 -17.30 -6.29 6.14
CA GLN A 59 -17.50 -7.61 6.73
C GLN A 59 -18.48 -8.44 5.89
N GLU A 60 -18.04 -9.63 5.49
CA GLU A 60 -18.86 -10.52 4.69
C GLU A 60 -19.63 -11.50 5.56
N SER A 61 -20.93 -11.63 5.30
CA SER A 61 -21.77 -12.54 6.07
C SER A 61 -21.05 -13.86 6.35
N ASN A 62 -20.47 -14.44 5.32
CA ASN A 62 -19.75 -15.70 5.44
C ASN A 62 -18.78 -15.65 6.62
N GLY A 63 -18.06 -14.53 6.75
CA GLY A 63 -17.12 -14.39 7.84
C GLY A 63 -15.90 -13.58 7.43
N THR A 64 -15.48 -13.72 6.18
CA THR A 64 -14.32 -13.00 5.67
C THR A 64 -14.64 -11.52 5.48
N TRP A 65 -13.67 -10.79 4.93
CA TRP A 65 -13.84 -9.36 4.68
C TRP A 65 -12.89 -8.88 3.60
N ARG A 66 -13.22 -7.74 3.00
CA ARG A 66 -12.39 -7.17 1.95
C ARG A 66 -12.42 -5.64 2.00
N CYS A 67 -11.52 -5.00 1.25
CA CYS A 67 -11.45 -3.56 1.21
C CYS A 67 -12.64 -2.96 0.47
N LYS A 68 -12.77 -1.64 0.54
CA LYS A 68 -13.87 -0.95 -0.12
C LYS A 68 -13.81 -1.14 -1.63
N VAL A 69 -12.59 -1.26 -2.15
CA VAL A 69 -12.39 -1.45 -3.59
C VAL A 69 -12.71 -2.88 -4.00
N CYS A 70 -12.52 -3.80 -3.07
CA CYS A 70 -12.79 -5.21 -3.35
C CYS A 70 -14.25 -5.55 -3.09
N SER A 71 -14.69 -5.38 -1.85
CA SER A 71 -16.07 -5.66 -1.46
C SER A 71 -17.02 -4.65 -2.10
N GLY A 72 -16.57 -3.40 -2.21
CA GLY A 72 -17.38 -2.36 -2.79
C GLY A 72 -17.35 -2.37 -4.31
N PRO A 73 -18.21 -1.55 -4.93
CA PRO A 73 -18.28 -1.44 -6.39
C PRO A 73 -17.04 -0.79 -7.00
N SER A 74 -16.39 -1.48 -7.92
CA SER A 74 -15.20 -0.96 -8.56
C SER A 74 -15.40 -0.83 -10.07
N SER A 75 -15.81 0.36 -10.50
CA SER A 75 -16.05 0.62 -11.92
C SER A 75 -15.22 1.80 -12.41
N GLY A 76 -14.00 1.51 -12.85
CA GLY A 76 -13.12 2.55 -13.34
C GLY A 76 -12.84 3.61 -12.29
N GLY A 1 34.17 31.53 -39.03
CA GLY A 1 34.13 30.25 -38.33
C GLY A 1 33.01 30.20 -37.31
N SER A 2 32.67 28.99 -36.87
CA SER A 2 31.62 28.80 -35.89
C SER A 2 31.52 27.33 -35.47
N SER A 3 31.17 27.10 -34.21
CA SER A 3 31.05 25.74 -33.68
C SER A 3 30.49 25.77 -32.26
N GLY A 4 30.20 24.58 -31.74
CA GLY A 4 29.66 24.48 -30.39
C GLY A 4 28.99 23.15 -30.14
N SER A 5 28.89 22.78 -28.86
CA SER A 5 28.26 21.51 -28.49
C SER A 5 27.91 21.49 -27.00
N SER A 6 26.68 21.11 -26.70
CA SER A 6 26.22 21.05 -25.32
C SER A 6 24.87 20.33 -25.22
N GLY A 7 24.78 19.38 -24.30
CA GLY A 7 23.56 18.62 -24.13
C GLY A 7 23.70 17.49 -23.14
N LEU A 8 23.72 17.82 -21.85
CA LEU A 8 23.87 16.81 -20.80
C LEU A 8 22.78 16.98 -19.75
N LEU A 9 22.06 15.89 -19.47
CA LEU A 9 20.99 15.91 -18.48
C LEU A 9 20.89 14.57 -17.75
N GLU A 10 20.96 14.61 -16.43
CA GLU A 10 20.87 13.41 -15.62
C GLU A 10 20.41 13.73 -14.19
N ILE A 11 19.17 13.36 -13.88
CA ILE A 11 18.61 13.61 -12.57
C ILE A 11 18.28 12.30 -11.85
N LYS A 12 18.30 12.34 -10.53
CA LYS A 12 18.02 11.15 -9.71
C LYS A 12 17.88 11.52 -8.25
N ARG A 13 16.83 11.03 -7.61
CA ARG A 13 16.58 11.30 -6.20
C ARG A 13 15.40 10.49 -5.68
N LYS A 14 15.53 9.99 -4.46
CA LYS A 14 14.46 9.20 -3.85
C LYS A 14 13.67 10.04 -2.84
N GLY A 15 12.57 10.61 -3.29
CA GLY A 15 11.74 11.42 -2.43
C GLY A 15 10.32 11.57 -2.93
N ALA A 16 9.49 10.56 -2.67
CA ALA A 16 8.10 10.58 -3.11
C ALA A 16 7.36 11.79 -2.55
N LYS A 17 7.31 11.88 -1.22
CA LYS A 17 6.64 12.99 -0.56
C LYS A 17 7.33 13.35 0.75
N ARG A 18 7.38 14.64 1.05
CA ARG A 18 8.01 15.11 2.28
C ARG A 18 6.99 15.27 3.40
N GLY A 19 6.83 14.23 4.21
CA GLY A 19 5.88 14.28 5.31
C GLY A 19 6.18 13.24 6.37
N SER A 20 6.07 11.96 5.99
CA SER A 20 6.32 10.87 6.93
C SER A 20 7.75 10.35 6.78
N GLN A 21 8.53 10.44 7.85
CA GLN A 21 9.91 9.97 7.83
C GLN A 21 9.98 8.48 7.56
N HIS A 22 9.41 7.69 8.46
CA HIS A 22 9.41 6.24 8.31
C HIS A 22 9.05 5.84 6.88
N TYR A 23 9.80 4.89 6.34
CA TYR A 23 9.57 4.41 4.98
C TYR A 23 8.52 3.31 4.95
N SER A 24 8.81 2.22 5.68
CA SER A 24 7.89 1.09 5.74
C SER A 24 7.11 1.09 7.05
N ASP A 25 5.79 0.92 6.95
CA ASP A 25 4.93 0.90 8.12
C ASP A 25 3.54 0.38 7.77
N ARG A 26 2.68 0.30 8.78
CA ARG A 26 1.32 -0.19 8.57
C ARG A 26 0.37 0.96 8.24
N THR A 27 0.25 1.27 6.96
CA THR A 27 -0.62 2.35 6.50
C THR A 27 -1.71 1.82 5.57
N CYS A 28 -2.95 2.25 5.82
CA CYS A 28 -4.07 1.82 5.00
C CYS A 28 -3.75 1.97 3.52
N ALA A 29 -4.22 1.01 2.71
CA ALA A 29 -3.99 1.04 1.27
C ALA A 29 -5.12 1.76 0.55
N ARG A 30 -5.96 2.45 1.31
CA ARG A 30 -7.08 3.19 0.73
C ARG A 30 -7.09 4.64 1.22
N CYS A 31 -6.80 4.82 2.50
CA CYS A 31 -6.78 6.15 3.09
C CYS A 31 -5.38 6.52 3.58
N GLN A 32 -4.52 5.51 3.67
CA GLN A 32 -3.14 5.72 4.11
C GLN A 32 -3.11 6.31 5.52
N GLU A 33 -3.87 5.71 6.42
CA GLU A 33 -3.94 6.18 7.81
C GLU A 33 -2.88 5.47 8.67
N SER A 34 -2.82 5.85 9.94
CA SER A 34 -1.86 5.27 10.86
C SER A 34 -2.46 4.06 11.58
N LEU A 35 -2.12 2.87 11.10
CA LEU A 35 -2.63 1.64 11.69
C LEU A 35 -1.81 1.25 12.93
N GLY A 36 -1.34 2.26 13.66
CA GLY A 36 -0.55 2.00 14.84
C GLY A 36 -1.16 0.94 15.74
N ARG A 37 -1.95 1.39 16.71
CA ARG A 37 -2.60 0.47 17.65
C ARG A 37 -3.26 -0.69 16.90
N LEU A 38 -3.85 -0.38 15.75
CA LEU A 38 -4.53 -1.39 14.94
C LEU A 38 -3.55 -2.47 14.52
N SER A 39 -4.06 -3.70 14.36
CA SER A 39 -3.23 -4.83 13.96
C SER A 39 -3.35 -5.09 12.47
N PRO A 40 -2.20 -5.11 11.77
CA PRO A 40 -2.16 -5.35 10.32
C PRO A 40 -2.52 -6.78 9.96
N LYS A 41 -1.85 -7.74 10.63
CA LYS A 41 -2.11 -9.16 10.38
C LYS A 41 -3.59 -9.41 10.09
N THR A 42 -4.44 -9.04 11.05
CA THR A 42 -5.87 -9.22 10.91
C THR A 42 -6.47 -8.20 9.96
N ASN A 43 -5.87 -7.01 9.92
CA ASN A 43 -6.34 -5.94 9.05
C ASN A 43 -5.81 -6.13 7.62
N THR A 44 -5.75 -7.38 7.18
CA THR A 44 -5.27 -7.69 5.84
C THR A 44 -6.38 -8.23 4.96
N CYS A 45 -6.80 -7.42 3.99
CA CYS A 45 -7.87 -7.82 3.07
C CYS A 45 -7.51 -9.11 2.34
N ARG A 46 -8.21 -10.18 2.67
CA ARG A 46 -7.97 -11.48 2.05
C ARG A 46 -8.21 -11.42 0.54
N GLY A 47 -8.91 -10.38 0.11
CA GLY A 47 -9.19 -10.22 -1.31
C GLY A 47 -7.94 -9.93 -2.12
N CYS A 48 -7.30 -8.79 -1.83
CA CYS A 48 -6.09 -8.40 -2.54
C CYS A 48 -4.86 -8.58 -1.66
N ASN A 49 -5.08 -9.08 -0.45
CA ASN A 49 -3.98 -9.29 0.49
C ASN A 49 -3.23 -8.00 0.76
N HIS A 50 -3.98 -6.91 0.92
CA HIS A 50 -3.38 -5.60 1.19
C HIS A 50 -3.58 -5.21 2.65
N LEU A 51 -3.13 -4.00 2.99
CA LEU A 51 -3.26 -3.50 4.35
C LEU A 51 -4.20 -2.31 4.40
N VAL A 52 -5.29 -2.45 5.16
CA VAL A 52 -6.27 -1.38 5.30
C VAL A 52 -6.74 -1.24 6.74
N CYS A 53 -7.52 -0.20 7.01
CA CYS A 53 -8.04 0.05 8.35
C CYS A 53 -9.42 -0.57 8.52
N ARG A 54 -9.99 -0.41 9.71
CA ARG A 54 -11.31 -0.95 10.00
C ARG A 54 -12.41 0.00 9.52
N ASP A 55 -12.09 0.77 8.48
CA ASP A 55 -13.05 1.72 7.93
C ASP A 55 -13.17 1.54 6.41
N CYS A 56 -12.09 1.06 5.79
CA CYS A 56 -12.08 0.85 4.35
C CYS A 56 -12.32 -0.62 4.02
N ARG A 57 -12.92 -1.34 4.96
CA ARG A 57 -13.21 -2.76 4.77
C ARG A 57 -14.72 -3.01 4.82
N ILE A 58 -15.12 -4.22 4.40
CA ILE A 58 -16.52 -4.58 4.40
C ILE A 58 -16.74 -5.97 5.01
N GLN A 59 -17.57 -6.03 6.05
CA GLN A 59 -17.85 -7.29 6.72
C GLN A 59 -18.72 -8.19 5.85
N GLU A 60 -18.25 -9.40 5.59
CA GLU A 60 -18.98 -10.35 4.77
C GLU A 60 -19.78 -11.33 5.64
N SER A 61 -20.81 -11.91 5.06
CA SER A 61 -21.66 -12.85 5.78
C SER A 61 -20.82 -13.82 6.61
N ASN A 62 -19.74 -14.32 6.01
CA ASN A 62 -18.85 -15.25 6.70
C ASN A 62 -17.79 -14.50 7.49
N GLY A 63 -16.85 -15.24 8.07
CA GLY A 63 -15.78 -14.64 8.85
C GLY A 63 -14.70 -14.04 7.98
N THR A 64 -15.11 -13.33 6.93
CA THR A 64 -14.16 -12.71 6.02
C THR A 64 -14.55 -11.27 5.70
N TRP A 65 -13.63 -10.53 5.11
CA TRP A 65 -13.88 -9.13 4.76
C TRP A 65 -12.96 -8.68 3.64
N ARG A 66 -13.33 -7.60 2.97
CA ARG A 66 -12.53 -7.05 1.87
C ARG A 66 -12.57 -5.53 1.88
N CYS A 67 -11.61 -4.92 1.17
CA CYS A 67 -11.53 -3.47 1.09
C CYS A 67 -12.66 -2.91 0.23
N LYS A 68 -12.87 -1.60 0.33
CA LYS A 68 -13.91 -0.93 -0.44
C LYS A 68 -13.73 -1.18 -1.94
N VAL A 69 -12.47 -1.16 -2.38
CA VAL A 69 -12.16 -1.39 -3.79
C VAL A 69 -12.52 -2.81 -4.22
N CYS A 70 -12.33 -3.76 -3.30
CA CYS A 70 -12.64 -5.16 -3.58
C CYS A 70 -14.14 -5.42 -3.43
N SER A 71 -14.64 -5.26 -2.22
CA SER A 71 -16.06 -5.49 -1.95
C SER A 71 -16.94 -4.58 -2.81
N GLY A 72 -16.52 -3.32 -2.94
CA GLY A 72 -17.28 -2.37 -3.73
C GLY A 72 -17.10 -2.60 -5.22
N PRO A 73 -17.17 -1.51 -6.00
CA PRO A 73 -17.03 -1.57 -7.46
C PRO A 73 -15.61 -1.91 -7.88
N SER A 74 -15.43 -3.11 -8.45
CA SER A 74 -14.12 -3.55 -8.91
C SER A 74 -13.65 -2.74 -10.11
N SER A 75 -12.48 -2.12 -9.97
CA SER A 75 -11.92 -1.30 -11.03
C SER A 75 -11.07 -2.15 -11.98
N GLY A 76 -10.07 -2.82 -11.42
CA GLY A 76 -9.20 -3.66 -12.22
C GLY A 76 -8.67 -4.86 -11.46
N GLY A 1 33.06 8.86 -43.86
CA GLY A 1 31.91 8.45 -43.07
C GLY A 1 32.20 8.43 -41.59
N SER A 2 31.17 8.67 -40.78
CA SER A 2 31.32 8.68 -39.33
C SER A 2 29.95 8.62 -38.65
N SER A 3 29.96 8.24 -37.37
CA SER A 3 28.73 8.14 -36.60
C SER A 3 29.03 7.86 -35.13
N GLY A 4 27.98 7.85 -34.32
CA GLY A 4 28.15 7.59 -32.89
C GLY A 4 27.19 8.40 -32.04
N SER A 5 26.53 7.73 -31.09
CA SER A 5 25.58 8.39 -30.22
C SER A 5 25.31 7.54 -28.97
N SER A 6 25.12 8.21 -27.84
CA SER A 6 24.85 7.52 -26.58
C SER A 6 24.25 8.47 -25.55
N GLY A 7 23.82 7.92 -24.42
CA GLY A 7 23.23 8.73 -23.38
C GLY A 7 22.40 7.92 -22.41
N LEU A 8 23.07 7.25 -21.48
CA LEU A 8 22.38 6.43 -20.48
C LEU A 8 22.58 6.99 -19.08
N LEU A 9 21.77 7.99 -18.73
CA LEU A 9 21.86 8.61 -17.41
C LEU A 9 20.52 8.55 -16.70
N GLU A 10 20.41 7.63 -15.74
CA GLU A 10 19.18 7.47 -14.97
C GLU A 10 19.48 7.28 -13.49
N ILE A 11 19.15 8.30 -12.70
CA ILE A 11 19.39 8.25 -11.26
C ILE A 11 18.11 7.95 -10.50
N LYS A 12 18.23 7.16 -9.43
CA LYS A 12 17.08 6.80 -8.61
C LYS A 12 17.51 6.43 -7.20
N ARG A 13 16.77 6.94 -6.22
CA ARG A 13 17.07 6.68 -4.81
C ARG A 13 16.01 7.29 -3.91
N LYS A 14 15.66 6.56 -2.85
CA LYS A 14 14.65 7.03 -1.90
C LYS A 14 15.32 7.69 -0.70
N GLY A 15 15.07 8.99 -0.54
CA GLY A 15 15.65 9.73 0.58
C GLY A 15 15.45 11.22 0.46
N ALA A 16 14.18 11.64 0.39
CA ALA A 16 13.86 13.06 0.27
C ALA A 16 13.83 13.73 1.64
N LYS A 17 13.20 13.07 2.61
CA LYS A 17 13.10 13.60 3.96
C LYS A 17 13.82 12.69 4.95
N ARG A 18 13.37 11.43 5.03
CA ARG A 18 13.97 10.47 5.95
C ARG A 18 14.13 9.11 5.27
N GLY A 19 15.31 8.53 5.42
CA GLY A 19 15.57 7.23 4.81
C GLY A 19 16.62 6.43 5.57
N SER A 20 16.20 5.77 6.63
CA SER A 20 17.11 4.97 7.45
C SER A 20 17.16 3.53 6.96
N GLN A 21 18.05 2.74 7.55
CA GLN A 21 18.20 1.34 7.17
C GLN A 21 16.89 0.58 7.38
N HIS A 22 16.28 0.79 8.54
CA HIS A 22 15.02 0.12 8.87
C HIS A 22 13.86 0.74 8.09
N TYR A 23 13.25 -0.05 7.21
CA TYR A 23 12.14 0.42 6.41
C TYR A 23 10.89 -0.42 6.66
N SER A 24 10.21 -0.15 7.78
CA SER A 24 9.00 -0.88 8.14
C SER A 24 7.90 0.07 8.60
N ASP A 25 6.78 0.05 7.89
CA ASP A 25 5.65 0.91 8.22
C ASP A 25 4.33 0.19 7.98
N ARG A 26 3.30 0.59 8.72
CA ARG A 26 1.98 -0.01 8.59
C ARG A 26 0.92 1.04 8.35
N THR A 27 0.54 1.23 7.09
CA THR A 27 -0.46 2.21 6.73
C THR A 27 -1.54 1.60 5.83
N CYS A 28 -2.74 2.16 5.88
CA CYS A 28 -3.85 1.66 5.08
C CYS A 28 -3.50 1.69 3.60
N ALA A 29 -4.30 0.99 2.79
CA ALA A 29 -4.08 0.93 1.36
C ALA A 29 -5.12 1.76 0.60
N ARG A 30 -6.13 2.21 1.32
CA ARG A 30 -7.19 3.02 0.72
C ARG A 30 -7.14 4.45 1.22
N CYS A 31 -6.80 4.62 2.49
CA CYS A 31 -6.70 5.94 3.10
C CYS A 31 -5.28 6.24 3.56
N GLN A 32 -4.44 5.21 3.52
CA GLN A 32 -3.05 5.36 3.94
C GLN A 32 -2.95 6.01 5.33
N GLU A 33 -3.91 5.67 6.19
CA GLU A 33 -3.94 6.21 7.55
C GLU A 33 -2.91 5.52 8.43
N SER A 34 -2.63 6.13 9.58
CA SER A 34 -1.67 5.58 10.53
C SER A 34 -2.27 4.42 11.31
N LEU A 35 -1.91 3.21 10.94
CA LEU A 35 -2.42 2.01 11.61
C LEU A 35 -1.65 1.74 12.89
N GLY A 36 -1.27 2.81 13.59
CA GLY A 36 -0.52 2.66 14.83
C GLY A 36 -1.22 1.75 15.82
N ARG A 37 -2.37 2.20 16.33
CA ARG A 37 -3.13 1.42 17.29
C ARG A 37 -3.56 0.08 16.69
N LEU A 38 -4.08 0.13 15.48
CA LEU A 38 -4.54 -1.08 14.78
C LEU A 38 -3.38 -2.06 14.61
N SER A 39 -3.68 -3.20 13.97
CA SER A 39 -2.67 -4.22 13.74
C SER A 39 -2.85 -4.85 12.37
N PRO A 40 -1.76 -4.88 11.59
CA PRO A 40 -1.76 -5.45 10.24
C PRO A 40 -1.90 -6.97 10.25
N LYS A 41 -1.85 -7.55 11.45
CA LYS A 41 -1.98 -8.99 11.60
C LYS A 41 -3.22 -9.52 10.88
N THR A 42 -4.39 -9.17 11.40
CA THR A 42 -5.65 -9.60 10.80
C THR A 42 -6.24 -8.51 9.93
N ASN A 43 -5.65 -7.32 9.98
CA ASN A 43 -6.12 -6.19 9.19
C ASN A 43 -5.64 -6.30 7.75
N THR A 44 -5.73 -7.50 7.19
CA THR A 44 -5.29 -7.74 5.81
C THR A 44 -6.46 -8.21 4.95
N CYS A 45 -6.75 -7.45 3.90
CA CYS A 45 -7.85 -7.78 2.99
C CYS A 45 -7.60 -9.14 2.34
N ARG A 46 -8.45 -10.11 2.65
CA ARG A 46 -8.33 -11.45 2.09
C ARG A 46 -8.43 -11.42 0.57
N GLY A 47 -8.96 -10.32 0.04
CA GLY A 47 -9.10 -10.19 -1.40
C GLY A 47 -7.79 -9.87 -2.08
N CYS A 48 -7.25 -8.68 -1.80
CA CYS A 48 -5.99 -8.25 -2.40
C CYS A 48 -4.86 -8.34 -1.39
N ASN A 49 -5.02 -9.21 -0.40
CA ASN A 49 -4.01 -9.40 0.64
C ASN A 49 -3.30 -8.08 0.95
N HIS A 50 -4.08 -6.99 0.99
CA HIS A 50 -3.52 -5.67 1.27
C HIS A 50 -3.79 -5.27 2.72
N LEU A 51 -3.17 -4.18 3.15
CA LEU A 51 -3.35 -3.69 4.51
C LEU A 51 -4.32 -2.53 4.55
N VAL A 52 -5.44 -2.71 5.25
CA VAL A 52 -6.46 -1.68 5.37
C VAL A 52 -6.99 -1.59 6.79
N CYS A 53 -7.50 -0.43 7.16
CA CYS A 53 -8.04 -0.21 8.50
C CYS A 53 -9.42 -0.85 8.63
N ARG A 54 -10.00 -0.76 9.83
CA ARG A 54 -11.32 -1.32 10.08
C ARG A 54 -12.42 -0.41 9.56
N ASP A 55 -12.03 0.56 8.74
CA ASP A 55 -12.99 1.50 8.16
C ASP A 55 -13.06 1.35 6.65
N CYS A 56 -11.95 0.92 6.05
CA CYS A 56 -11.88 0.74 4.61
C CYS A 56 -12.15 -0.72 4.23
N ARG A 57 -12.82 -1.44 5.13
CA ARG A 57 -13.14 -2.85 4.90
C ARG A 57 -14.65 -3.07 4.96
N ILE A 58 -15.09 -4.24 4.49
CA ILE A 58 -16.51 -4.58 4.49
C ILE A 58 -16.72 -6.00 4.99
N GLN A 59 -17.48 -6.13 6.08
CA GLN A 59 -17.77 -7.44 6.66
C GLN A 59 -18.71 -8.24 5.76
N GLU A 60 -18.23 -9.38 5.27
CA GLU A 60 -19.02 -10.23 4.40
C GLU A 60 -19.85 -11.22 5.22
N SER A 61 -20.95 -11.69 4.64
CA SER A 61 -21.82 -12.63 5.32
C SER A 61 -21.02 -13.71 6.02
N ASN A 62 -20.04 -14.27 5.32
CA ASN A 62 -19.19 -15.32 5.87
C ASN A 62 -18.11 -14.72 6.76
N GLY A 63 -17.25 -15.58 7.31
CA GLY A 63 -16.19 -15.12 8.18
C GLY A 63 -15.04 -14.50 7.40
N THR A 64 -15.37 -13.63 6.45
CA THR A 64 -14.37 -12.98 5.64
C THR A 64 -14.72 -11.51 5.40
N TRP A 65 -13.76 -10.74 4.90
CA TRP A 65 -13.97 -9.33 4.62
C TRP A 65 -13.03 -8.84 3.52
N ARG A 66 -13.35 -7.68 2.96
CA ARG A 66 -12.54 -7.10 1.89
C ARG A 66 -12.53 -5.58 1.99
N CYS A 67 -11.63 -4.96 1.22
CA CYS A 67 -11.50 -3.50 1.22
C CYS A 67 -12.65 -2.86 0.46
N LYS A 68 -12.77 -1.54 0.58
CA LYS A 68 -13.82 -0.80 -0.11
C LYS A 68 -13.80 -1.08 -1.61
N VAL A 69 -12.60 -1.00 -2.20
CA VAL A 69 -12.44 -1.26 -3.62
C VAL A 69 -12.88 -2.67 -3.99
N CYS A 70 -12.53 -3.64 -3.15
CA CYS A 70 -12.89 -5.03 -3.39
C CYS A 70 -14.39 -5.23 -3.22
N SER A 71 -14.87 -5.13 -1.98
CA SER A 71 -16.28 -5.31 -1.69
C SER A 71 -17.13 -4.37 -2.53
N GLY A 72 -16.68 -3.12 -2.64
CA GLY A 72 -17.41 -2.13 -3.42
C GLY A 72 -17.92 -2.69 -4.74
N PRO A 73 -18.88 -1.99 -5.36
CA PRO A 73 -19.47 -2.40 -6.63
C PRO A 73 -18.49 -2.27 -7.80
N SER A 74 -17.25 -1.93 -7.48
CA SER A 74 -16.21 -1.77 -8.49
C SER A 74 -15.54 -3.11 -8.79
N SER A 75 -15.15 -3.30 -10.05
CA SER A 75 -14.49 -4.53 -10.47
C SER A 75 -13.05 -4.58 -9.98
N GLY A 76 -12.83 -5.25 -8.85
CA GLY A 76 -11.50 -5.34 -8.29
C GLY A 76 -10.91 -6.73 -8.45
N GLY A 1 18.02 10.10 -53.20
CA GLY A 1 18.19 9.30 -52.01
C GLY A 1 17.73 10.02 -50.76
N SER A 2 17.69 9.30 -49.65
CA SER A 2 17.25 9.88 -48.38
C SER A 2 17.50 8.91 -47.22
N SER A 3 17.33 9.40 -46.00
CA SER A 3 17.55 8.58 -44.81
C SER A 3 17.13 9.34 -43.56
N GLY A 4 17.15 8.64 -42.42
CA GLY A 4 16.78 9.26 -41.16
C GLY A 4 16.96 8.33 -39.98
N SER A 5 16.81 8.85 -38.77
CA SER A 5 16.97 8.07 -37.56
C SER A 5 16.47 8.85 -36.34
N SER A 6 16.41 8.16 -35.21
CA SER A 6 15.94 8.78 -33.96
C SER A 6 16.13 7.83 -32.78
N GLY A 7 15.92 8.35 -31.58
CA GLY A 7 16.08 7.54 -30.38
C GLY A 7 15.29 8.10 -29.21
N LEU A 8 15.41 7.44 -28.06
CA LEU A 8 14.70 7.86 -26.86
C LEU A 8 15.12 7.03 -25.66
N LEU A 9 15.18 7.67 -24.50
CA LEU A 9 15.57 7.00 -23.27
C LEU A 9 15.25 7.84 -22.04
N GLU A 10 15.03 7.20 -20.90
CA GLU A 10 14.71 7.90 -19.66
C GLU A 10 14.98 7.00 -18.46
N ILE A 11 15.44 7.62 -17.37
CA ILE A 11 15.74 6.88 -16.15
C ILE A 11 14.83 7.33 -15.01
N LYS A 12 14.34 6.36 -14.23
CA LYS A 12 13.46 6.66 -13.10
C LYS A 12 13.71 5.69 -11.96
N ARG A 13 13.50 6.16 -10.73
CA ARG A 13 13.70 5.34 -9.54
C ARG A 13 12.92 5.89 -8.35
N LYS A 14 13.04 5.22 -7.22
CA LYS A 14 12.35 5.66 -6.00
C LYS A 14 12.37 7.17 -5.87
N GLY A 15 13.58 7.73 -5.71
CA GLY A 15 13.71 9.17 -5.57
C GLY A 15 13.22 9.67 -4.23
N ALA A 16 14.01 9.44 -3.19
CA ALA A 16 13.64 9.89 -1.85
C ALA A 16 14.47 11.09 -1.41
N LYS A 17 13.80 12.19 -1.10
CA LYS A 17 14.47 13.41 -0.68
C LYS A 17 15.65 13.08 0.22
N ARG A 18 15.40 12.32 1.28
CA ARG A 18 16.44 11.94 2.22
C ARG A 18 16.58 10.42 2.30
N GLY A 19 17.70 9.96 2.83
CA GLY A 19 17.93 8.54 2.96
C GLY A 19 16.78 7.82 3.64
N SER A 20 16.04 7.03 2.87
CA SER A 20 14.90 6.30 3.40
C SER A 20 15.33 4.94 3.95
N GLN A 21 15.35 4.81 5.27
CA GLN A 21 15.75 3.57 5.91
C GLN A 21 14.55 2.87 6.56
N HIS A 22 13.72 3.67 7.23
CA HIS A 22 12.53 3.13 7.90
C HIS A 22 11.41 2.91 6.89
N TYR A 23 11.74 2.34 5.74
CA TYR A 23 10.76 2.08 4.70
C TYR A 23 9.54 1.36 5.27
N SER A 24 9.78 0.25 5.96
CA SER A 24 8.69 -0.53 6.56
C SER A 24 7.69 0.39 7.26
N ASP A 25 6.45 0.35 6.80
CA ASP A 25 5.40 1.17 7.39
C ASP A 25 4.05 0.48 7.28
N ARG A 26 3.21 0.65 8.31
CA ARG A 26 1.90 0.04 8.33
C ARG A 26 0.81 1.08 8.15
N THR A 27 0.41 1.31 6.91
CA THR A 27 -0.63 2.29 6.60
C THR A 27 -1.73 1.67 5.73
N CYS A 28 -2.93 2.23 5.83
CA CYS A 28 -4.06 1.74 5.06
C CYS A 28 -3.76 1.79 3.56
N ALA A 29 -4.37 0.87 2.82
CA ALA A 29 -4.17 0.80 1.38
C ALA A 29 -5.29 1.54 0.63
N ARG A 30 -6.11 2.26 1.38
CA ARG A 30 -7.22 3.01 0.79
C ARG A 30 -7.20 4.46 1.24
N CYS A 31 -6.88 4.67 2.51
CA CYS A 31 -6.82 6.03 3.07
C CYS A 31 -5.40 6.37 3.51
N GLN A 32 -4.54 5.37 3.55
CA GLN A 32 -3.15 5.57 3.96
C GLN A 32 -3.08 6.21 5.34
N GLU A 33 -3.85 5.67 6.28
CA GLU A 33 -3.87 6.19 7.64
C GLU A 33 -2.82 5.50 8.50
N SER A 34 -2.60 6.05 9.70
CA SER A 34 -1.61 5.50 10.63
C SER A 34 -2.21 4.35 11.44
N LEU A 35 -1.97 3.12 10.98
CA LEU A 35 -2.48 1.94 11.66
C LEU A 35 -1.57 1.53 12.82
N GLY A 36 -0.92 2.52 13.42
CA GLY A 36 -0.03 2.25 14.53
C GLY A 36 -0.63 1.28 15.53
N ARG A 37 -1.37 1.80 16.51
CA ARG A 37 -2.00 0.98 17.53
C ARG A 37 -2.67 -0.23 16.91
N LEU A 38 -3.35 -0.01 15.79
CA LEU A 38 -4.05 -1.10 15.09
C LEU A 38 -3.08 -2.21 14.71
N SER A 39 -3.63 -3.37 14.39
CA SER A 39 -2.82 -4.52 14.02
C SER A 39 -2.89 -4.77 12.51
N PRO A 40 -1.74 -4.65 11.84
CA PRO A 40 -1.64 -4.85 10.38
C PRO A 40 -1.85 -6.32 9.99
N LYS A 41 -1.58 -7.22 10.93
CA LYS A 41 -1.73 -8.64 10.68
C LYS A 41 -3.19 -9.00 10.40
N THR A 42 -4.02 -8.84 11.43
CA THR A 42 -5.44 -9.15 11.30
C THR A 42 -6.14 -8.17 10.36
N ASN A 43 -5.51 -7.01 10.16
CA ASN A 43 -6.07 -5.98 9.29
C ASN A 43 -5.59 -6.16 7.85
N THR A 44 -5.70 -7.39 7.34
CA THR A 44 -5.28 -7.69 5.99
C THR A 44 -6.46 -8.13 5.12
N CYS A 45 -6.72 -7.36 4.07
CA CYS A 45 -7.82 -7.66 3.16
C CYS A 45 -7.60 -8.99 2.45
N ARG A 46 -8.44 -9.97 2.77
CA ARG A 46 -8.34 -11.29 2.17
C ARG A 46 -8.46 -11.21 0.65
N GLY A 47 -9.06 -10.13 0.17
CA GLY A 47 -9.23 -9.94 -1.26
C GLY A 47 -7.91 -9.77 -1.99
N CYS A 48 -7.22 -8.67 -1.68
CA CYS A 48 -5.93 -8.38 -2.31
C CYS A 48 -4.79 -8.52 -1.31
N ASN A 49 -5.07 -9.20 -0.20
CA ASN A 49 -4.07 -9.41 0.84
C ASN A 49 -3.30 -8.12 1.12
N HIS A 50 -4.01 -7.00 1.13
CA HIS A 50 -3.40 -5.71 1.39
C HIS A 50 -3.62 -5.27 2.83
N LEU A 51 -3.19 -4.06 3.15
CA LEU A 51 -3.35 -3.52 4.50
C LEU A 51 -4.34 -2.36 4.52
N VAL A 52 -5.36 -2.48 5.35
CA VAL A 52 -6.37 -1.44 5.46
C VAL A 52 -6.86 -1.29 6.91
N CYS A 53 -7.59 -0.21 7.18
CA CYS A 53 -8.11 0.04 8.52
C CYS A 53 -9.48 -0.60 8.69
N ARG A 54 -10.05 -0.45 9.89
CA ARG A 54 -11.36 -1.00 10.18
C ARG A 54 -12.47 -0.06 9.72
N ASP A 55 -12.14 0.82 8.78
CA ASP A 55 -13.11 1.76 8.25
C ASP A 55 -13.24 1.63 6.74
N CYS A 56 -12.23 1.03 6.11
CA CYS A 56 -12.22 0.84 4.68
C CYS A 56 -12.54 -0.61 4.31
N ARG A 57 -12.78 -1.42 5.34
CA ARG A 57 -13.09 -2.83 5.14
C ARG A 57 -14.60 -3.05 5.11
N ILE A 58 -15.02 -4.24 4.68
CA ILE A 58 -16.43 -4.58 4.60
C ILE A 58 -16.70 -5.96 5.17
N GLN A 59 -17.60 -6.04 6.14
CA GLN A 59 -17.94 -7.32 6.77
C GLN A 59 -18.86 -8.14 5.86
N GLU A 60 -18.39 -9.33 5.48
CA GLU A 60 -19.17 -10.20 4.61
C GLU A 60 -19.90 -11.27 5.43
N SER A 61 -20.92 -11.87 4.83
CA SER A 61 -21.71 -12.89 5.50
C SER A 61 -20.91 -14.18 5.65
N ASN A 62 -20.42 -14.70 4.54
CA ASN A 62 -19.63 -15.93 4.54
C ASN A 62 -18.77 -16.01 5.81
N GLY A 63 -18.22 -14.88 6.22
CA GLY A 63 -17.38 -14.85 7.41
C GLY A 63 -16.05 -14.17 7.16
N THR A 64 -15.92 -13.52 6.01
CA THR A 64 -14.68 -12.83 5.65
C THR A 64 -14.92 -11.34 5.48
N TRP A 65 -13.89 -10.63 5.03
CA TRP A 65 -13.99 -9.18 4.81
C TRP A 65 -13.04 -8.74 3.71
N ARG A 66 -13.34 -7.60 3.10
CA ARG A 66 -12.52 -7.07 2.02
C ARG A 66 -12.56 -5.54 2.03
N CYS A 67 -11.61 -4.92 1.32
CA CYS A 67 -11.54 -3.48 1.23
C CYS A 67 -12.64 -2.92 0.33
N LYS A 68 -13.03 -1.67 0.58
CA LYS A 68 -14.07 -1.04 -0.21
C LYS A 68 -13.90 -1.33 -1.69
N VAL A 69 -12.67 -1.23 -2.18
CA VAL A 69 -12.37 -1.48 -3.58
C VAL A 69 -12.67 -2.94 -3.94
N CYS A 70 -12.40 -3.84 -3.00
CA CYS A 70 -12.65 -5.26 -3.23
C CYS A 70 -14.12 -5.60 -3.05
N SER A 71 -14.63 -5.38 -1.85
CA SER A 71 -16.04 -5.66 -1.55
C SER A 71 -16.94 -5.13 -2.66
N GLY A 72 -16.59 -3.97 -3.21
CA GLY A 72 -17.39 -3.39 -4.27
C GLY A 72 -16.81 -3.68 -5.64
N PRO A 73 -17.28 -2.94 -6.66
CA PRO A 73 -16.83 -3.11 -8.04
C PRO A 73 -15.39 -2.65 -8.23
N SER A 74 -14.47 -3.62 -8.25
CA SER A 74 -13.05 -3.32 -8.43
C SER A 74 -12.84 -2.32 -9.57
N SER A 75 -11.67 -1.68 -9.58
CA SER A 75 -11.35 -0.70 -10.61
C SER A 75 -10.13 -1.13 -11.40
N GLY A 76 -10.08 -0.73 -12.67
CA GLY A 76 -8.95 -1.08 -13.51
C GLY A 76 -7.62 -0.98 -12.78
#